data_7K9O
#
_entry.id   7K9O
#
_cell.length_a   102.716
_cell.length_b   102.716
_cell.length_c   239.625
_cell.angle_alpha   90.000
_cell.angle_beta   90.000
_cell.angle_gamma   120.000
#
_symmetry.space_group_name_H-M   'P 32'
#
loop_
_entity.id
_entity.type
_entity.pdbx_description
1 polymer 'Alpha glucosidase 2 alpha neutral subunit'
2 polymer 'Glucosidase 2 subunit beta'
3 non-polymer (1~{S},2~{S},3~{R},4~{S},5~{S})-1-(hydroxymethyl)-5-[6-[[2-[oxidanyl(oxidanylidene)-$l^{4}-azanyl]-4-(1,2,3,4-tetrazol-1-yl)phenyl]amino]hexylamino]cyclohexane-1,2,3,4-tetrol
4 non-polymer 1,2-ETHANEDIOL
5 non-polymer 'TRIETHYLENE GLYCOL'
6 non-polymer DI(HYDROXYETHYL)ETHER
7 non-polymer 'CALCIUM ION'
8 non-polymer 'SULFATE ION'
9 water water
#
loop_
_entity_poly.entity_id
_entity_poly.type
_entity_poly.pdbx_seq_one_letter_code
_entity_poly.pdbx_strand_id
1 'polypeptide(L)'
;MGILPSPGMPALLSLVSLLSVLLMGCVAETGVDRSNFKTCDESSFCKRQRSIRPGLSPYRALLDTLQLGPDALTVHLIHE
VTKVLLVLELQGLQKDMTRIRIDELEPRRPRYRVPDVLVADPPTARLSVSGRDDNSVELTVAEGPYKIILTAQPFRLDLL
EDRSLLLSVNARGLMAFEHQRAPRVPFSDKVSLALGSVWDKIKNLFSRQESKDPAEGNGAQPEATPGDGDKPEETQEKAE
KDEPGAWEETFKTHSDSKPYGPTSVGLDFSLPGMEHVYGIPEHADSLRLKVTEGGEPYRLYNLDVFQYELNNPMALYGSV
PVLLAHSFHRDLGIFWLNAAETWVDISSNTAGKTLFGKMLDYLQGSGETPQTDIRWMSESGIIDVFLMLGPSVFDVFRQY
ASLTGTQALPPLFSLGYHQSRWNYRDEADVLEVDQGFDDHNMPCDVIWLDIEHADGKRYFTWDPTRFPQPLNMLEHLASK
RRKLVAIVDPHIKVDSGYRVHEELRNHGLYVKTRDGSDYEGWCWPGSASYPDFTNPRMRAWWSNMFSFDNYEGSAPNLYV
WNDMNEPSVFNGPEVTMLKDAVHYGGWEHRDIHNIYGLYVHMATADGLIQRSGGIERPFVLSRAFFSGSQRFGAVWTGDN
TAEWDHLKISIPMCLSLALVGLSFCGADVGGFFKNPEPELLVRWYQMGAYQPFFRAHAHLDTGRREPWLLASQYQDAIRD
ALFQRYSLLPFWYTLFYQAHKEGFPVMRPLWVQYPEDMSTFSIEDQFMLGDALLIHPVSDAGAHGVQVYLPGQEEVWYDI
QSYQKHHGPQTLYLPVTLSSIPVFQRGGTIVPRWMRVRRSSDCMKDDPITLFVALSPQGTAQGELFLDDGHTFNYQTRHE
FLLRRFSFSGSTLVSSSADPKGHLETPIWIERVVIMGAGKPAAVVLQTKGSPESRLSFQHDPETSVLILRKPGVSVASDW
SIHLRSAWSHPQFEKLE
;
A,C
2 'polypeptide(L)'
;MGILPSPGMPALLSLVSLLSVLLMGCVAETGVEVKRPRGVSLSNHHFYEESKPFTCLDGTATIPFDQVNDDYCDCKDGSD
EPGTAACPNGSFHCTNTGYKPLYILSSRVNDGVCDCCDGTDEYNSGTVCENTCREKGRKEKESLQQLAEVTREGFRLKKI
LIEEWKTAREEKQSKLLELQAGKKSLEDQVETLRAAKEEAERPEKEAKDQHRKLWEEQQAAAKARREQERAASAFQELDD
NMDGMVSLAELQTHPELDTDGDGALSEEEAQALLSGDTQTDTTSFYDRVWAAIRDKYRSEVPPTDIPVPEETEPKEEKPP
VLPPTEEEEEEEEEPEEEEEEEEEEEEAPPPLQPPQPPSPTEDEKMPPYDEETQAIIDAAQEARSKFEEVERSLKEMEES
IRSLEQEISFDFGPSGEFAYLYSQCYELTTNEYVYRLCPFKLVSQKPKHGGSPTSLGTWGSWAGPDHDKFSAMKYEQGTG
CWQGPNRSTTVRLLCGKETVVTSTTEPSRCEYLMELMTPAACPEPPPEAPSDGDSAWLETKHHHHHH
;
B,D
#
# COMPACT_ATOMS: atom_id res chain seq x y z
N VAL A 32 -16.41 18.54 9.56
CA VAL A 32 -15.31 19.38 10.03
C VAL A 32 -15.46 19.69 11.51
N ASP A 33 -14.32 19.80 12.21
CA ASP A 33 -14.28 20.18 13.63
C ASP A 33 -13.97 21.67 13.71
N ARG A 34 -15.01 22.49 13.89
CA ARG A 34 -14.85 23.94 13.85
C ARG A 34 -14.09 24.48 15.06
N SER A 35 -14.12 23.78 16.19
CA SER A 35 -13.46 24.31 17.38
C SER A 35 -11.95 24.43 17.20
N ASN A 36 -11.38 23.73 16.21
CA ASN A 36 -9.97 23.86 15.90
C ASN A 36 -9.61 25.19 15.25
N PHE A 37 -10.59 25.91 14.72
CA PHE A 37 -10.34 27.09 13.91
C PHE A 37 -11.05 28.30 14.50
N LYS A 38 -10.34 29.42 14.55
CA LYS A 38 -10.86 30.63 15.19
C LYS A 38 -12.03 31.22 14.39
N THR A 39 -13.08 31.60 15.11
CA THR A 39 -14.01 32.56 14.56
C THR A 39 -13.41 33.95 14.70
N CYS A 40 -14.08 34.94 14.09
CA CYS A 40 -13.60 36.31 14.18
C CYS A 40 -13.52 36.77 15.65
N ASP A 41 -14.46 36.32 16.48
CA ASP A 41 -14.44 36.67 17.89
C ASP A 41 -13.23 36.08 18.59
N GLU A 42 -12.81 34.88 18.21
CA GLU A 42 -11.65 34.26 18.83
C GLU A 42 -10.33 34.77 18.29
N SER A 43 -10.36 35.55 17.21
CA SER A 43 -9.19 36.25 16.71
C SER A 43 -9.22 37.67 17.28
N SER A 44 -8.20 38.01 18.07
CA SER A 44 -8.26 39.25 18.84
C SER A 44 -8.26 40.48 17.94
N PHE A 45 -7.51 40.45 16.83
CA PHE A 45 -7.50 41.61 15.95
C PHE A 45 -8.80 41.70 15.15
N CYS A 46 -9.38 40.56 14.76
CA CYS A 46 -10.67 40.61 14.10
C CYS A 46 -11.75 41.12 15.05
N LYS A 47 -11.69 40.70 16.33
CA LYS A 47 -12.69 41.18 17.29
C LYS A 47 -12.54 42.68 17.54
N ARG A 48 -11.31 43.16 17.72
CA ARG A 48 -11.09 44.59 17.89
C ARG A 48 -11.58 45.36 16.67
N GLN A 49 -11.12 44.99 15.48
CA GLN A 49 -11.51 45.70 14.26
C GLN A 49 -13.01 45.66 14.05
N ARG A 50 -13.63 44.47 14.16
CA ARG A 50 -15.05 44.37 13.85
C ARG A 50 -15.94 45.03 14.89
N SER A 51 -15.42 45.35 16.07
CA SER A 51 -16.21 46.06 17.06
C SER A 51 -16.33 47.54 16.72
N ILE A 52 -15.49 48.04 15.82
CA ILE A 52 -15.64 49.38 15.27
C ILE A 52 -16.74 49.30 14.22
N ARG A 53 -17.85 49.98 14.49
CA ARG A 53 -19.02 49.99 13.63
C ARG A 53 -19.11 51.32 12.88
N PRO A 54 -19.87 51.41 11.79
CA PRO A 54 -19.85 52.62 10.95
C PRO A 54 -20.17 53.88 11.75
N GLY A 55 -19.35 54.91 11.57
CA GLY A 55 -19.57 56.15 12.26
C GLY A 55 -18.59 57.22 11.82
N LEU A 56 -18.39 58.21 12.69
CA LEU A 56 -17.54 59.34 12.36
C LEU A 56 -16.08 58.96 12.54
N SER A 57 -15.32 58.98 11.46
CA SER A 57 -13.93 58.56 11.51
C SER A 57 -13.07 59.57 12.27
N PRO A 58 -12.21 59.11 13.18
CA PRO A 58 -11.27 60.02 13.85
C PRO A 58 -10.07 60.43 13.01
N TYR A 59 -9.92 59.91 11.80
CA TYR A 59 -8.79 60.28 10.96
C TYR A 59 -9.13 61.50 10.12
N ARG A 60 -8.15 62.38 9.94
CA ARG A 60 -8.29 63.53 9.07
C ARG A 60 -6.96 63.80 8.37
N ALA A 61 -7.05 64.28 7.14
CA ALA A 61 -5.87 64.61 6.36
C ALA A 61 -5.42 66.02 6.69
N LEU A 62 -4.11 66.20 6.84
CA LEU A 62 -3.52 67.52 7.09
C LEU A 62 -3.10 68.12 5.76
N LEU A 63 -4.02 68.92 5.16
CA LEU A 63 -3.77 69.44 3.83
C LEU A 63 -2.57 70.38 3.77
N ASP A 64 -2.14 70.92 4.92
CA ASP A 64 -0.90 71.70 4.94
C ASP A 64 0.32 70.83 4.64
N THR A 65 0.22 69.52 4.92
CA THR A 65 1.32 68.60 4.69
C THR A 65 1.34 68.02 3.29
N LEU A 66 0.29 68.28 2.50
CA LEU A 66 0.14 67.67 1.19
C LEU A 66 1.30 68.05 0.27
N GLN A 67 1.81 67.06 -0.46
CA GLN A 67 2.81 67.28 -1.50
C GLN A 67 2.39 66.45 -2.71
N LEU A 68 2.25 67.12 -3.86
CA LEU A 68 1.77 66.48 -5.06
C LEU A 68 2.96 66.20 -5.96
N GLY A 69 3.28 64.92 -6.15
CA GLY A 69 4.35 64.51 -7.01
C GLY A 69 3.83 63.87 -8.28
N PRO A 70 4.75 63.51 -9.18
CA PRO A 70 4.35 62.85 -10.44
C PRO A 70 3.79 61.47 -10.24
N ASP A 71 4.50 60.67 -9.44
CA ASP A 71 4.14 59.28 -9.26
C ASP A 71 3.22 59.08 -8.07
N ALA A 72 3.20 60.02 -7.13
CA ALA A 72 2.46 59.83 -5.90
C ALA A 72 2.09 61.18 -5.31
N LEU A 73 0.91 61.24 -4.70
CA LEU A 73 0.55 62.31 -3.81
C LEU A 73 0.73 61.79 -2.39
N THR A 74 1.41 62.57 -1.56
CA THR A 74 1.61 62.23 -0.16
C THR A 74 0.97 63.30 0.70
N VAL A 75 0.31 62.86 1.77
CA VAL A 75 -0.31 63.76 2.73
C VAL A 75 -0.42 63.01 4.06
N HIS A 76 -0.19 63.74 5.15
CA HIS A 76 -0.24 63.13 6.47
C HIS A 76 -1.67 62.97 6.93
N LEU A 77 -1.94 61.86 7.61
CA LEU A 77 -3.20 61.64 8.29
C LEU A 77 -2.94 61.59 9.79
N ILE A 78 -3.93 62.01 10.57
CA ILE A 78 -3.79 62.02 12.02
C ILE A 78 -5.06 61.44 12.65
N HIS A 79 -4.87 60.64 13.69
CA HIS A 79 -5.98 60.19 14.52
C HIS A 79 -6.26 61.28 15.54
N GLU A 80 -7.49 61.80 15.57
CA GLU A 80 -7.79 62.96 16.39
C GLU A 80 -7.59 62.70 17.87
N VAL A 81 -7.72 61.44 18.28
CA VAL A 81 -7.64 61.10 19.70
C VAL A 81 -6.19 60.76 20.06
N THR A 82 -5.66 59.71 19.44
CA THR A 82 -4.33 59.23 19.78
C THR A 82 -3.21 60.14 19.28
N LYS A 83 -3.51 61.06 18.36
CA LYS A 83 -2.51 61.93 17.72
C LYS A 83 -1.47 61.14 16.94
N VAL A 84 -1.77 59.88 16.59
CA VAL A 84 -0.88 59.12 15.74
C VAL A 84 -0.91 59.69 14.33
N LEU A 85 0.27 59.79 13.72
CA LEU A 85 0.42 60.36 12.39
C LEU A 85 0.70 59.25 11.38
N LEU A 86 -0.10 59.20 10.32
CA LEU A 86 0.09 58.28 9.21
C LEU A 86 0.42 59.06 7.94
N VAL A 87 0.88 58.33 6.92
CA VAL A 87 1.19 58.91 5.62
C VAL A 87 0.37 58.18 4.57
N LEU A 88 -0.43 58.93 3.81
CA LEU A 88 -1.18 58.40 2.69
C LEU A 88 -0.39 58.62 1.40
N GLU A 89 -0.18 57.53 0.66
CA GLU A 89 0.47 57.61 -0.65
C GLU A 89 -0.56 57.20 -1.69
N LEU A 90 -1.08 58.20 -2.40
CA LEU A 90 -2.12 58.01 -3.40
C LEU A 90 -1.51 58.16 -4.78
N GLN A 91 -1.75 57.18 -5.65
CA GLN A 91 -1.15 57.14 -6.97
C GLN A 91 -2.21 56.83 -8.02
N GLY A 92 -2.31 57.68 -9.05
CA GLY A 92 -3.00 57.28 -10.27
C GLY A 92 -2.07 56.44 -11.13
N LEU A 93 -2.61 55.36 -11.66
CA LEU A 93 -1.77 54.46 -12.46
C LEU A 93 -2.30 54.39 -13.88
N GLN A 94 -1.43 54.05 -14.82
CA GLN A 94 -1.84 53.80 -16.22
C GLN A 94 -2.72 52.55 -16.22
N LYS A 95 -3.71 52.54 -17.09
CA LYS A 95 -4.77 51.53 -17.34
C LYS A 95 -5.93 51.77 -16.38
N ASP A 96 -6.15 53.02 -16.01
CA ASP A 96 -7.30 53.41 -15.16
C ASP A 96 -7.29 52.65 -13.83
N MET A 97 -6.22 52.79 -13.08
CA MET A 97 -6.11 52.14 -11.77
C MET A 97 -5.58 53.16 -10.78
N THR A 98 -6.02 53.05 -9.54
CA THR A 98 -5.55 53.90 -8.45
C THR A 98 -5.00 52.99 -7.36
N ARG A 99 -3.89 53.41 -6.76
CA ARG A 99 -3.24 52.65 -5.69
C ARG A 99 -3.19 53.49 -4.43
N ILE A 100 -3.69 52.94 -3.33
CA ILE A 100 -3.72 53.61 -2.04
C ILE A 100 -2.79 52.85 -1.11
N ARG A 101 -1.82 53.56 -0.53
CA ARG A 101 -0.92 52.98 0.45
C ARG A 101 -0.86 53.90 1.67
N ILE A 102 -1.06 53.31 2.85
CA ILE A 102 -1.04 54.04 4.12
C ILE A 102 -0.09 53.33 5.07
N ASP A 103 0.88 54.07 5.61
CA ASP A 103 1.84 53.55 6.57
C ASP A 103 1.98 54.57 7.69
N GLU A 104 2.63 54.14 8.78
CA GLU A 104 2.97 55.07 9.84
C GLU A 104 3.98 56.09 9.34
N LEU A 105 3.86 57.32 9.85
CA LEU A 105 4.84 58.34 9.51
C LEU A 105 6.19 58.04 10.14
N GLU A 106 6.22 57.78 11.46
CA GLU A 106 7.44 57.51 12.19
C GLU A 106 7.29 56.15 12.86
N PRO A 107 7.55 55.06 12.14
CA PRO A 107 7.40 53.73 12.74
C PRO A 107 8.60 53.35 13.58
N ARG A 108 8.34 52.68 14.71
CA ARG A 108 9.41 52.14 15.52
C ARG A 108 10.19 51.06 14.78
N ARG A 109 9.47 50.24 14.00
CA ARG A 109 10.06 49.20 13.18
C ARG A 109 9.28 49.13 11.88
N PRO A 110 9.93 48.78 10.77
CA PRO A 110 9.26 48.80 9.47
C PRO A 110 8.12 47.79 9.41
N ARG A 111 7.05 48.18 8.71
CA ARG A 111 5.94 47.27 8.47
C ARG A 111 6.16 46.50 7.18
N TYR A 112 5.45 45.37 7.07
CA TYR A 112 5.65 44.47 5.95
C TYR A 112 4.97 45.02 4.70
N ARG A 113 5.69 44.98 3.59
CA ARG A 113 5.18 45.31 2.27
C ARG A 113 5.38 44.08 1.40
N VAL A 114 4.29 43.57 0.84
CA VAL A 114 4.29 42.26 0.17
C VAL A 114 5.17 42.26 -1.07
N PRO A 115 6.24 41.48 -1.10
CA PRO A 115 7.10 41.41 -2.28
C PRO A 115 6.72 40.25 -3.20
N ASP A 116 7.36 40.24 -4.37
CA ASP A 116 7.36 39.12 -5.32
C ASP A 116 5.99 38.79 -5.91
N VAL A 117 4.94 39.50 -5.49
CA VAL A 117 3.62 39.31 -6.08
C VAL A 117 3.45 40.17 -7.32
N LEU A 118 3.79 41.46 -7.23
CA LEU A 118 3.71 42.34 -8.38
C LEU A 118 4.78 41.97 -9.40
N VAL A 119 4.37 41.81 -10.66
CA VAL A 119 5.33 41.43 -11.69
C VAL A 119 6.24 42.58 -12.09
N ALA A 120 5.87 43.81 -11.73
CA ALA A 120 6.67 44.98 -12.05
C ALA A 120 6.20 46.13 -11.17
N ASP A 121 6.96 47.22 -11.22
CA ASP A 121 6.51 48.47 -10.62
C ASP A 121 5.47 49.10 -11.54
N PRO A 122 4.22 49.23 -11.11
CA PRO A 122 3.15 49.67 -12.02
C PRO A 122 3.43 51.06 -12.57
N PRO A 123 3.36 51.24 -13.88
CA PRO A 123 3.51 52.59 -14.45
C PRO A 123 2.45 53.54 -13.91
N THR A 124 2.89 54.74 -13.54
CA THR A 124 2.03 55.72 -12.88
C THR A 124 1.49 56.74 -13.87
N ALA A 125 0.42 57.41 -13.45
CA ALA A 125 -0.15 58.56 -14.14
C ALA A 125 -0.13 59.76 -13.19
N ARG A 126 0.01 60.95 -13.77
CA ARG A 126 0.15 62.17 -12.99
C ARG A 126 -1.17 62.60 -12.37
N LEU A 127 -1.10 63.09 -11.13
CA LEU A 127 -2.22 63.73 -10.46
C LEU A 127 -2.06 65.24 -10.51
N SER A 128 -3.15 65.94 -10.80
CA SER A 128 -3.20 67.40 -10.79
C SER A 128 -4.31 67.87 -9.86
N VAL A 129 -4.09 69.02 -9.24
CA VAL A 129 -5.12 69.66 -8.42
C VAL A 129 -6.04 70.44 -9.35
N SER A 130 -7.32 70.08 -9.36
CA SER A 130 -8.31 70.76 -10.18
C SER A 130 -9.34 71.50 -9.35
N GLY A 131 -9.24 71.46 -8.02
CA GLY A 131 -10.14 72.16 -7.12
C GLY A 131 -9.67 72.04 -5.69
N ARG A 132 -9.95 73.04 -4.86
CA ARG A 132 -9.44 73.05 -3.49
C ARG A 132 -10.26 74.04 -2.67
N ASP A 133 -10.67 73.62 -1.49
CA ASP A 133 -11.31 74.51 -0.52
C ASP A 133 -10.69 74.22 0.84
N ASP A 134 -11.37 74.61 1.91
CA ASP A 134 -10.82 74.41 3.24
C ASP A 134 -10.86 72.95 3.68
N ASN A 135 -11.68 72.12 3.03
CA ASN A 135 -11.90 70.75 3.47
C ASN A 135 -11.81 69.70 2.36
N SER A 136 -11.38 70.06 1.16
CA SER A 136 -11.41 69.11 0.07
C SER A 136 -10.42 69.51 -1.01
N VAL A 137 -9.80 68.50 -1.63
CA VAL A 137 -8.88 68.69 -2.74
C VAL A 137 -9.26 67.71 -3.84
N GLU A 138 -9.59 68.24 -5.01
CA GLU A 138 -9.96 67.42 -6.16
C GLU A 138 -8.72 67.17 -7.02
N LEU A 139 -8.52 65.91 -7.40
CA LEU A 139 -7.36 65.51 -8.17
C LEU A 139 -7.79 64.87 -9.48
N THR A 140 -7.12 65.26 -10.57
CA THR A 140 -7.37 64.71 -11.90
C THR A 140 -6.24 63.76 -12.29
N VAL A 141 -6.60 62.60 -12.80
CA VAL A 141 -5.63 61.60 -13.25
C VAL A 141 -5.29 61.93 -14.70
N ALA A 142 -4.05 62.33 -14.95
CA ALA A 142 -3.58 62.72 -16.29
C ALA A 142 -4.50 63.82 -16.79
N GLU A 143 -5.18 63.66 -17.92
CA GLU A 143 -6.10 64.67 -18.43
C GLU A 143 -7.55 64.24 -18.34
N GLY A 144 -7.88 63.38 -17.37
CA GLY A 144 -9.23 62.91 -17.20
C GLY A 144 -9.53 61.66 -18.00
N PRO A 145 -10.75 61.13 -17.87
CA PRO A 145 -11.86 61.71 -17.09
C PRO A 145 -11.96 61.25 -15.64
N TYR A 146 -10.97 60.50 -15.14
CA TYR A 146 -11.04 60.00 -13.78
C TYR A 146 -10.54 61.04 -12.79
N LYS A 147 -11.30 61.25 -11.72
CA LYS A 147 -10.97 62.21 -10.68
C LYS A 147 -11.02 61.54 -9.31
N ILE A 148 -10.26 62.10 -8.37
CA ILE A 148 -10.22 61.64 -6.99
C ILE A 148 -10.42 62.84 -6.08
N ILE A 149 -11.41 62.75 -5.19
CA ILE A 149 -11.70 63.79 -4.21
C ILE A 149 -11.17 63.34 -2.86
N LEU A 150 -10.24 64.11 -2.30
CA LEU A 150 -9.72 63.89 -0.95
C LEU A 150 -10.42 64.85 0.01
N THR A 151 -11.26 64.30 0.89
CA THR A 151 -11.90 65.10 1.93
C THR A 151 -11.01 65.10 3.18
N ALA A 152 -10.82 66.29 3.77
CA ALA A 152 -9.88 66.44 4.87
C ALA A 152 -10.42 65.84 6.16
N GLN A 153 -11.56 66.34 6.64
CA GLN A 153 -12.13 65.79 7.87
C GLN A 153 -13.63 65.58 7.69
N PRO A 154 -14.15 64.36 7.91
CA PRO A 154 -13.32 63.17 8.18
C PRO A 154 -12.63 62.68 6.92
N PHE A 155 -11.50 62.00 7.08
CA PHE A 155 -10.74 61.50 5.94
C PHE A 155 -11.63 60.61 5.06
N ARG A 156 -11.60 60.88 3.75
CA ARG A 156 -12.47 60.19 2.81
C ARG A 156 -11.87 60.31 1.41
N LEU A 157 -12.07 59.27 0.61
CA LEU A 157 -11.66 59.30 -0.79
C LEU A 157 -12.83 58.87 -1.65
N ASP A 158 -13.08 59.61 -2.71
CA ASP A 158 -14.11 59.32 -3.70
C ASP A 158 -13.46 59.25 -5.06
N LEU A 159 -13.85 58.25 -5.87
CA LEU A 159 -13.33 58.08 -7.21
C LEU A 159 -14.47 58.28 -8.20
N LEU A 160 -14.22 59.09 -9.22
CA LEU A 160 -15.24 59.43 -10.20
C LEU A 160 -14.68 59.33 -11.60
N GLU A 161 -15.55 58.97 -12.54
CA GLU A 161 -15.34 59.18 -13.96
C GLU A 161 -16.29 60.31 -14.34
N ASP A 162 -15.74 61.47 -14.70
CA ASP A 162 -16.53 62.68 -14.91
C ASP A 162 -17.30 63.04 -13.66
N ARG A 163 -18.64 62.95 -13.72
CA ARG A 163 -19.49 63.26 -12.59
C ARG A 163 -20.15 62.03 -11.99
N SER A 164 -19.79 60.84 -12.45
CA SER A 164 -20.32 59.60 -11.91
C SER A 164 -19.43 59.14 -10.77
N LEU A 165 -20.00 59.01 -9.58
CA LEU A 165 -19.26 58.48 -8.44
C LEU A 165 -19.06 56.98 -8.63
N LEU A 166 -17.81 56.54 -8.64
CA LEU A 166 -17.52 55.13 -8.83
C LEU A 166 -17.35 54.39 -7.52
N LEU A 167 -16.65 54.97 -6.56
CA LEU A 167 -16.23 54.24 -5.38
C LEU A 167 -15.86 55.24 -4.28
N SER A 168 -16.14 54.87 -3.04
CA SER A 168 -15.75 55.66 -1.87
C SER A 168 -14.85 54.85 -0.96
N VAL A 169 -13.94 55.54 -0.29
CA VAL A 169 -13.01 54.94 0.66
C VAL A 169 -13.24 55.59 2.01
N ASN A 170 -13.47 54.75 3.04
CA ASN A 170 -13.73 55.20 4.42
C ASN A 170 -14.99 56.05 4.53
N ALA A 171 -15.99 55.75 3.71
CA ALA A 171 -17.23 56.53 3.77
C ALA A 171 -18.03 56.22 5.03
N ARG A 172 -17.91 54.99 5.55
CA ARG A 172 -18.56 54.62 6.79
C ARG A 172 -17.62 54.72 7.99
N GLY A 173 -16.46 55.32 7.82
CA GLY A 173 -15.55 55.58 8.93
C GLY A 173 -14.98 54.37 9.62
N LEU A 174 -14.66 53.31 8.88
CA LEU A 174 -14.17 52.07 9.46
C LEU A 174 -12.65 51.94 9.38
N MET A 175 -11.95 52.98 8.94
CA MET A 175 -10.49 52.92 8.88
C MET A 175 -9.91 52.71 10.28
N ALA A 176 -8.98 51.75 10.38
CA ALA A 176 -8.37 51.43 11.67
C ALA A 176 -6.91 51.06 11.42
N PHE A 177 -5.99 51.76 12.07
CA PHE A 177 -4.55 51.53 11.88
C PHE A 177 -3.89 51.45 13.26
N GLU A 178 -3.68 50.24 13.76
CA GLU A 178 -3.04 50.04 15.05
C GLU A 178 -1.55 50.29 14.90
N HIS A 179 -1.06 51.39 15.46
CA HIS A 179 0.35 51.72 15.36
C HIS A 179 1.16 50.83 16.29
N GLN A 180 2.46 50.75 16.01
CA GLN A 180 3.37 49.87 16.73
C GLN A 180 3.77 50.52 18.06
N ARG A 181 3.34 49.91 19.16
CA ARG A 181 3.66 50.36 20.50
C ARG A 181 4.98 49.76 20.98
N ALA A 182 5.40 50.14 22.18
CA ALA A 182 6.66 49.64 22.71
C ALA A 182 6.58 48.13 22.89
N PRO A 183 7.50 47.36 22.30
CA PRO A 183 7.53 45.89 22.35
C PRO A 183 7.75 45.35 23.75
N GLY A 245 -6.08 39.50 24.73
CA GLY A 245 -5.50 38.95 23.52
C GLY A 245 -4.80 40.00 22.68
N ALA A 246 -4.64 41.20 23.23
CA ALA A 246 -3.97 42.26 22.50
C ALA A 246 -2.48 42.00 22.34
N TRP A 247 -1.85 41.36 23.33
CA TRP A 247 -0.45 40.97 23.23
C TRP A 247 -0.32 39.46 23.31
N GLU A 248 0.27 38.94 24.39
CA GLU A 248 0.38 37.49 24.54
C GLU A 248 -1.01 36.85 24.46
N GLU A 249 -1.15 35.87 23.58
CA GLU A 249 -2.46 35.35 23.19
C GLU A 249 -2.39 33.83 23.04
N THR A 250 -3.40 33.14 23.54
CA THR A 250 -3.48 31.69 23.51
C THR A 250 -4.75 31.23 22.80
N PHE A 251 -4.62 30.20 21.97
CA PHE A 251 -5.74 29.52 21.36
C PHE A 251 -5.55 28.03 21.60
N LYS A 252 -6.52 27.40 22.26
CA LYS A 252 -6.42 26.01 22.70
CA LYS A 252 -6.42 26.01 22.70
C LYS A 252 -5.19 25.84 23.59
N THR A 253 -4.14 25.22 23.05
CA THR A 253 -2.90 25.02 23.81
C THR A 253 -1.71 25.72 23.17
N HIS A 254 -1.94 26.62 22.22
CA HIS A 254 -0.87 27.29 21.50
C HIS A 254 -0.82 28.75 21.90
N SER A 255 0.38 29.22 22.26
CA SER A 255 0.59 30.59 22.74
C SER A 255 1.30 31.39 21.67
N ASP A 256 0.67 32.49 21.24
CA ASP A 256 1.29 33.47 20.37
C ASP A 256 1.93 34.54 21.26
N SER A 257 3.27 34.58 21.29
CA SER A 257 3.94 35.53 22.17
C SER A 257 3.69 36.97 21.74
N LYS A 258 3.41 37.19 20.45
CA LYS A 258 3.03 38.49 19.92
C LYS A 258 3.95 39.61 20.41
N PRO A 259 5.25 39.55 20.07
CA PRO A 259 6.20 40.52 20.62
C PRO A 259 5.92 41.97 20.22
N TYR A 260 5.17 42.19 19.14
CA TYR A 260 4.88 43.54 18.66
C TYR A 260 3.48 44.04 19.03
N GLY A 261 2.62 43.18 19.59
CA GLY A 261 1.31 43.59 20.01
C GLY A 261 0.36 43.85 18.86
N PRO A 262 -0.69 44.63 19.13
CA PRO A 262 -1.66 44.93 18.06
C PRO A 262 -1.04 45.79 16.97
N THR A 263 -1.16 45.31 15.73
CA THR A 263 -0.63 46.03 14.57
C THR A 263 -1.60 45.99 13.39
N SER A 264 -2.87 45.65 13.62
CA SER A 264 -3.79 45.37 12.54
C SER A 264 -4.17 46.65 11.81
N VAL A 265 -4.55 46.49 10.54
CA VAL A 265 -4.97 47.59 9.69
C VAL A 265 -6.27 47.20 9.00
N GLY A 266 -7.11 48.20 8.75
CA GLY A 266 -8.41 47.94 8.15
C GLY A 266 -8.92 49.16 7.44
N LEU A 267 -9.83 48.93 6.49
CA LEU A 267 -10.37 49.99 5.64
C LEU A 267 -11.60 49.46 4.92
N ASP A 268 -12.57 50.35 4.68
CA ASP A 268 -13.83 50.00 4.04
C ASP A 268 -13.98 50.72 2.70
N PHE A 269 -14.84 50.15 1.85
CA PHE A 269 -15.05 50.65 0.50
C PHE A 269 -16.53 50.60 0.19
N SER A 270 -17.04 51.64 -0.45
CA SER A 270 -18.44 51.77 -0.80
C SER A 270 -18.58 51.73 -2.32
N LEU A 271 -19.52 50.92 -2.80
CA LEU A 271 -19.69 50.64 -4.23
C LEU A 271 -21.11 50.99 -4.65
N PRO A 272 -21.37 52.25 -4.99
CA PRO A 272 -22.73 52.65 -5.38
C PRO A 272 -23.15 52.00 -6.69
N GLY A 273 -24.34 51.40 -6.68
CA GLY A 273 -24.89 50.74 -7.84
C GLY A 273 -24.61 49.26 -7.94
N MET A 274 -23.75 48.73 -7.06
CA MET A 274 -23.36 47.32 -7.09
C MET A 274 -24.17 46.53 -6.08
N GLU A 275 -24.75 45.41 -6.53
CA GLU A 275 -25.40 44.46 -5.63
C GLU A 275 -24.78 43.07 -5.67
N HIS A 276 -23.81 42.83 -6.56
CA HIS A 276 -23.21 41.52 -6.73
C HIS A 276 -21.69 41.66 -6.67
N VAL A 277 -21.07 40.93 -5.74
CA VAL A 277 -19.61 40.91 -5.63
C VAL A 277 -19.15 39.46 -5.66
N TYR A 278 -17.91 39.27 -6.13
CA TYR A 278 -17.39 37.94 -6.40
C TYR A 278 -15.91 37.89 -6.04
N GLY A 279 -15.41 36.67 -5.89
CA GLY A 279 -13.97 36.49 -5.70
C GLY A 279 -13.57 36.01 -4.32
N ILE A 280 -12.54 36.67 -3.78
CA ILE A 280 -11.77 36.29 -2.59
C ILE A 280 -11.80 34.79 -2.31
N PRO A 281 -11.32 33.94 -3.22
CA PRO A 281 -11.13 32.53 -2.86
C PRO A 281 -10.06 32.41 -1.77
N GLU A 282 -10.07 31.28 -1.06
CA GLU A 282 -10.87 30.11 -1.39
C GLU A 282 -11.90 29.77 -0.31
N HIS A 283 -13.14 29.59 -0.74
CA HIS A 283 -14.24 29.27 0.17
C HIS A 283 -15.18 28.31 -0.53
N ALA A 284 -15.67 27.32 0.22
CA ALA A 284 -16.68 26.38 -0.28
C ALA A 284 -18.05 27.05 -0.18
N ASP A 285 -18.27 28.02 -1.06
CA ASP A 285 -19.46 28.86 -0.99
C ASP A 285 -19.87 29.25 -2.40
N SER A 286 -21.00 29.94 -2.50
CA SER A 286 -21.61 30.27 -3.78
C SER A 286 -20.74 31.27 -4.56
N LEU A 287 -20.98 31.33 -5.87
CA LEU A 287 -20.24 32.26 -6.72
C LEU A 287 -20.46 33.70 -6.29
N ARG A 288 -21.72 34.10 -6.13
CA ARG A 288 -22.04 35.42 -5.61
C ARG A 288 -21.82 35.44 -4.11
N LEU A 289 -20.93 36.31 -3.67
CA LEU A 289 -20.57 36.37 -2.25
C LEU A 289 -21.75 36.87 -1.42
N LYS A 290 -21.96 36.25 -0.27
CA LYS A 290 -23.08 36.61 0.56
C LYS A 290 -22.71 37.74 1.52
N VAL A 291 -23.74 38.40 2.03
CA VAL A 291 -23.56 39.42 3.06
C VAL A 291 -23.15 38.75 4.36
N THR A 292 -22.24 39.38 5.10
CA THR A 292 -21.73 38.83 6.35
C THR A 292 -22.34 39.48 7.58
N GLU A 293 -23.34 40.35 7.39
CA GLU A 293 -23.88 41.15 8.50
C GLU A 293 -24.30 40.28 9.68
N GLY A 294 -25.10 39.25 9.44
CA GLY A 294 -25.60 38.46 10.54
C GLY A 294 -24.75 37.27 10.94
N GLY A 295 -23.51 37.19 10.48
CA GLY A 295 -22.66 36.05 10.75
C GLY A 295 -21.19 36.39 10.68
N GLU A 296 -20.40 35.42 10.24
CA GLU A 296 -18.95 35.51 10.17
C GLU A 296 -18.49 36.28 8.94
N PRO A 297 -17.40 37.03 9.06
CA PRO A 297 -16.75 37.58 7.86
C PRO A 297 -16.05 36.49 7.08
N TYR A 298 -15.82 36.78 5.79
CA TYR A 298 -15.03 35.87 4.97
C TYR A 298 -13.57 35.92 5.41
N ARG A 299 -12.97 34.76 5.61
CA ARG A 299 -11.62 34.67 6.14
C ARG A 299 -10.66 34.27 5.03
N LEU A 300 -9.52 34.95 4.98
CA LEU A 300 -8.44 34.65 4.04
C LEU A 300 -7.21 34.28 4.86
N TYR A 301 -7.03 32.98 5.07
CA TYR A 301 -5.88 32.49 5.81
C TYR A 301 -5.67 31.06 5.36
N ASN A 302 -4.53 30.80 4.71
CA ASN A 302 -4.29 29.49 4.11
C ASN A 302 -4.25 28.42 5.19
N LEU A 303 -5.29 27.58 5.23
CA LEU A 303 -5.46 26.59 6.29
C LEU A 303 -5.85 25.25 5.69
N ASP A 304 -5.42 24.19 6.37
CA ASP A 304 -5.73 22.81 6.01
C ASP A 304 -6.96 22.39 6.84
N VAL A 305 -8.13 22.34 6.19
CA VAL A 305 -9.39 22.07 6.86
C VAL A 305 -9.84 20.65 6.51
N PHE A 306 -9.77 19.76 7.49
CA PHE A 306 -10.09 18.35 7.29
C PHE A 306 -11.59 18.17 7.09
N GLN A 307 -11.96 17.46 6.02
CA GLN A 307 -13.36 17.22 5.64
C GLN A 307 -14.19 18.50 5.69
N TYR A 308 -13.76 19.48 4.90
CA TYR A 308 -14.43 20.77 4.92
C TYR A 308 -15.85 20.64 4.38
N GLU A 309 -16.72 21.52 4.86
CA GLU A 309 -18.14 21.51 4.53
C GLU A 309 -18.47 22.67 3.61
N LEU A 310 -19.67 22.62 3.04
CA LEU A 310 -20.10 23.53 2.00
C LEU A 310 -20.93 24.68 2.56
N ASN A 311 -20.95 25.77 1.79
CA ASN A 311 -21.77 26.96 2.09
C ASN A 311 -21.46 27.52 3.48
N ASN A 312 -20.19 27.84 3.71
CA ASN A 312 -19.78 28.54 4.91
C ASN A 312 -18.51 29.33 4.61
N PRO A 313 -18.23 30.39 5.37
CA PRO A 313 -17.09 31.27 5.02
C PRO A 313 -15.75 30.89 5.65
N MET A 314 -15.59 29.66 6.09
CA MET A 314 -14.32 29.27 6.69
C MET A 314 -13.19 29.34 5.66
N ALA A 315 -12.01 29.73 6.12
CA ALA A 315 -10.85 29.83 5.24
C ALA A 315 -10.38 28.44 4.83
N LEU A 316 -10.11 28.26 3.55
CA LEU A 316 -9.60 27.01 3.00
C LEU A 316 -8.11 27.19 2.65
N TYR A 317 -7.64 26.43 1.67
CA TYR A 317 -6.20 26.26 1.48
C TYR A 317 -5.54 27.50 0.88
N GLY A 318 -6.25 28.25 0.05
CA GLY A 318 -5.65 29.39 -0.62
C GLY A 318 -6.38 30.68 -0.38
N SER A 319 -5.71 31.81 -0.64
CA SER A 319 -6.26 33.13 -0.38
C SER A 319 -5.84 34.05 -1.52
N VAL A 320 -6.81 34.58 -2.26
CA VAL A 320 -6.57 35.60 -3.28
C VAL A 320 -7.39 36.83 -2.91
N PRO A 321 -6.77 37.86 -2.37
CA PRO A 321 -7.52 39.04 -1.89
C PRO A 321 -7.95 39.96 -3.03
N VAL A 322 -8.86 39.47 -3.86
CA VAL A 322 -9.37 40.22 -5.00
C VAL A 322 -10.89 40.07 -5.03
N LEU A 323 -11.59 41.19 -5.00
CA LEU A 323 -13.04 41.21 -5.06
C LEU A 323 -13.47 41.96 -6.32
N LEU A 324 -14.40 41.39 -7.07
CA LEU A 324 -14.94 41.99 -8.28
C LEU A 324 -16.40 42.35 -8.06
N ALA A 325 -16.79 43.53 -8.52
CA ALA A 325 -18.17 44.00 -8.41
C ALA A 325 -18.74 44.18 -9.82
N HIS A 326 -19.94 43.64 -10.03
CA HIS A 326 -20.56 43.68 -11.34
C HIS A 326 -21.99 44.20 -11.23
N SER A 327 -22.34 45.14 -12.11
CA SER A 327 -23.70 45.60 -12.28
C SER A 327 -23.97 45.76 -13.78
N PHE A 328 -25.23 46.04 -14.12
CA PHE A 328 -25.61 46.33 -15.49
C PHE A 328 -24.74 47.42 -16.12
N HIS A 329 -24.30 48.39 -15.32
CA HIS A 329 -23.66 49.59 -15.86
C HIS A 329 -22.14 49.53 -15.87
N ARG A 330 -21.51 48.80 -14.96
CA ARG A 330 -20.05 48.85 -14.89
C ARG A 330 -19.52 47.61 -14.20
N ASP A 331 -18.19 47.50 -14.18
CA ASP A 331 -17.47 46.45 -13.50
C ASP A 331 -16.30 47.07 -12.76
N LEU A 332 -16.09 46.62 -11.52
CA LEU A 332 -15.04 47.14 -10.67
C LEU A 332 -14.32 45.97 -10.00
N GLY A 333 -13.11 46.24 -9.51
CA GLY A 333 -12.35 45.25 -8.79
C GLY A 333 -11.47 45.85 -7.71
N ILE A 334 -11.36 45.16 -6.57
CA ILE A 334 -10.55 45.62 -5.44
C ILE A 334 -9.47 44.59 -5.16
N PHE A 335 -8.22 45.02 -5.12
CA PHE A 335 -7.06 44.18 -4.89
C PHE A 335 -6.38 44.65 -3.60
N TRP A 336 -6.63 43.93 -2.51
CA TRP A 336 -6.08 44.26 -1.18
C TRP A 336 -4.76 43.50 -1.02
N LEU A 337 -3.65 44.17 -1.34
CA LEU A 337 -2.34 43.52 -1.35
C LEU A 337 -1.79 43.44 0.08
N ASN A 338 -2.22 42.39 0.79
CA ASN A 338 -1.76 42.12 2.14
C ASN A 338 -1.61 40.61 2.31
N ALA A 339 -0.51 40.19 2.95
CA ALA A 339 -0.18 38.77 3.08
C ALA A 339 -0.54 38.18 4.45
N ALA A 340 -1.00 38.99 5.39
CA ALA A 340 -1.36 38.51 6.72
C ALA A 340 -2.81 38.03 6.74
N GLU A 341 -3.20 37.42 7.86
CA GLU A 341 -4.58 36.98 8.05
C GLU A 341 -5.54 38.15 7.84
N THR A 342 -6.56 37.92 7.01
CA THR A 342 -7.45 38.98 6.57
C THR A 342 -8.90 38.51 6.64
N TRP A 343 -9.77 39.37 7.17
CA TRP A 343 -11.20 39.14 7.18
C TRP A 343 -11.89 40.18 6.32
N VAL A 344 -12.97 39.76 5.66
CA VAL A 344 -13.68 40.61 4.71
C VAL A 344 -15.15 40.62 5.08
N ASP A 345 -15.67 41.80 5.39
CA ASP A 345 -17.10 41.99 5.66
C ASP A 345 -17.78 42.54 4.42
N ILE A 346 -18.99 42.06 4.16
CA ILE A 346 -19.78 42.49 3.02
C ILE A 346 -21.17 42.83 3.53
N SER A 347 -21.64 44.04 3.23
CA SER A 347 -22.95 44.48 3.68
C SER A 347 -23.67 45.19 2.55
N SER A 348 -24.98 45.02 2.48
CA SER A 348 -25.83 45.59 1.44
C SER A 348 -26.61 46.79 1.98
N ASN A 349 -27.03 47.65 1.07
CA ASN A 349 -27.80 48.83 1.42
C ASN A 349 -29.03 48.90 0.53
N THR A 369 -29.78 53.81 -5.65
CA THR A 369 -29.69 53.55 -4.21
C THR A 369 -28.99 52.23 -3.79
N PRO A 370 -29.16 51.13 -4.53
CA PRO A 370 -28.49 49.88 -4.13
C PRO A 370 -26.97 50.05 -4.08
N GLN A 371 -26.37 49.55 -3.00
CA GLN A 371 -24.95 49.75 -2.76
C GLN A 371 -24.40 48.60 -1.95
N THR A 372 -23.14 48.26 -2.20
CA THR A 372 -22.44 47.22 -1.46
C THR A 372 -21.21 47.83 -0.78
N ASP A 373 -21.02 47.51 0.49
CA ASP A 373 -19.87 47.96 1.27
C ASP A 373 -18.93 46.78 1.55
N ILE A 374 -17.64 47.03 1.41
CA ILE A 374 -16.61 46.01 1.57
C ILE A 374 -15.59 46.51 2.57
N ARG A 375 -15.26 45.68 3.56
CA ARG A 375 -14.32 46.06 4.61
C ARG A 375 -13.25 44.99 4.74
N TRP A 376 -11.98 45.40 4.67
CA TRP A 376 -10.85 44.51 4.80
C TRP A 376 -10.19 44.72 6.15
N MET A 377 -9.83 43.61 6.81
CA MET A 377 -9.23 43.66 8.13
C MET A 377 -8.08 42.67 8.18
N SER A 378 -6.85 43.19 8.25
CA SER A 378 -5.65 42.38 8.20
C SER A 378 -4.83 42.56 9.47
N GLU A 379 -4.04 41.52 9.80
CA GLU A 379 -3.37 41.46 11.09
C GLU A 379 -2.13 42.36 11.16
N SER A 380 -1.38 42.46 10.06
CA SER A 380 -0.20 43.31 10.06
C SER A 380 -0.01 43.82 8.63
N GLY A 381 1.17 44.35 8.34
CA GLY A 381 1.44 44.95 7.05
C GLY A 381 0.84 46.34 6.93
N ILE A 382 1.13 46.97 5.79
CA ILE A 382 0.59 48.30 5.52
C ILE A 382 -0.76 48.15 4.86
N ILE A 383 -1.47 49.26 4.71
CA ILE A 383 -2.63 49.29 3.82
C ILE A 383 -2.11 49.47 2.41
N ASP A 384 -2.45 48.55 1.52
CA ASP A 384 -1.99 48.60 0.13
C ASP A 384 -3.10 48.01 -0.71
N VAL A 385 -3.81 48.86 -1.44
CA VAL A 385 -4.99 48.41 -2.18
C VAL A 385 -4.97 49.06 -3.57
N PHE A 386 -5.31 48.26 -4.58
CA PHE A 386 -5.45 48.73 -5.94
C PHE A 386 -6.93 48.81 -6.28
N LEU A 387 -7.36 49.96 -6.83
CA LEU A 387 -8.71 50.14 -7.33
C LEU A 387 -8.68 50.05 -8.85
N MET A 388 -9.40 49.07 -9.39
CA MET A 388 -9.39 48.76 -10.82
C MET A 388 -10.77 49.09 -11.37
N LEU A 389 -10.84 50.10 -12.23
CA LEU A 389 -12.09 50.81 -12.50
C LEU A 389 -12.83 50.33 -13.76
N GLY A 390 -12.35 49.29 -14.42
CA GLY A 390 -13.06 48.79 -15.58
C GLY A 390 -12.86 49.68 -16.79
N PRO A 391 -13.96 50.05 -17.46
CA PRO A 391 -15.37 49.84 -17.09
C PRO A 391 -15.94 48.44 -17.33
N SER A 392 -15.40 47.67 -18.27
CA SER A 392 -15.91 46.32 -18.46
C SER A 392 -15.13 45.33 -17.60
N VAL A 393 -15.69 44.13 -17.45
CA VAL A 393 -15.01 43.12 -16.66
C VAL A 393 -13.72 42.65 -17.34
N PHE A 394 -13.66 42.75 -18.68
CA PHE A 394 -12.41 42.42 -19.36
C PHE A 394 -11.36 43.51 -19.15
N ASP A 395 -11.80 44.77 -18.98
CA ASP A 395 -10.88 45.82 -18.55
C ASP A 395 -10.30 45.49 -17.18
N VAL A 396 -11.12 44.94 -16.28
CA VAL A 396 -10.63 44.56 -14.95
C VAL A 396 -9.63 43.42 -15.06
N PHE A 397 -9.91 42.41 -15.90
CA PHE A 397 -8.98 41.32 -16.11
C PHE A 397 -7.61 41.84 -16.55
N ARG A 398 -7.58 42.74 -17.53
CA ARG A 398 -6.32 43.30 -18.00
C ARG A 398 -5.63 44.10 -16.91
N GLN A 399 -6.40 44.90 -16.18
CA GLN A 399 -5.83 45.72 -15.11
C GLN A 399 -5.17 44.85 -14.05
N TYR A 400 -5.87 43.82 -13.59
CA TYR A 400 -5.29 42.93 -12.60
C TYR A 400 -4.10 42.15 -13.17
N ALA A 401 -4.21 41.72 -14.43
CA ALA A 401 -3.11 41.00 -15.06
C ALA A 401 -1.85 41.86 -15.18
N SER A 402 -2.01 43.16 -15.39
CA SER A 402 -0.83 44.03 -15.49
C SER A 402 -0.10 44.15 -14.16
N LEU A 403 -0.77 43.86 -13.04
CA LEU A 403 -0.15 43.95 -11.73
C LEU A 403 0.48 42.62 -11.30
N THR A 404 -0.23 41.51 -11.45
CA THR A 404 0.22 40.24 -10.89
C THR A 404 0.52 39.20 -11.97
N GLY A 405 0.52 39.59 -13.24
CA GLY A 405 0.82 38.65 -14.31
C GLY A 405 -0.38 37.86 -14.75
N THR A 406 -0.11 36.93 -15.66
CA THR A 406 -1.10 36.13 -16.33
C THR A 406 -0.84 34.65 -16.08
N GLN A 407 -1.84 33.83 -16.43
CA GLN A 407 -1.71 32.38 -16.31
C GLN A 407 -0.55 31.86 -17.13
N ALA A 408 0.31 31.07 -16.48
CA ALA A 408 1.39 30.41 -17.22
C ALA A 408 0.82 29.45 -18.25
N LEU A 409 1.44 29.44 -19.43
CA LEU A 409 0.97 28.56 -20.50
C LEU A 409 1.24 27.11 -20.12
N PRO A 410 0.22 26.29 -19.88
CA PRO A 410 0.45 24.91 -19.49
C PRO A 410 1.02 24.12 -20.65
N PRO A 411 1.98 23.23 -20.39
CA PRO A 411 2.34 22.25 -21.42
C PRO A 411 1.10 21.44 -21.78
N LEU A 412 0.97 21.14 -23.07
CA LEU A 412 -0.29 20.59 -23.57
C LEU A 412 -0.74 19.36 -22.78
N PHE A 413 0.20 18.48 -22.42
CA PHE A 413 -0.16 17.24 -21.75
C PHE A 413 -0.90 17.49 -20.44
N SER A 414 -0.56 18.56 -19.73
CA SER A 414 -1.20 18.81 -18.44
C SER A 414 -2.66 19.21 -18.59
N LEU A 415 -3.12 19.46 -19.82
CA LEU A 415 -4.53 19.68 -20.09
C LEU A 415 -5.26 18.40 -20.49
N GLY A 416 -4.55 17.27 -20.57
CA GLY A 416 -5.18 15.99 -20.77
C GLY A 416 -5.82 15.48 -19.49
N TYR A 417 -6.00 14.17 -19.44
CA TYR A 417 -6.59 13.54 -18.26
C TYR A 417 -5.49 13.06 -17.33
N HIS A 418 -5.63 13.36 -16.03
CA HIS A 418 -4.71 12.93 -15.00
C HIS A 418 -5.38 11.84 -14.15
N GLN A 419 -4.69 10.72 -13.97
CA GLN A 419 -5.18 9.60 -13.16
C GLN A 419 -4.34 9.52 -11.90
N SER A 420 -4.97 9.68 -10.74
CA SER A 420 -4.26 9.73 -9.47
C SER A 420 -5.04 8.97 -8.41
N ARG A 421 -4.32 8.61 -7.34
CA ARG A 421 -4.93 8.16 -6.10
C ARG A 421 -3.85 8.08 -5.05
N TRP A 422 -4.27 8.08 -3.80
CA TRP A 422 -3.44 7.78 -2.64
C TRP A 422 -3.78 6.34 -2.26
N ASN A 423 -2.94 5.38 -2.63
CA ASN A 423 -1.70 5.53 -3.38
C ASN A 423 -1.60 4.37 -4.38
N TYR A 424 -0.78 4.51 -5.42
CA TYR A 424 -0.43 3.36 -6.24
C TYR A 424 0.71 2.61 -5.59
N ARG A 425 0.58 1.28 -5.54
CA ARG A 425 1.41 0.45 -4.66
C ARG A 425 2.89 0.51 -5.02
N ASP A 426 3.21 0.28 -6.28
CA ASP A 426 4.59 0.11 -6.71
C ASP A 426 4.67 0.35 -8.21
N GLU A 427 5.86 0.13 -8.77
CA GLU A 427 6.05 0.31 -10.20
C GLU A 427 5.10 -0.57 -11.01
N ALA A 428 4.94 -1.84 -10.61
CA ALA A 428 4.07 -2.74 -11.36
C ALA A 428 2.63 -2.25 -11.38
N ASP A 429 2.15 -1.70 -10.27
CA ASP A 429 0.80 -1.14 -10.22
C ASP A 429 0.66 0.02 -11.21
N VAL A 430 1.64 0.93 -11.20
CA VAL A 430 1.64 2.06 -12.12
C VAL A 430 1.58 1.58 -13.57
N LEU A 431 2.39 0.56 -13.90
CA LEU A 431 2.40 0.02 -15.25
C LEU A 431 1.11 -0.74 -15.57
N GLU A 432 0.49 -1.37 -14.58
CA GLU A 432 -0.81 -2.01 -14.80
C GLU A 432 -1.88 -0.99 -15.09
N VAL A 433 -1.85 0.14 -14.38
CA VAL A 433 -2.79 1.23 -14.66
C VAL A 433 -2.57 1.79 -16.05
N ASP A 434 -1.30 1.99 -16.42
CA ASP A 434 -0.98 2.45 -17.78
C ASP A 434 -1.54 1.51 -18.82
N GLN A 435 -1.34 0.20 -18.62
CA GLN A 435 -1.84 -0.77 -19.58
C GLN A 435 -3.36 -0.87 -19.54
N GLY A 436 -3.96 -0.66 -18.36
CA GLY A 436 -5.41 -0.69 -18.27
C GLY A 436 -6.07 0.35 -19.15
N PHE A 437 -5.50 1.56 -19.23
CA PHE A 437 -6.05 2.58 -20.10
C PHE A 437 -6.00 2.15 -21.56
N ASP A 438 -4.87 1.58 -21.98
CA ASP A 438 -4.73 1.16 -23.38
C ASP A 438 -5.60 -0.06 -23.68
N ASP A 439 -5.72 -0.98 -22.72
CA ASP A 439 -6.53 -2.17 -22.96
C ASP A 439 -8.03 -1.89 -22.94
N HIS A 440 -8.44 -0.75 -22.38
CA HIS A 440 -9.86 -0.40 -22.34
C HIS A 440 -10.17 0.84 -23.17
N ASN A 441 -9.24 1.23 -24.06
CA ASN A 441 -9.43 2.31 -25.02
C ASN A 441 -9.88 3.60 -24.35
N MET A 442 -9.08 4.06 -23.38
CA MET A 442 -9.33 5.30 -22.67
C MET A 442 -8.07 6.14 -22.67
N PRO A 443 -8.15 7.42 -23.04
CA PRO A 443 -6.94 8.26 -23.05
C PRO A 443 -6.58 8.76 -21.66
N CYS A 444 -5.27 8.91 -21.45
CA CYS A 444 -4.72 9.41 -20.19
C CYS A 444 -3.31 9.89 -20.47
N ASP A 445 -2.95 11.05 -19.94
CA ASP A 445 -1.61 11.61 -20.14
C ASP A 445 -0.68 11.44 -18.95
N VAL A 446 -1.20 11.46 -17.72
CA VAL A 446 -0.36 11.51 -16.53
C VAL A 446 -0.90 10.55 -15.48
N ILE A 447 0.01 9.77 -14.88
CA ILE A 447 -0.28 8.97 -13.69
C ILE A 447 0.50 9.57 -12.53
N TRP A 448 -0.13 9.63 -11.35
CA TRP A 448 0.38 10.40 -10.22
C TRP A 448 0.87 9.48 -9.10
N LEU A 449 1.97 9.87 -8.47
CA LEU A 449 2.57 9.15 -7.34
C LEU A 449 2.41 10.00 -6.09
N ASP A 450 1.57 9.54 -5.17
CA ASP A 450 1.31 10.27 -3.93
C ASP A 450 2.40 9.92 -2.91
N ILE A 451 2.20 10.31 -1.65
CA ILE A 451 3.30 10.34 -0.70
C ILE A 451 3.88 8.96 -0.38
N GLU A 452 3.17 7.88 -0.67
CA GLU A 452 3.71 6.55 -0.35
C GLU A 452 4.78 6.09 -1.33
N HIS A 453 5.06 6.85 -2.39
CA HIS A 453 6.10 6.47 -3.33
C HIS A 453 7.49 6.76 -2.81
N ALA A 454 7.62 7.64 -1.82
CA ALA A 454 8.89 8.04 -1.25
C ALA A 454 9.26 7.13 -0.08
N ASP A 455 10.49 7.28 0.39
CA ASP A 455 11.00 6.52 1.54
C ASP A 455 10.50 7.18 2.81
N GLY A 456 9.40 6.66 3.36
CA GLY A 456 8.87 7.14 4.61
C GLY A 456 8.58 8.62 4.64
N LYS A 457 8.03 9.15 3.55
CA LYS A 457 7.69 10.58 3.42
C LYS A 457 8.93 11.47 3.58
N ARG A 458 10.08 10.96 3.16
CA ARG A 458 11.26 11.79 2.89
C ARG A 458 11.23 12.16 1.42
N TYR A 459 10.87 13.41 1.11
CA TYR A 459 10.66 13.79 -0.27
C TYR A 459 11.99 13.85 -1.03
N PHE A 460 11.87 13.79 -2.36
CA PHE A 460 12.97 13.60 -3.31
C PHE A 460 13.60 12.23 -3.23
N THR A 461 12.98 11.28 -2.52
CA THR A 461 13.48 9.91 -2.43
C THR A 461 12.44 8.94 -2.96
N TRP A 462 12.84 7.69 -3.08
CA TRP A 462 11.98 6.63 -3.59
C TRP A 462 12.03 5.45 -2.64
N ASP A 463 10.89 4.81 -2.44
CA ASP A 463 10.84 3.63 -1.57
C ASP A 463 11.64 2.49 -2.18
N PRO A 464 12.64 1.94 -1.48
CA PRO A 464 13.58 1.00 -2.12
C PRO A 464 12.96 -0.34 -2.49
N THR A 465 11.78 -0.66 -1.97
CA THR A 465 11.12 -1.92 -2.27
C THR A 465 10.05 -1.78 -3.34
N ARG A 466 9.20 -0.75 -3.22
CA ARG A 466 8.11 -0.57 -4.16
C ARG A 466 8.47 0.28 -5.37
N PHE A 467 9.48 1.14 -5.28
CA PHE A 467 9.95 1.93 -6.42
C PHE A 467 11.48 1.86 -6.52
N PRO A 468 12.03 0.66 -6.76
CA PRO A 468 13.50 0.53 -6.77
C PRO A 468 14.18 1.12 -8.00
N GLN A 469 13.49 1.19 -9.14
CA GLN A 469 14.08 1.63 -10.40
C GLN A 469 13.19 2.70 -11.04
N PRO A 470 13.13 3.90 -10.45
CA PRO A 470 12.21 4.92 -11.00
C PRO A 470 12.53 5.33 -12.43
N LEU A 471 13.81 5.34 -12.82
CA LEU A 471 14.15 5.70 -14.20
C LEU A 471 13.57 4.71 -15.19
N ASN A 472 13.63 3.41 -14.89
CA ASN A 472 13.04 2.42 -15.77
C ASN A 472 11.53 2.59 -15.85
N MET A 473 10.89 2.90 -14.74
CA MET A 473 9.45 3.15 -14.75
C MET A 473 9.12 4.37 -15.58
N LEU A 474 9.92 5.43 -15.47
CA LEU A 474 9.69 6.62 -16.28
C LEU A 474 9.98 6.35 -17.75
N GLU A 475 10.94 5.46 -18.04
CA GLU A 475 11.22 5.08 -19.42
C GLU A 475 10.07 4.29 -20.04
N HIS A 476 9.44 3.40 -19.26
CA HIS A 476 8.29 2.67 -19.78
CA HIS A 476 8.27 2.67 -19.75
C HIS A 476 7.13 3.62 -20.09
N LEU A 477 6.88 4.60 -19.22
CA LEU A 477 5.80 5.56 -19.49
C LEU A 477 6.13 6.45 -20.66
N ALA A 478 7.40 6.84 -20.80
CA ALA A 478 7.79 7.67 -21.94
C ALA A 478 7.60 6.93 -23.26
N SER A 479 7.79 5.60 -23.26
CA SER A 479 7.52 4.81 -24.45
C SER A 479 6.05 4.76 -24.80
N LYS A 480 5.17 4.97 -23.81
CA LYS A 480 3.75 5.16 -24.04
C LYS A 480 3.39 6.62 -24.26
N ARG A 481 4.39 7.51 -24.24
CA ARG A 481 4.18 8.95 -24.43
C ARG A 481 3.27 9.51 -23.35
N ARG A 482 3.52 9.07 -22.11
CA ARG A 482 2.79 9.55 -20.95
C ARG A 482 3.76 10.09 -19.92
N LYS A 483 3.22 10.86 -18.99
CA LYS A 483 4.01 11.54 -17.98
C LYS A 483 3.73 10.92 -16.62
N LEU A 484 4.50 11.37 -15.65
CA LEU A 484 4.30 10.99 -14.27
C LEU A 484 4.43 12.24 -13.41
N VAL A 485 3.66 12.30 -12.34
CA VAL A 485 3.74 13.40 -11.38
C VAL A 485 4.05 12.80 -10.02
N ALA A 486 5.09 13.33 -9.36
CA ALA A 486 5.47 12.93 -8.03
C ALA A 486 5.23 14.07 -7.06
N ILE A 487 4.74 13.73 -5.87
CA ILE A 487 4.44 14.74 -4.85
C ILE A 487 5.73 15.11 -4.12
N VAL A 488 5.89 16.41 -3.86
CA VAL A 488 7.00 16.95 -3.07
C VAL A 488 6.42 18.01 -2.15
N ASP A 489 6.35 17.72 -0.86
CA ASP A 489 5.78 18.62 0.13
C ASP A 489 6.87 19.47 0.76
N PRO A 490 6.53 20.63 1.33
CA PRO A 490 7.57 21.50 1.89
C PRO A 490 7.86 21.24 3.36
N HIS A 491 7.54 20.07 3.89
CA HIS A 491 7.99 19.70 5.23
C HIS A 491 9.05 18.62 5.12
N ILE A 492 10.13 18.78 5.87
CA ILE A 492 11.33 17.96 5.74
C ILE A 492 11.52 17.18 7.04
N LYS A 493 11.53 15.86 6.94
CA LYS A 493 11.67 15.01 8.12
C LYS A 493 12.95 15.34 8.87
N VAL A 494 12.85 15.47 10.18
CA VAL A 494 14.01 15.66 11.04
C VAL A 494 14.73 14.32 11.15
N ASP A 495 15.86 14.19 10.45
CA ASP A 495 16.49 12.88 10.26
C ASP A 495 17.92 13.14 9.79
N SER A 496 18.89 12.83 10.64
CA SER A 496 20.28 13.08 10.30
C SER A 496 20.76 12.21 9.14
N GLY A 497 20.04 11.14 8.82
CA GLY A 497 20.35 10.36 7.65
C GLY A 497 19.74 10.87 6.38
N TYR A 498 18.97 11.97 6.46
CA TYR A 498 18.24 12.52 5.33
C TYR A 498 19.04 13.71 4.80
N ARG A 499 19.56 13.57 3.58
CA ARG A 499 20.48 14.56 3.02
C ARG A 499 19.84 15.93 2.91
N VAL A 500 18.56 15.99 2.52
CA VAL A 500 17.88 17.28 2.38
C VAL A 500 17.83 18.02 3.71
N HIS A 501 17.47 17.31 4.78
CA HIS A 501 17.40 17.94 6.10
C HIS A 501 18.78 18.41 6.57
N GLU A 502 19.82 17.62 6.31
CA GLU A 502 21.16 18.01 6.74
C GLU A 502 21.64 19.26 6.03
N GLU A 503 21.39 19.37 4.72
CA GLU A 503 21.83 20.54 3.98
C GLU A 503 21.09 21.78 4.44
N LEU A 504 19.76 21.69 4.61
CA LEU A 504 19.00 22.86 5.03
C LEU A 504 19.35 23.27 6.45
N ARG A 505 19.61 22.29 7.33
CA ARG A 505 20.00 22.61 8.69
C ARG A 505 21.38 23.25 8.75
N ASN A 506 22.33 22.69 7.99
CA ASN A 506 23.70 23.20 8.02
C ASN A 506 23.81 24.58 7.38
N HIS A 507 22.90 24.92 6.47
CA HIS A 507 22.95 26.20 5.77
C HIS A 507 21.98 27.22 6.35
N GLY A 508 21.30 26.89 7.45
CA GLY A 508 20.41 27.83 8.10
C GLY A 508 19.22 28.27 7.27
N LEU A 509 18.67 27.37 6.45
CA LEU A 509 17.58 27.68 5.55
C LEU A 509 16.22 27.30 6.09
N TYR A 510 16.12 26.94 7.37
CA TYR A 510 14.86 26.57 8.00
C TYR A 510 14.20 27.76 8.67
N VAL A 511 12.87 27.73 8.74
CA VAL A 511 12.16 28.69 9.57
C VAL A 511 12.62 28.51 11.01
N LYS A 512 12.77 29.62 11.72
CA LYS A 512 13.33 29.62 13.06
C LYS A 512 12.29 30.08 14.06
N THR A 513 12.52 29.73 15.32
CA THR A 513 11.73 30.26 16.42
C THR A 513 12.43 31.49 17.02
N ARG A 514 11.75 32.14 17.96
CA ARG A 514 12.29 33.37 18.54
C ARG A 514 13.60 33.13 19.28
N ASP A 515 13.87 31.90 19.74
CA ASP A 515 15.11 31.61 20.43
C ASP A 515 16.25 31.25 19.48
N GLY A 516 16.02 31.31 18.17
CA GLY A 516 17.05 31.04 17.19
C GLY A 516 17.19 29.60 16.78
N SER A 517 16.36 28.70 17.29
CA SER A 517 16.43 27.31 16.87
C SER A 517 15.51 27.06 15.69
N ASP A 518 15.81 26.01 14.94
CA ASP A 518 14.96 25.64 13.81
C ASP A 518 13.62 25.14 14.32
N TYR A 519 12.55 25.68 13.75
CA TYR A 519 11.21 25.28 14.15
C TYR A 519 10.95 23.83 13.77
N GLU A 520 10.36 23.07 14.69
CA GLU A 520 10.02 21.68 14.43
C GLU A 520 8.54 21.48 14.74
N GLY A 521 7.80 20.96 13.78
CA GLY A 521 6.42 20.57 13.98
C GLY A 521 6.19 19.13 13.62
N TRP A 522 4.93 18.72 13.52
CA TRP A 522 4.58 17.35 13.21
C TRP A 522 3.80 17.31 11.89
N CYS A 523 4.18 16.39 11.01
CA CYS A 523 3.43 16.20 9.76
C CYS A 523 3.47 14.74 9.34
N TRP A 524 3.42 14.48 8.03
CA TRP A 524 3.41 13.09 7.56
C TRP A 524 4.58 12.25 8.03
N PRO A 525 5.84 12.70 7.97
CA PRO A 525 6.94 11.85 8.41
C PRO A 525 7.22 11.91 9.91
N GLY A 526 6.29 12.47 10.70
CA GLY A 526 6.54 12.72 12.10
C GLY A 526 7.13 14.10 12.32
N SER A 527 8.12 14.21 13.19
CA SER A 527 8.79 15.49 13.43
CA SER A 527 8.79 15.49 13.43
C SER A 527 9.39 16.01 12.13
N ALA A 528 9.19 17.29 11.86
CA ALA A 528 9.65 17.85 10.59
C ALA A 528 9.89 19.36 10.74
N SER A 529 10.84 19.85 9.94
CA SER A 529 11.11 21.28 9.86
C SER A 529 10.61 21.83 8.53
N TYR A 530 10.57 23.15 8.45
CA TYR A 530 9.94 23.86 7.34
C TYR A 530 10.92 24.82 6.71
N PRO A 531 11.35 24.61 5.48
CA PRO A 531 12.25 25.55 4.82
C PRO A 531 11.62 26.93 4.72
N ASP A 532 12.45 27.96 4.84
CA ASP A 532 12.00 29.35 4.79
C ASP A 532 11.95 29.79 3.34
N PHE A 533 10.84 29.51 2.69
CA PHE A 533 10.70 29.82 1.27
C PHE A 533 10.61 31.32 0.98
N THR A 534 10.42 32.17 2.00
CA THR A 534 10.58 33.60 1.79
C THR A 534 12.03 34.00 1.60
N ASN A 535 12.97 33.10 1.87
CA ASN A 535 14.39 33.39 1.69
C ASN A 535 14.78 33.06 0.26
N PRO A 536 15.21 34.04 -0.53
CA PRO A 536 15.55 33.75 -1.93
C PRO A 536 16.67 32.73 -2.07
N ARG A 537 17.58 32.65 -1.09
CA ARG A 537 18.60 31.61 -1.13
C ARG A 537 17.97 30.23 -0.93
N MET A 538 16.94 30.13 -0.10
CA MET A 538 16.25 28.85 0.08
CA MET A 538 16.26 28.85 0.07
C MET A 538 15.55 28.42 -1.20
N ARG A 539 14.90 29.37 -1.90
CA ARG A 539 14.21 29.03 -3.14
C ARG A 539 15.20 28.63 -4.23
N ALA A 540 16.36 29.28 -4.28
CA ALA A 540 17.39 28.88 -5.23
C ALA A 540 17.91 27.48 -4.91
N TRP A 541 18.08 27.18 -3.62
CA TRP A 541 18.45 25.83 -3.20
C TRP A 541 17.39 24.82 -3.63
N TRP A 542 16.12 25.12 -3.36
CA TRP A 542 15.03 24.24 -3.75
C TRP A 542 15.03 23.98 -5.25
N SER A 543 15.12 25.06 -6.04
CA SER A 543 15.11 24.91 -7.49
CA SER A 543 15.11 24.92 -7.49
C SER A 543 16.27 24.04 -7.97
N ASN A 544 17.44 24.19 -7.34
CA ASN A 544 18.59 23.40 -7.75
C ASN A 544 18.43 21.92 -7.39
N MET A 545 17.63 21.61 -6.36
CA MET A 545 17.40 20.23 -5.95
C MET A 545 16.64 19.44 -7.01
N PHE A 546 15.94 20.10 -7.92
CA PHE A 546 15.20 19.42 -8.97
C PHE A 546 16.04 19.14 -10.20
N SER A 547 17.34 19.44 -10.17
CA SER A 547 18.21 19.02 -11.26
C SER A 547 18.28 17.50 -11.30
N PHE A 548 18.50 16.96 -12.51
CA PHE A 548 18.53 15.52 -12.67
C PHE A 548 19.64 14.85 -11.89
N ASP A 549 20.70 15.58 -11.53
CA ASP A 549 21.76 15.02 -10.71
C ASP A 549 21.40 14.98 -9.23
N ASN A 550 20.63 15.96 -8.75
CA ASN A 550 20.27 16.02 -7.34
C ASN A 550 19.05 15.16 -7.03
N TYR A 551 17.99 15.30 -7.82
CA TYR A 551 16.78 14.50 -7.67
C TYR A 551 16.97 13.21 -8.46
N GLU A 552 17.71 12.28 -7.85
CA GLU A 552 18.04 11.03 -8.53
C GLU A 552 16.77 10.22 -8.80
N GLY A 553 16.71 9.63 -9.99
CA GLY A 553 15.53 8.91 -10.43
C GLY A 553 14.54 9.72 -11.22
N SER A 554 14.71 11.04 -11.31
CA SER A 554 13.81 11.88 -12.08
C SER A 554 14.26 11.97 -13.53
N ALA A 555 13.31 12.24 -14.41
CA ALA A 555 13.53 12.34 -15.85
C ALA A 555 12.66 13.46 -16.40
N PRO A 556 12.86 13.90 -17.65
CA PRO A 556 12.04 15.00 -18.19
C PRO A 556 10.54 14.75 -18.17
N ASN A 557 10.07 13.51 -18.16
CA ASN A 557 8.63 13.27 -18.10
C ASN A 557 8.12 13.08 -16.67
N LEU A 558 8.92 13.47 -15.66
CA LEU A 558 8.47 13.53 -14.28
CA LEU A 558 8.47 13.53 -14.28
C LEU A 558 8.16 14.97 -13.90
N TYR A 559 6.97 15.20 -13.37
CA TYR A 559 6.55 16.53 -12.93
C TYR A 559 6.14 16.46 -11.46
N VAL A 560 5.73 17.59 -10.90
CA VAL A 560 5.72 17.75 -9.45
C VAL A 560 4.38 18.28 -8.96
N TRP A 561 4.02 17.85 -7.75
CA TRP A 561 2.80 18.27 -7.05
C TRP A 561 3.23 18.79 -5.69
N ASN A 562 2.98 20.08 -5.43
CA ASN A 562 3.23 20.65 -4.12
C ASN A 562 1.94 20.61 -3.31
N ASP A 563 1.97 19.91 -2.18
CA ASP A 563 0.82 19.78 -1.31
C ASP A 563 1.22 20.22 0.09
N MET A 564 0.21 20.48 0.93
CA MET A 564 0.43 20.82 2.34
C MET A 564 1.30 22.05 2.51
N ASN A 565 1.33 22.94 1.51
CA ASN A 565 2.18 24.12 1.57
C ASN A 565 1.47 25.34 2.13
N GLU A 566 0.46 25.14 2.99
CA GLU A 566 -0.18 26.27 3.66
C GLU A 566 0.74 27.08 4.56
N PRO A 567 1.68 26.50 5.33
CA PRO A 567 2.06 25.10 5.52
C PRO A 567 1.17 24.39 6.52
N SER A 568 0.96 23.11 6.31
CA SER A 568 0.17 22.30 7.23
C SER A 568 1.09 21.76 8.32
N VAL A 569 0.73 22.00 9.58
CA VAL A 569 1.49 21.54 10.73
C VAL A 569 0.50 20.87 11.67
N PHE A 570 0.61 19.54 11.82
CA PHE A 570 -0.42 18.77 12.50
C PHE A 570 -0.58 19.19 13.96
N ASN A 571 0.49 19.60 14.61
CA ASN A 571 0.42 19.99 16.02
C ASN A 571 0.47 21.51 16.21
N GLY A 572 0.27 22.28 15.14
CA GLY A 572 0.30 23.71 15.23
C GLY A 572 -1.08 24.29 15.43
N PRO A 573 -1.16 25.59 15.75
CA PRO A 573 -2.47 26.24 15.93
C PRO A 573 -3.21 26.30 14.60
N GLU A 574 -4.44 25.79 14.60
CA GLU A 574 -5.28 25.71 13.40
C GLU A 574 -4.61 24.89 12.31
N VAL A 575 -3.77 23.94 12.73
CA VAL A 575 -3.01 23.04 11.87
C VAL A 575 -2.11 23.84 10.91
N THR A 576 -1.43 24.86 11.43
CA THR A 576 -0.46 25.57 10.62
C THR A 576 0.65 26.11 11.52
N MET A 577 1.53 26.93 10.95
CA MET A 577 2.72 27.42 11.63
CA MET A 577 2.72 27.40 11.65
C MET A 577 2.37 28.45 12.68
N LEU A 578 3.15 28.48 13.77
CA LEU A 578 2.95 29.47 14.82
C LEU A 578 3.14 30.89 14.29
N LYS A 579 2.33 31.81 14.80
CA LYS A 579 2.36 33.20 14.35
C LYS A 579 3.73 33.84 14.57
N ASP A 580 4.40 33.49 15.67
CA ASP A 580 5.63 34.16 16.06
C ASP A 580 6.88 33.39 15.62
N ALA A 581 6.73 32.46 14.69
CA ALA A 581 7.91 31.95 14.01
C ALA A 581 8.53 33.08 13.19
N VAL A 582 9.83 32.96 12.93
CA VAL A 582 10.61 34.05 12.34
C VAL A 582 11.14 33.59 10.99
N HIS A 583 11.02 34.47 10.01
CA HIS A 583 11.43 34.22 8.64
C HIS A 583 12.60 35.13 8.28
N TYR A 584 13.04 34.99 7.02
CA TYR A 584 14.10 35.81 6.46
C TYR A 584 13.84 37.29 6.70
N GLY A 585 14.91 38.01 7.07
CA GLY A 585 14.80 39.42 7.39
C GLY A 585 14.18 39.73 8.74
N GLY A 586 13.91 38.72 9.55
CA GLY A 586 13.31 38.94 10.85
C GLY A 586 11.81 39.07 10.86
N TRP A 587 11.15 38.99 9.71
CA TRP A 587 9.70 39.10 9.68
C TRP A 587 9.04 37.91 10.36
N GLU A 588 7.91 38.17 11.00
CA GLU A 588 7.17 37.11 11.67
C GLU A 588 6.36 36.31 10.65
N HIS A 589 5.99 35.09 11.06
CA HIS A 589 5.16 34.26 10.18
C HIS A 589 3.80 34.90 9.94
N ARG A 590 3.28 35.62 10.94
CA ARG A 590 2.00 36.29 10.78
C ARG A 590 2.06 37.34 9.67
N ASP A 591 3.25 37.86 9.35
CA ASP A 591 3.39 38.86 8.30
C ASP A 591 3.32 38.26 6.89
N ILE A 592 3.75 37.00 6.73
CA ILE A 592 3.99 36.45 5.41
C ILE A 592 3.08 35.28 5.06
N HIS A 593 2.20 34.85 5.99
CA HIS A 593 1.63 33.50 5.93
C HIS A 593 1.05 33.17 4.55
N ASN A 594 0.29 34.09 3.97
CA ASN A 594 -0.50 33.74 2.79
C ASN A 594 0.31 33.67 1.50
N ILE A 595 1.61 33.99 1.52
CA ILE A 595 2.45 33.77 0.35
C ILE A 595 3.45 32.64 0.54
N TYR A 596 3.40 31.92 1.67
CA TYR A 596 4.33 30.81 1.86
C TYR A 596 4.13 29.73 0.81
N GLY A 597 2.87 29.35 0.55
CA GLY A 597 2.61 28.36 -0.47
C GLY A 597 3.01 28.83 -1.86
N LEU A 598 2.74 30.10 -2.17
CA LEU A 598 3.14 30.67 -3.45
C LEU A 598 4.63 30.50 -3.67
N TYR A 599 5.44 30.77 -2.64
CA TYR A 599 6.88 30.62 -2.78
C TYR A 599 7.29 29.18 -3.05
N VAL A 600 6.57 28.22 -2.46
CA VAL A 600 6.83 26.81 -2.76
C VAL A 600 6.50 26.51 -4.22
N HIS A 601 5.31 26.94 -4.66
CA HIS A 601 4.90 26.78 -6.05
C HIS A 601 5.93 27.39 -7.00
N MET A 602 6.39 28.60 -6.68
CA MET A 602 7.33 29.32 -7.53
C MET A 602 8.66 28.61 -7.63
N ALA A 603 9.23 28.21 -6.48
CA ALA A 603 10.54 27.58 -6.47
C ALA A 603 10.51 26.24 -7.19
N THR A 604 9.41 25.50 -7.05
CA THR A 604 9.26 24.23 -7.75
C THR A 604 9.15 24.46 -9.26
N ALA A 605 8.29 25.38 -9.67
CA ALA A 605 8.15 25.66 -11.10
C ALA A 605 9.47 26.11 -11.71
N ASP A 606 10.21 26.96 -10.98
CA ASP A 606 11.55 27.36 -11.42
CA ASP A 606 11.54 27.35 -11.43
C ASP A 606 12.47 26.14 -11.55
N GLY A 607 12.38 25.21 -10.58
CA GLY A 607 13.23 24.04 -10.63
C GLY A 607 13.01 23.18 -11.86
N LEU A 608 11.75 23.02 -12.28
CA LEU A 608 11.48 22.25 -13.48
C LEU A 608 11.94 22.96 -14.75
N ILE A 609 12.04 24.29 -14.72
CA ILE A 609 12.57 25.02 -15.85
C ILE A 609 14.09 24.93 -15.89
N GLN A 610 14.74 25.05 -14.73
CA GLN A 610 16.20 25.07 -14.70
C GLN A 610 16.81 23.70 -14.96
N ARG A 611 16.15 22.62 -14.52
CA ARG A 611 16.69 21.28 -14.76
C ARG A 611 16.81 20.99 -16.25
N SER A 612 16.01 21.66 -17.09
CA SER A 612 16.04 21.46 -18.53
C SER A 612 16.94 22.46 -19.25
N GLY A 613 17.64 23.32 -18.51
CA GLY A 613 18.39 24.39 -19.13
C GLY A 613 17.55 25.54 -19.63
N GLY A 614 16.36 25.73 -19.06
CA GLY A 614 15.50 26.84 -19.40
C GLY A 614 14.59 26.63 -20.59
N ILE A 615 14.43 25.41 -21.08
CA ILE A 615 13.70 25.14 -22.30
C ILE A 615 12.29 24.64 -22.04
N GLU A 616 12.14 23.66 -21.13
CA GLU A 616 10.86 22.99 -20.94
C GLU A 616 9.94 23.83 -20.06
N ARG A 617 8.67 23.91 -20.45
CA ARG A 617 7.69 24.55 -19.58
C ARG A 617 7.38 23.63 -18.40
N PRO A 618 7.14 24.18 -17.22
CA PRO A 618 6.87 23.34 -16.05
C PRO A 618 5.41 22.93 -15.97
N PHE A 619 5.16 21.91 -15.15
CA PHE A 619 3.83 21.67 -14.61
C PHE A 619 3.95 21.40 -13.12
N VAL A 620 3.32 22.27 -12.32
CA VAL A 620 3.28 22.10 -10.88
C VAL A 620 1.85 22.36 -10.43
N LEU A 621 1.29 21.40 -9.69
CA LEU A 621 0.04 21.60 -8.99
C LEU A 621 0.34 22.04 -7.55
N SER A 622 -0.45 23.00 -7.05
CA SER A 622 -0.27 23.53 -5.72
C SER A 622 -1.62 23.60 -5.01
N ARG A 623 -1.62 23.35 -3.69
CA ARG A 623 -2.84 23.43 -2.91
C ARG A 623 -3.06 24.81 -2.30
N ALA A 624 -2.00 25.38 -1.73
CA ALA A 624 -2.05 26.73 -1.22
C ALA A 624 -1.63 27.70 -2.34
N PHE A 625 -2.16 28.92 -2.29
CA PHE A 625 -1.89 29.88 -3.35
C PHE A 625 -2.21 31.29 -2.85
N PHE A 626 -1.80 32.26 -3.66
CA PHE A 626 -2.01 33.67 -3.37
C PHE A 626 -2.14 34.40 -4.71
N SER A 627 -2.35 35.71 -4.65
CA SER A 627 -2.27 36.54 -5.84
C SER A 627 -0.93 36.31 -6.53
N GLY A 628 -0.98 36.02 -7.83
CA GLY A 628 0.20 35.73 -8.60
C GLY A 628 0.50 34.25 -8.80
N SER A 629 -0.20 33.36 -8.09
CA SER A 629 0.03 31.93 -8.23
C SER A 629 -0.29 31.41 -9.63
N GLN A 630 -1.12 32.15 -10.38
CA GLN A 630 -1.40 31.76 -11.76
C GLN A 630 -0.14 31.71 -12.62
N ARG A 631 0.92 32.42 -12.23
CA ARG A 631 2.16 32.43 -13.01
C ARG A 631 2.94 31.12 -12.90
N PHE A 632 2.56 30.22 -12.01
CA PHE A 632 3.40 29.05 -11.72
C PHE A 632 2.72 27.71 -11.96
N GLY A 633 1.46 27.70 -12.39
CA GLY A 633 0.84 26.44 -12.75
C GLY A 633 -0.62 26.29 -12.36
N ALA A 634 -0.97 25.16 -11.75
CA ALA A 634 -2.34 24.80 -11.44
C ALA A 634 -2.57 24.74 -9.94
N VAL A 635 -3.85 24.80 -9.57
CA VAL A 635 -4.30 24.56 -8.20
C VAL A 635 -5.56 23.70 -8.27
N TRP A 636 -5.92 23.12 -7.13
CA TRP A 636 -7.18 22.39 -7.01
C TRP A 636 -7.77 22.64 -5.63
N THR A 637 -9.07 22.32 -5.49
CA THR A 637 -9.84 22.71 -4.31
C THR A 637 -9.66 21.77 -3.12
N GLY A 638 -8.56 21.00 -3.07
CA GLY A 638 -8.25 20.24 -1.88
C GLY A 638 -9.11 19.00 -1.69
N ASP A 639 -9.36 18.67 -0.42
CA ASP A 639 -9.96 17.39 -0.06
C ASP A 639 -11.48 17.53 -0.05
N ASN A 640 -12.09 17.32 -1.22
CA ASN A 640 -13.54 17.31 -1.31
C ASN A 640 -14.07 15.90 -1.02
N THR A 641 -15.38 15.71 -1.17
CA THR A 641 -16.05 14.49 -0.75
C THR A 641 -16.92 13.93 -1.87
N ALA A 642 -16.97 12.60 -1.96
CA ALA A 642 -17.77 11.92 -2.98
C ALA A 642 -19.26 12.09 -2.75
N GLU A 643 -19.75 13.32 -2.81
CA GLU A 643 -21.16 13.60 -2.65
C GLU A 643 -21.62 14.54 -3.75
N TRP A 644 -22.93 14.51 -4.01
CA TRP A 644 -23.48 15.25 -5.13
C TRP A 644 -23.33 16.75 -4.95
N ASP A 645 -23.45 17.24 -3.72
CA ASP A 645 -23.30 18.67 -3.49
CA ASP A 645 -23.30 18.67 -3.48
C ASP A 645 -21.87 19.13 -3.72
N HIS A 646 -20.89 18.26 -3.46
CA HIS A 646 -19.50 18.61 -3.75
C HIS A 646 -19.23 18.64 -5.24
N LEU A 647 -19.95 17.82 -6.01
CA LEU A 647 -19.89 17.93 -7.47
C LEU A 647 -20.40 19.29 -7.93
N LYS A 648 -21.55 19.72 -7.40
CA LYS A 648 -22.12 21.00 -7.81
C LYS A 648 -21.17 22.15 -7.50
N ILE A 649 -20.56 22.15 -6.31
CA ILE A 649 -19.79 23.30 -5.87
C ILE A 649 -18.45 23.42 -6.57
N SER A 650 -18.05 22.44 -7.38
CA SER A 650 -16.80 22.59 -8.13
C SER A 650 -16.88 23.76 -9.11
N ILE A 651 -18.08 24.04 -9.63
CA ILE A 651 -18.29 25.11 -10.60
C ILE A 651 -18.12 26.49 -9.95
N PRO A 652 -18.85 26.85 -8.89
CA PRO A 652 -18.63 28.19 -8.30
C PRO A 652 -17.25 28.35 -7.69
N MET A 653 -16.61 27.28 -7.24
CA MET A 653 -15.28 27.42 -6.64
C MET A 653 -14.22 27.72 -7.69
N CYS A 654 -14.22 26.96 -8.80
CA CYS A 654 -13.25 27.23 -9.85
C CYS A 654 -13.60 28.50 -10.61
N LEU A 655 -14.88 28.87 -10.67
CA LEU A 655 -15.27 30.15 -11.26
C LEU A 655 -14.78 31.31 -10.40
N SER A 656 -14.85 31.18 -9.08
CA SER A 656 -14.33 32.24 -8.22
C SER A 656 -12.82 32.38 -8.38
N LEU A 657 -12.12 31.28 -8.65
CA LEU A 657 -10.68 31.36 -8.93
C LEU A 657 -10.42 31.94 -10.31
N ALA A 658 -11.26 31.60 -11.29
CA ALA A 658 -11.07 32.10 -12.64
C ALA A 658 -11.17 33.62 -12.67
N LEU A 659 -12.12 34.18 -11.91
CA LEU A 659 -12.33 35.62 -11.90
C LEU A 659 -11.16 36.39 -11.32
N VAL A 660 -10.29 35.75 -10.55
CA VAL A 660 -9.16 36.42 -9.93
C VAL A 660 -7.83 35.93 -10.49
N GLY A 661 -7.84 35.38 -11.71
CA GLY A 661 -6.65 35.09 -12.46
C GLY A 661 -6.22 33.63 -12.50
N LEU A 662 -6.76 32.80 -11.61
CA LEU A 662 -6.33 31.40 -11.51
C LEU A 662 -7.22 30.56 -12.42
N SER A 663 -6.81 30.42 -13.68
CA SER A 663 -7.59 29.68 -14.66
C SER A 663 -7.34 28.18 -14.63
N PHE A 664 -6.23 27.72 -14.06
CA PHE A 664 -5.87 26.30 -14.09
C PHE A 664 -6.36 25.62 -12.82
N CYS A 665 -7.69 25.56 -12.70
CA CYS A 665 -8.38 25.09 -11.50
C CYS A 665 -9.16 23.81 -11.79
N GLY A 666 -9.35 23.02 -10.75
CA GLY A 666 -10.16 21.81 -10.84
C GLY A 666 -10.46 21.27 -9.46
N ALA A 667 -11.30 20.23 -9.43
CA ALA A 667 -11.63 19.54 -8.19
C ALA A 667 -11.49 18.04 -8.42
N ASP A 668 -11.14 17.32 -7.34
CA ASP A 668 -10.95 15.88 -7.43
C ASP A 668 -12.18 15.19 -8.01
N VAL A 669 -11.99 14.52 -9.14
CA VAL A 669 -13.09 13.86 -9.84
C VAL A 669 -13.49 12.61 -9.08
N GLY A 670 -14.76 12.55 -8.68
CA GLY A 670 -15.25 11.48 -7.83
C GLY A 670 -15.21 11.78 -6.35
N GLY A 671 -14.54 12.87 -5.95
CA GLY A 671 -14.41 13.20 -4.55
C GLY A 671 -13.23 12.50 -3.90
N PHE A 672 -12.48 13.23 -3.08
CA PHE A 672 -11.35 12.65 -2.37
C PHE A 672 -11.81 11.70 -1.27
N PHE A 673 -12.66 12.18 -0.37
CA PHE A 673 -13.18 11.34 0.70
C PHE A 673 -14.33 10.48 0.19
N LYS A 674 -14.41 9.25 0.73
CA LYS A 674 -15.53 8.34 0.54
C LYS A 674 -15.57 7.75 -0.86
N ASN A 675 -16.51 6.82 -1.08
CA ASN A 675 -16.62 6.06 -2.32
C ASN A 675 -17.86 6.53 -3.07
N PRO A 676 -17.72 7.05 -4.29
CA PRO A 676 -18.90 7.51 -5.02
C PRO A 676 -19.65 6.35 -5.67
N GLU A 677 -20.97 6.48 -5.71
CA GLU A 677 -21.78 5.55 -6.47
C GLU A 677 -21.42 5.65 -7.95
N PRO A 678 -21.59 4.57 -8.71
CA PRO A 678 -21.15 4.60 -10.12
C PRO A 678 -21.74 5.74 -10.93
N GLU A 679 -23.01 6.08 -10.70
CA GLU A 679 -23.63 7.18 -11.42
C GLU A 679 -22.98 8.52 -11.06
N LEU A 680 -22.64 8.70 -9.78
CA LEU A 680 -21.99 9.94 -9.37
C LEU A 680 -20.59 10.06 -10.00
N LEU A 681 -19.87 8.95 -10.08
CA LEU A 681 -18.54 8.98 -10.70
C LEU A 681 -18.63 9.36 -12.17
N VAL A 682 -19.66 8.86 -12.86
CA VAL A 682 -19.85 9.21 -14.27
C VAL A 682 -20.14 10.70 -14.40
N ARG A 683 -21.08 11.21 -13.61
CA ARG A 683 -21.41 12.63 -13.69
C ARG A 683 -20.22 13.50 -13.33
N TRP A 684 -19.29 12.98 -12.53
CA TRP A 684 -18.12 13.77 -12.17
C TRP A 684 -17.09 13.80 -13.30
N TYR A 685 -16.95 12.69 -14.04
CA TYR A 685 -16.07 12.71 -15.20
C TYR A 685 -16.59 13.64 -16.28
N GLN A 686 -17.92 13.69 -16.46
CA GLN A 686 -18.49 14.61 -17.44
C GLN A 686 -18.27 16.06 -17.01
N MET A 687 -18.47 16.35 -15.72
CA MET A 687 -18.16 17.67 -15.17
C MET A 687 -16.68 17.98 -15.33
N GLY A 688 -15.82 17.09 -14.86
CA GLY A 688 -14.38 17.34 -14.91
C GLY A 688 -13.85 17.46 -16.32
N ALA A 689 -14.43 16.73 -17.26
CA ALA A 689 -13.98 16.77 -18.66
C ALA A 689 -14.11 18.17 -19.24
N TYR A 690 -15.00 19.01 -18.69
CA TYR A 690 -15.17 20.39 -19.15
C TYR A 690 -14.66 21.41 -18.12
N GLN A 691 -13.75 21.01 -17.24
CA GLN A 691 -13.09 21.94 -16.35
C GLN A 691 -11.58 21.95 -16.61
N PRO A 692 -10.89 23.05 -16.30
CA PRO A 692 -9.49 23.19 -16.74
C PRO A 692 -8.54 22.09 -16.26
N PHE A 693 -8.41 21.91 -14.95
CA PHE A 693 -7.53 20.87 -14.41
C PHE A 693 -8.37 19.61 -14.17
N PHE A 694 -8.02 18.53 -14.86
CA PHE A 694 -8.85 17.33 -15.00
C PHE A 694 -8.10 16.14 -14.38
N ARG A 695 -8.38 15.88 -13.09
CA ARG A 695 -7.68 14.84 -12.36
C ARG A 695 -8.65 14.07 -11.47
N ALA A 696 -8.60 12.75 -11.55
CA ALA A 696 -9.28 11.88 -10.61
C ALA A 696 -8.31 11.52 -9.48
N HIS A 697 -8.78 11.66 -8.23
CA HIS A 697 -7.97 11.45 -7.05
C HIS A 697 -8.85 10.84 -5.95
N ALA A 698 -8.21 10.18 -4.99
CA ALA A 698 -8.96 9.36 -4.04
C ALA A 698 -8.17 9.15 -2.75
N HIS A 699 -8.91 9.00 -1.65
CA HIS A 699 -8.34 8.80 -0.31
C HIS A 699 -7.73 7.40 -0.19
N LEU A 700 -6.82 7.26 0.80
CA LEU A 700 -6.09 6.01 0.99
C LEU A 700 -7.02 4.82 1.19
N ASP A 701 -8.13 5.01 1.91
CA ASP A 701 -9.01 3.91 2.29
C ASP A 701 -10.19 3.73 1.33
N THR A 702 -10.25 4.49 0.24
CA THR A 702 -11.30 4.30 -0.75
C THR A 702 -11.01 3.09 -1.62
N GLY A 703 -12.08 2.54 -2.20
CA GLY A 703 -11.90 1.49 -3.18
C GLY A 703 -11.28 2.02 -4.47
N ARG A 704 -10.56 1.15 -5.17
CA ARG A 704 -10.02 1.52 -6.46
C ARG A 704 -11.15 1.91 -7.42
N ARG A 705 -11.00 3.06 -8.08
CA ARG A 705 -12.02 3.51 -9.02
C ARG A 705 -11.40 3.98 -10.33
N GLU A 706 -10.38 3.29 -10.81
CA GLU A 706 -9.95 3.50 -12.17
C GLU A 706 -11.14 3.25 -13.12
N PRO A 707 -11.27 4.05 -14.18
CA PRO A 707 -12.57 4.12 -14.89
C PRO A 707 -13.01 2.81 -15.56
N TRP A 708 -12.12 1.85 -15.78
CA TRP A 708 -12.51 0.59 -16.40
C TRP A 708 -12.97 -0.47 -15.41
N LEU A 709 -12.99 -0.16 -14.11
CA LEU A 709 -13.45 -1.13 -13.10
C LEU A 709 -14.96 -1.10 -12.92
N LEU A 710 -15.67 -0.22 -13.61
CA LEU A 710 -17.11 -0.14 -13.51
C LEU A 710 -17.78 -1.00 -14.58
N ALA A 711 -19.09 -1.19 -14.42
CA ALA A 711 -19.86 -1.94 -15.41
C ALA A 711 -19.83 -1.24 -16.76
N SER A 712 -20.03 -2.04 -17.82
CA SER A 712 -19.82 -1.56 -19.19
C SER A 712 -20.59 -0.28 -19.49
N GLN A 713 -21.80 -0.13 -18.95
CA GLN A 713 -22.59 1.06 -19.24
C GLN A 713 -21.92 2.32 -18.68
N TYR A 714 -21.34 2.22 -17.48
CA TYR A 714 -20.63 3.35 -16.89
C TYR A 714 -19.27 3.59 -17.53
N GLN A 715 -18.58 2.53 -17.94
CA GLN A 715 -17.33 2.69 -18.67
C GLN A 715 -17.52 3.48 -19.95
N ASP A 716 -18.60 3.18 -20.69
CA ASP A 716 -18.80 3.83 -21.99
C ASP A 716 -19.05 5.31 -21.84
N ALA A 717 -19.87 5.71 -20.85
CA ALA A 717 -20.12 7.13 -20.63
C ALA A 717 -18.87 7.86 -20.16
N ILE A 718 -18.00 7.20 -19.40
CA ILE A 718 -16.76 7.83 -18.96
C ILE A 718 -15.78 7.93 -20.13
N ARG A 719 -15.70 6.88 -20.96
CA ARG A 719 -14.89 6.94 -22.16
C ARG A 719 -15.36 8.05 -23.09
N ASP A 720 -16.67 8.14 -23.31
CA ASP A 720 -17.24 9.24 -24.10
C ASP A 720 -16.79 10.60 -23.58
N ALA A 721 -16.82 10.79 -22.26
CA ALA A 721 -16.39 12.07 -21.70
C ALA A 721 -14.91 12.31 -21.93
N LEU A 722 -14.09 11.26 -21.82
CA LEU A 722 -12.66 11.42 -22.06
C LEU A 722 -12.38 11.77 -23.51
N PHE A 723 -13.10 11.14 -24.44
CA PHE A 723 -12.92 11.45 -25.86
C PHE A 723 -13.27 12.90 -26.16
N GLN A 724 -14.36 13.41 -25.58
CA GLN A 724 -14.74 14.79 -25.81
C GLN A 724 -13.67 15.76 -25.32
N ARG A 725 -13.08 15.47 -24.16
CA ARG A 725 -12.02 16.33 -23.63
C ARG A 725 -10.80 16.33 -24.55
N TYR A 726 -10.35 15.15 -24.96
CA TYR A 726 -9.17 15.06 -25.81
C TYR A 726 -9.43 15.68 -27.19
N SER A 727 -10.63 15.50 -27.74
CA SER A 727 -10.97 16.15 -28.99
C SER A 727 -10.92 17.67 -28.89
N LEU A 728 -11.21 18.22 -27.72
CA LEU A 728 -11.25 19.67 -27.53
C LEU A 728 -9.92 20.27 -27.09
N LEU A 729 -8.85 19.48 -27.07
CA LEU A 729 -7.55 20.02 -26.66
C LEU A 729 -7.09 21.23 -27.47
N PRO A 730 -7.23 21.28 -28.80
CA PRO A 730 -6.83 22.52 -29.51
C PRO A 730 -7.61 23.73 -29.05
N PHE A 731 -8.87 23.55 -28.70
CA PHE A 731 -9.70 24.64 -28.19
C PHE A 731 -9.23 25.07 -26.81
N TRP A 732 -9.01 24.10 -25.90
CA TRP A 732 -8.48 24.41 -24.58
C TRP A 732 -7.13 25.11 -24.67
N TYR A 733 -6.24 24.58 -25.52
CA TYR A 733 -4.90 25.15 -25.67
C TYR A 733 -4.97 26.60 -26.10
N THR A 734 -5.89 26.93 -27.00
CA THR A 734 -6.05 28.30 -27.46
C THR A 734 -6.58 29.20 -26.35
N LEU A 735 -7.57 28.71 -25.58
CA LEU A 735 -8.11 29.51 -24.48
C LEU A 735 -7.02 29.84 -23.45
N PHE A 736 -6.15 28.87 -23.17
CA PHE A 736 -5.07 29.12 -22.22
C PHE A 736 -4.00 30.03 -22.80
N TYR A 737 -3.80 30.00 -24.13
CA TYR A 737 -2.90 30.97 -24.75
C TYR A 737 -3.49 32.38 -24.64
N GLN A 738 -4.80 32.51 -24.83
CA GLN A 738 -5.45 33.81 -24.66
C GLN A 738 -5.37 34.28 -23.21
N ALA A 739 -5.55 33.36 -22.24
CA ALA A 739 -5.36 33.72 -20.83
C ALA A 739 -3.94 34.15 -20.55
N HIS A 740 -2.97 33.50 -21.21
CA HIS A 740 -1.56 33.77 -20.98
C HIS A 740 -1.17 35.14 -21.54
N LYS A 741 -1.76 35.54 -22.67
CA LYS A 741 -1.39 36.78 -23.33
C LYS A 741 -2.21 37.97 -22.87
N GLU A 742 -3.48 37.76 -22.53
CA GLU A 742 -4.41 38.85 -22.23
C GLU A 742 -4.83 38.91 -20.77
N GLY A 743 -4.80 37.78 -20.06
CA GLY A 743 -5.29 37.73 -18.70
C GLY A 743 -6.76 37.41 -18.57
N PHE A 744 -7.40 36.88 -19.62
CA PHE A 744 -8.83 36.55 -19.63
C PHE A 744 -9.03 35.13 -19.12
N PRO A 745 -9.98 34.90 -18.22
CA PRO A 745 -10.18 33.54 -17.69
C PRO A 745 -10.69 32.58 -18.76
N VAL A 746 -10.31 31.31 -18.58
CA VAL A 746 -10.76 30.24 -19.49
C VAL A 746 -12.20 29.85 -19.17
N MET A 747 -12.45 29.44 -17.93
CA MET A 747 -13.79 29.10 -17.46
C MET A 747 -14.47 30.38 -16.96
N ARG A 748 -15.67 30.65 -17.48
CA ARG A 748 -16.27 31.96 -17.26
C ARG A 748 -17.70 31.84 -16.77
N PRO A 749 -18.11 32.68 -15.83
CA PRO A 749 -19.54 32.79 -15.50
C PRO A 749 -20.31 33.36 -16.68
N LEU A 750 -21.60 33.06 -16.71
CA LEU A 750 -22.43 33.55 -17.81
C LEU A 750 -22.52 35.07 -17.81
N TRP A 751 -22.36 35.71 -16.65
CA TRP A 751 -22.49 37.16 -16.64
C TRP A 751 -21.28 37.86 -17.26
N VAL A 752 -20.14 37.16 -17.37
CA VAL A 752 -18.97 37.76 -18.02
C VAL A 752 -19.22 37.95 -19.51
N GLN A 753 -19.92 37.01 -20.15
CA GLN A 753 -20.28 37.16 -21.54
C GLN A 753 -21.56 37.95 -21.76
N TYR A 754 -22.43 38.02 -20.74
CA TYR A 754 -23.70 38.72 -20.84
C TYR A 754 -23.84 39.66 -19.65
N PRO A 755 -23.09 40.77 -19.66
CA PRO A 755 -23.05 41.66 -18.49
C PRO A 755 -24.35 42.42 -18.24
N GLU A 756 -25.28 42.43 -19.19
CA GLU A 756 -26.53 43.16 -19.03
C GLU A 756 -27.73 42.26 -18.77
N ASP A 757 -27.53 40.94 -18.72
CA ASP A 757 -28.62 40.01 -18.44
C ASP A 757 -28.55 39.68 -16.95
N MET A 758 -29.30 40.44 -16.16
CA MET A 758 -29.23 40.33 -14.70
C MET A 758 -29.72 38.99 -14.18
N SER A 759 -30.38 38.18 -15.00
CA SER A 759 -30.75 36.84 -14.57
C SER A 759 -29.57 35.88 -14.55
N THR A 760 -28.41 36.30 -15.05
CA THR A 760 -27.20 35.48 -15.04
C THR A 760 -26.25 35.84 -13.91
N PHE A 761 -26.52 36.90 -13.15
CA PHE A 761 -25.53 37.42 -12.21
C PHE A 761 -25.17 36.42 -11.11
N SER A 762 -26.02 35.42 -10.86
CA SER A 762 -25.78 34.46 -9.78
C SER A 762 -25.69 33.02 -10.26
N ILE A 763 -25.72 32.78 -11.58
CA ILE A 763 -25.77 31.42 -12.08
C ILE A 763 -24.48 30.69 -11.75
N GLU A 764 -24.61 29.46 -11.24
CA GLU A 764 -23.45 28.67 -10.86
C GLU A 764 -23.63 27.18 -11.13
N ASP A 765 -24.73 26.77 -11.74
CA ASP A 765 -24.88 25.42 -12.25
C ASP A 765 -24.59 25.36 -13.74
N GLN A 766 -24.00 26.41 -14.29
CA GLN A 766 -23.81 26.59 -15.72
C GLN A 766 -22.56 27.44 -15.89
N PHE A 767 -21.79 27.17 -16.94
CA PHE A 767 -20.59 27.97 -17.16
C PHE A 767 -20.23 27.92 -18.63
N MET A 768 -19.35 28.83 -19.02
CA MET A 768 -18.89 28.93 -20.40
C MET A 768 -17.38 28.75 -20.46
N LEU A 769 -16.91 28.24 -21.59
CA LEU A 769 -15.50 28.10 -21.90
C LEU A 769 -15.19 29.10 -23.03
N GLY A 770 -14.42 30.13 -22.72
CA GLY A 770 -14.29 31.22 -23.66
C GLY A 770 -15.65 31.82 -23.93
N ASP A 771 -15.88 32.24 -25.17
CA ASP A 771 -17.18 32.73 -25.59
C ASP A 771 -17.95 31.73 -26.44
N ALA A 772 -17.43 30.51 -26.60
CA ALA A 772 -17.92 29.58 -27.62
C ALA A 772 -18.81 28.47 -27.06
N LEU A 773 -18.50 27.93 -25.89
CA LEU A 773 -19.19 26.74 -25.39
C LEU A 773 -19.88 27.04 -24.07
N LEU A 774 -21.17 26.74 -24.00
CA LEU A 774 -21.94 26.82 -22.76
C LEU A 774 -22.16 25.40 -22.25
N ILE A 775 -21.76 25.16 -21.00
CA ILE A 775 -21.77 23.83 -20.40
C ILE A 775 -22.76 23.82 -19.24
N HIS A 776 -23.59 22.78 -19.18
CA HIS A 776 -24.49 22.57 -18.04
C HIS A 776 -24.50 21.09 -17.67
N PRO A 777 -23.49 20.65 -16.92
CA PRO A 777 -23.41 19.22 -16.57
C PRO A 777 -24.55 18.79 -15.67
N VAL A 778 -24.94 17.52 -15.81
CA VAL A 778 -25.96 16.97 -14.92
C VAL A 778 -25.34 16.71 -13.56
N SER A 779 -25.96 17.26 -12.51
CA SER A 779 -25.44 17.20 -11.16
C SER A 779 -26.52 16.76 -10.17
N ASP A 780 -27.39 15.85 -10.58
CA ASP A 780 -28.41 15.31 -9.69
C ASP A 780 -28.59 13.84 -10.00
N ALA A 781 -28.63 13.01 -8.95
CA ALA A 781 -28.82 11.57 -9.13
C ALA A 781 -30.18 11.29 -9.76
N GLY A 782 -30.20 10.44 -10.77
CA GLY A 782 -31.45 10.05 -11.38
C GLY A 782 -32.17 11.12 -12.16
N ALA A 783 -31.48 12.19 -12.53
CA ALA A 783 -32.10 13.28 -13.27
C ALA A 783 -32.53 12.81 -14.66
N HIS A 784 -33.66 13.34 -15.14
CA HIS A 784 -34.15 13.05 -16.47
C HIS A 784 -34.09 14.26 -17.39
N GLY A 785 -33.70 15.41 -16.87
CA GLY A 785 -33.57 16.59 -17.69
C GLY A 785 -32.90 17.69 -16.89
N VAL A 786 -32.40 18.69 -17.61
CA VAL A 786 -31.80 19.87 -17.02
C VAL A 786 -32.44 21.12 -17.59
N GLN A 787 -32.49 22.17 -16.79
CA GLN A 787 -32.95 23.48 -17.24
C GLN A 787 -31.74 24.27 -17.67
N VAL A 788 -31.57 24.44 -18.99
CA VAL A 788 -30.43 25.16 -19.54
C VAL A 788 -30.89 26.55 -19.94
N TYR A 789 -30.29 27.57 -19.34
CA TYR A 789 -30.56 28.94 -19.73
C TYR A 789 -29.63 29.31 -20.88
N LEU A 790 -30.21 29.50 -22.07
CA LEU A 790 -29.47 29.95 -23.24
C LEU A 790 -29.65 31.45 -23.38
N PRO A 791 -28.70 32.27 -22.98
CA PRO A 791 -28.90 33.72 -22.92
C PRO A 791 -28.62 34.37 -24.27
N GLY A 792 -28.80 35.69 -24.30
CA GLY A 792 -28.45 36.49 -25.45
C GLY A 792 -29.60 36.89 -26.35
N GLN A 793 -29.83 38.19 -26.49
CA GLN A 793 -30.75 38.67 -27.51
C GLN A 793 -30.09 38.56 -28.89
N GLU A 794 -30.88 38.13 -29.87
CA GLU A 794 -30.39 37.90 -31.24
C GLU A 794 -29.32 36.80 -31.27
N GLU A 795 -29.27 35.95 -30.23
CA GLU A 795 -28.25 34.93 -30.07
C GLU A 795 -28.84 33.55 -30.41
N VAL A 796 -28.03 32.69 -31.03
CA VAL A 796 -28.41 31.32 -31.30
C VAL A 796 -27.39 30.38 -30.67
N TRP A 797 -27.85 29.19 -30.33
CA TRP A 797 -27.04 28.16 -29.70
C TRP A 797 -27.30 26.82 -30.39
N TYR A 798 -26.24 26.05 -30.60
CA TYR A 798 -26.35 24.74 -31.23
C TYR A 798 -26.03 23.66 -30.21
N ASP A 799 -26.99 22.77 -29.97
CA ASP A 799 -26.73 21.54 -29.23
C ASP A 799 -25.68 20.73 -29.99
N ILE A 800 -24.48 20.59 -29.43
CA ILE A 800 -23.39 19.99 -30.18
C ILE A 800 -23.56 18.50 -30.41
N GLN A 801 -24.55 17.88 -29.75
CA GLN A 801 -24.80 16.46 -29.94
C GLN A 801 -25.83 16.19 -31.03
N SER A 802 -26.91 16.97 -31.07
CA SER A 802 -27.97 16.80 -32.05
C SER A 802 -27.90 17.83 -33.17
N TYR A 803 -27.12 18.89 -33.00
CA TYR A 803 -26.97 20.01 -33.94
C TYR A 803 -28.24 20.84 -34.00
N GLN A 804 -29.17 20.65 -33.07
CA GLN A 804 -30.38 21.45 -33.03
C GLN A 804 -30.06 22.88 -32.64
N LYS A 805 -30.67 23.83 -33.33
CA LYS A 805 -30.43 25.26 -33.10
C LYS A 805 -31.52 25.83 -32.19
N HIS A 806 -31.12 26.61 -31.19
CA HIS A 806 -32.03 27.20 -30.25
C HIS A 806 -31.78 28.71 -30.13
N HIS A 807 -32.87 29.48 -30.09
CA HIS A 807 -32.81 30.93 -30.04
C HIS A 807 -32.85 31.41 -28.60
N GLY A 808 -31.95 32.35 -28.26
CA GLY A 808 -31.93 32.93 -26.94
C GLY A 808 -32.64 34.27 -26.94
N PRO A 809 -33.11 34.72 -25.75
CA PRO A 809 -33.00 34.00 -24.48
C PRO A 809 -34.17 33.05 -24.21
N GLN A 810 -33.90 31.95 -23.52
CA GLN A 810 -34.91 30.99 -23.12
C GLN A 810 -34.31 30.05 -22.09
N THR A 811 -35.17 29.38 -21.34
CA THR A 811 -34.77 28.30 -20.46
C THR A 811 -35.27 27.01 -21.09
N LEU A 812 -34.34 26.19 -21.59
CA LEU A 812 -34.67 24.99 -22.33
C LEU A 812 -34.59 23.78 -21.41
N TYR A 813 -35.65 22.98 -21.39
CA TYR A 813 -35.63 21.70 -20.71
C TYR A 813 -35.11 20.65 -21.68
N LEU A 814 -33.94 20.07 -21.38
CA LEU A 814 -33.31 19.11 -22.26
C LEU A 814 -33.28 17.75 -21.58
N PRO A 815 -33.94 16.73 -22.14
CA PRO A 815 -33.83 15.39 -21.56
C PRO A 815 -32.41 14.87 -21.66
N VAL A 816 -32.01 14.10 -20.64
CA VAL A 816 -30.66 13.57 -20.54
C VAL A 816 -30.72 12.09 -20.23
N THR A 817 -29.69 11.36 -20.66
CA THR A 817 -29.43 10.00 -20.22
C THR A 817 -28.10 9.98 -19.47
N LEU A 818 -27.60 8.79 -19.17
CA LEU A 818 -26.35 8.68 -18.44
C LEU A 818 -25.17 9.19 -19.25
N SER A 819 -25.26 9.15 -20.59
CA SER A 819 -24.18 9.57 -21.47
C SER A 819 -24.30 11.01 -21.92
N SER A 820 -25.24 11.78 -21.38
CA SER A 820 -25.48 13.15 -21.82
C SER A 820 -24.58 14.14 -21.07
N ILE A 821 -23.92 15.00 -21.83
CA ILE A 821 -23.25 16.17 -21.30
C ILE A 821 -23.81 17.40 -22.02
N PRO A 822 -24.76 18.12 -21.42
CA PRO A 822 -25.39 19.25 -22.10
C PRO A 822 -24.39 20.34 -22.46
N VAL A 823 -24.01 20.40 -23.74
CA VAL A 823 -23.03 21.36 -24.24
C VAL A 823 -23.60 22.04 -25.47
N PHE A 824 -23.48 23.37 -25.52
CA PHE A 824 -24.01 24.17 -26.62
C PHE A 824 -22.92 25.08 -27.16
N GLN A 825 -22.85 25.19 -28.48
CA GLN A 825 -21.91 26.10 -29.13
C GLN A 825 -22.64 27.37 -29.54
N ARG A 826 -22.04 28.52 -29.23
CA ARG A 826 -22.66 29.80 -29.54
C ARG A 826 -22.55 30.09 -31.04
N GLY A 827 -23.63 30.61 -31.60
CA GLY A 827 -23.59 31.07 -32.98
C GLY A 827 -22.55 32.15 -33.15
N GLY A 828 -21.84 32.10 -34.28
CA GLY A 828 -20.79 33.05 -34.54
C GLY A 828 -19.41 32.66 -34.04
N THR A 829 -19.21 31.39 -33.70
CA THR A 829 -17.93 30.91 -33.21
C THR A 829 -17.44 29.75 -34.05
N ILE A 830 -16.13 29.53 -34.04
CA ILE A 830 -15.49 28.42 -34.72
C ILE A 830 -14.60 27.71 -33.71
N VAL A 831 -14.85 26.42 -33.51
CA VAL A 831 -14.17 25.64 -32.48
C VAL A 831 -13.32 24.59 -33.17
N PRO A 832 -12.00 24.55 -32.94
CA PRO A 832 -11.17 23.53 -33.56
C PRO A 832 -11.04 22.29 -32.67
N ARG A 833 -11.06 21.13 -33.31
CA ARG A 833 -11.02 19.86 -32.61
C ARG A 833 -10.05 18.90 -33.30
N TRP A 834 -9.50 17.98 -32.51
CA TRP A 834 -8.77 16.81 -32.99
C TRP A 834 -9.71 15.61 -32.89
N MET A 835 -10.33 15.23 -34.00
CA MET A 835 -11.29 14.13 -33.98
C MET A 835 -10.62 12.77 -33.99
N ARG A 836 -9.29 12.70 -34.02
CA ARG A 836 -8.57 11.43 -33.94
C ARG A 836 -8.05 11.27 -32.52
N VAL A 837 -8.89 10.74 -31.64
CA VAL A 837 -8.52 10.54 -30.25
C VAL A 837 -7.53 9.39 -30.16
N ARG A 838 -6.36 9.65 -29.58
CA ARG A 838 -5.34 8.65 -29.32
C ARG A 838 -5.17 8.48 -27.80
N ARG A 839 -4.14 7.74 -27.41
CA ARG A 839 -3.99 7.37 -26.00
C ARG A 839 -3.46 8.51 -25.14
N SER A 840 -2.81 9.51 -25.74
CA SER A 840 -2.30 10.65 -24.99
C SER A 840 -2.14 11.81 -25.96
N SER A 841 -2.02 13.02 -25.39
CA SER A 841 -1.94 14.23 -26.21
C SER A 841 -0.66 14.27 -27.03
N ASP A 842 0.45 13.77 -26.47
CA ASP A 842 1.69 13.70 -27.25
C ASP A 842 1.50 12.94 -28.55
N CYS A 843 0.67 11.89 -28.52
CA CYS A 843 0.39 11.13 -29.73
C CYS A 843 -0.39 11.95 -30.75
N MET A 844 -1.09 12.99 -30.31
CA MET A 844 -2.04 13.72 -31.14
C MET A 844 -1.50 15.05 -31.67
N LYS A 845 -0.37 15.54 -31.15
CA LYS A 845 -0.08 16.96 -31.38
C LYS A 845 0.37 17.28 -32.80
N ASP A 846 0.43 16.30 -33.70
CA ASP A 846 0.68 16.58 -35.12
C ASP A 846 -0.48 16.13 -36.00
N ASP A 847 -1.65 15.91 -35.42
CA ASP A 847 -2.81 15.38 -36.14
C ASP A 847 -3.61 16.50 -36.79
N PRO A 848 -4.39 16.18 -37.81
CA PRO A 848 -5.18 17.21 -38.50
C PRO A 848 -6.34 17.71 -37.66
N ILE A 849 -6.76 18.95 -37.97
CA ILE A 849 -7.78 19.69 -37.22
C ILE A 849 -9.10 19.61 -37.98
N THR A 850 -10.21 19.49 -37.24
CA THR A 850 -11.55 19.68 -37.76
C THR A 850 -12.12 20.98 -37.20
N LEU A 851 -12.66 21.82 -38.08
CA LEU A 851 -13.19 23.13 -37.71
C LEU A 851 -14.71 23.06 -37.64
N PHE A 852 -15.27 23.45 -36.50
CA PHE A 852 -16.72 23.47 -36.29
C PHE A 852 -17.20 24.91 -36.35
N VAL A 853 -17.95 25.24 -37.41
CA VAL A 853 -18.40 26.61 -37.63
C VAL A 853 -19.88 26.67 -37.27
N ALA A 854 -20.20 27.46 -36.24
CA ALA A 854 -21.58 27.68 -35.81
C ALA A 854 -21.98 29.08 -36.28
N LEU A 855 -22.83 29.14 -37.31
CA LEU A 855 -23.14 30.42 -37.94
C LEU A 855 -24.08 31.24 -37.06
N SER A 856 -23.76 32.53 -36.95
CA SER A 856 -24.64 33.48 -36.30
C SER A 856 -25.87 33.70 -37.18
N PRO A 857 -26.91 34.36 -36.67
CA PRO A 857 -28.06 34.66 -37.53
C PRO A 857 -27.70 35.54 -38.72
N GLN A 858 -26.64 36.35 -38.61
CA GLN A 858 -26.14 37.10 -39.76
C GLN A 858 -25.27 36.26 -40.69
N GLY A 859 -25.12 34.96 -40.43
CA GLY A 859 -24.31 34.11 -41.26
C GLY A 859 -22.81 34.28 -41.10
N THR A 860 -22.36 34.70 -39.91
CA THR A 860 -20.94 34.91 -39.65
C THR A 860 -20.46 34.04 -38.49
N ALA A 861 -19.14 33.87 -38.43
CA ALA A 861 -18.50 33.19 -37.31
C ALA A 861 -17.02 33.55 -37.32
N GLN A 862 -16.38 33.39 -36.15
CA GLN A 862 -14.95 33.65 -36.04
C GLN A 862 -14.38 32.84 -34.88
N GLY A 863 -13.08 32.58 -34.95
CA GLY A 863 -12.39 31.87 -33.89
C GLY A 863 -10.89 31.89 -34.15
N GLU A 864 -10.14 31.42 -33.16
CA GLU A 864 -8.70 31.38 -33.23
C GLU A 864 -8.19 29.97 -32.95
N LEU A 865 -6.91 29.77 -33.23
CA LEU A 865 -6.23 28.51 -32.98
C LEU A 865 -4.76 28.82 -32.72
N PHE A 866 -4.25 28.37 -31.57
CA PHE A 866 -2.84 28.48 -31.23
C PHE A 866 -2.18 27.11 -31.28
N LEU A 867 -0.96 27.06 -31.84
CA LEU A 867 -0.20 25.83 -31.94
C LEU A 867 1.28 26.13 -31.66
N ASP A 868 1.97 25.16 -31.07
CA ASP A 868 3.42 25.22 -30.92
C ASP A 868 3.93 23.79 -30.75
N ASP A 869 5.13 23.62 -30.18
CA ASP A 869 5.65 22.28 -29.98
C ASP A 869 5.00 21.56 -28.80
N GLY A 870 4.30 22.30 -27.94
CA GLY A 870 3.50 21.72 -26.88
C GLY A 870 4.15 21.68 -25.50
N HIS A 871 5.43 22.04 -25.38
CA HIS A 871 6.07 21.86 -24.08
C HIS A 871 7.23 22.81 -23.80
N THR A 872 7.70 23.57 -24.78
CA THR A 872 8.85 24.45 -24.56
C THR A 872 8.44 25.91 -24.56
N PHE A 873 9.42 26.76 -24.23
CA PHE A 873 9.30 28.21 -24.32
C PHE A 873 9.70 28.75 -25.69
N ASN A 874 9.87 27.89 -26.70
CA ASN A 874 10.26 28.35 -28.02
C ASN A 874 9.26 29.33 -28.61
N TYR A 875 7.99 29.25 -28.19
CA TYR A 875 6.99 30.19 -28.67
C TYR A 875 7.33 31.63 -28.31
N GLN A 876 7.98 31.85 -27.16
CA GLN A 876 8.34 33.21 -26.76
C GLN A 876 9.78 33.57 -27.07
N THR A 877 10.73 32.63 -26.97
CA THR A 877 12.13 32.93 -27.21
C THR A 877 12.50 32.86 -28.69
N ARG A 878 11.73 32.13 -29.49
CA ARG A 878 12.01 31.97 -30.91
C ARG A 878 10.81 32.33 -31.77
N HIS A 879 9.68 32.71 -31.16
CA HIS A 879 8.44 32.99 -31.87
C HIS A 879 8.02 31.82 -32.75
N GLU A 880 8.21 30.61 -32.24
CA GLU A 880 7.87 29.38 -32.96
C GLU A 880 6.50 28.92 -32.49
N PHE A 881 5.48 29.35 -33.22
CA PHE A 881 4.08 29.07 -32.91
C PHE A 881 3.26 29.52 -34.09
N LEU A 882 1.97 29.18 -34.07
CA LEU A 882 1.00 29.71 -35.02
C LEU A 882 -0.19 30.26 -34.25
N LEU A 883 -0.64 31.46 -34.64
CA LEU A 883 -1.91 32.00 -34.19
C LEU A 883 -2.73 32.27 -35.43
N ARG A 884 -3.70 31.40 -35.70
CA ARG A 884 -4.55 31.51 -36.86
C ARG A 884 -5.88 32.14 -36.46
N ARG A 885 -6.43 32.97 -37.35
CA ARG A 885 -7.79 33.46 -37.22
C ARG A 885 -8.63 32.82 -38.32
N PHE A 886 -9.75 32.24 -37.93
CA PHE A 886 -10.73 31.70 -38.86
C PHE A 886 -11.96 32.60 -38.82
N SER A 887 -12.46 32.96 -40.00
CA SER A 887 -13.59 33.88 -40.08
C SER A 887 -14.51 33.46 -41.21
N PHE A 888 -15.80 33.49 -40.94
CA PHE A 888 -16.82 33.17 -41.93
C PHE A 888 -17.75 34.38 -42.08
N SER A 889 -18.03 34.74 -43.32
CA SER A 889 -18.97 35.82 -43.62
C SER A 889 -19.37 35.68 -45.08
N GLY A 890 -20.57 36.14 -45.40
CA GLY A 890 -21.09 35.93 -46.74
C GLY A 890 -21.25 34.44 -46.92
N SER A 891 -20.48 33.87 -47.86
CA SER A 891 -20.47 32.43 -48.06
C SER A 891 -19.03 31.92 -48.13
N THR A 892 -18.11 32.56 -47.40
CA THR A 892 -16.69 32.27 -47.50
C THR A 892 -16.08 32.07 -46.13
N LEU A 893 -15.28 31.03 -45.99
CA LEU A 893 -14.48 30.76 -44.80
C LEU A 893 -13.02 31.06 -45.10
N VAL A 894 -12.40 31.90 -44.28
CA VAL A 894 -11.05 32.39 -44.55
C VAL A 894 -10.17 32.10 -43.34
N SER A 895 -8.98 31.54 -43.61
CA SER A 895 -7.93 31.38 -42.61
C SER A 895 -6.83 32.41 -42.89
N SER A 896 -6.51 33.23 -41.90
CA SER A 896 -5.41 34.18 -42.00
C SER A 896 -4.62 34.12 -40.69
N SER A 897 -3.52 34.87 -40.66
CA SER A 897 -2.67 34.94 -39.47
C SER A 897 -3.19 36.00 -38.51
N ALA A 898 -3.42 35.60 -37.27
CA ALA A 898 -3.74 36.54 -36.21
C ALA A 898 -2.50 37.09 -35.52
N ASP A 899 -1.33 36.54 -35.80
CA ASP A 899 -0.06 37.07 -35.32
C ASP A 899 1.02 36.63 -36.30
N PRO A 900 1.49 37.53 -37.17
CA PRO A 900 2.41 37.12 -38.25
C PRO A 900 3.83 36.78 -37.77
N LYS A 901 4.26 37.25 -36.60
CA LYS A 901 5.61 36.94 -36.14
C LYS A 901 5.79 35.46 -35.80
N GLY A 902 4.70 34.70 -35.69
CA GLY A 902 4.79 33.30 -35.35
C GLY A 902 4.83 32.39 -36.56
N HIS A 903 5.89 31.58 -36.65
CA HIS A 903 6.01 30.57 -37.69
C HIS A 903 6.36 29.24 -37.03
N LEU A 904 5.86 28.16 -37.62
CA LEU A 904 6.06 26.85 -37.02
C LEU A 904 6.14 25.81 -38.11
N GLU A 905 7.14 24.92 -38.01
CA GLU A 905 7.18 23.74 -38.87
C GLU A 905 6.30 22.68 -38.25
N THR A 906 5.20 22.34 -38.91
CA THR A 906 4.22 21.42 -38.39
C THR A 906 3.55 20.72 -39.56
N PRO A 907 3.24 19.43 -39.44
CA PRO A 907 2.45 18.75 -40.47
C PRO A 907 0.94 18.86 -40.28
N ILE A 908 0.47 19.66 -39.33
CA ILE A 908 -0.96 19.76 -39.04
C ILE A 908 -1.67 20.39 -40.23
N TRP A 909 -2.79 19.77 -40.63
CA TRP A 909 -3.58 20.25 -41.75
C TRP A 909 -5.06 20.23 -41.37
N ILE A 910 -5.88 20.81 -42.25
CA ILE A 910 -7.33 20.88 -42.04
C ILE A 910 -7.96 19.69 -42.75
N GLU A 911 -8.46 18.72 -41.99
CA GLU A 911 -9.02 17.52 -42.59
C GLU A 911 -10.53 17.58 -42.78
N ARG A 912 -11.20 18.57 -42.18
CA ARG A 912 -12.65 18.59 -42.23
C ARG A 912 -13.15 19.94 -41.71
N VAL A 913 -14.25 20.40 -42.29
CA VAL A 913 -14.96 21.58 -41.81
C VAL A 913 -16.43 21.20 -41.65
N VAL A 914 -16.98 21.48 -40.46
CA VAL A 914 -18.37 21.22 -40.15
C VAL A 914 -19.06 22.56 -39.92
N ILE A 915 -20.10 22.84 -40.69
CA ILE A 915 -20.80 24.11 -40.63
C ILE A 915 -22.23 23.87 -40.16
N MET A 916 -22.58 24.45 -39.02
CA MET A 916 -23.90 24.34 -38.43
C MET A 916 -24.72 25.55 -38.85
N GLY A 917 -25.92 25.31 -39.36
CA GLY A 917 -26.78 26.40 -39.78
C GLY A 917 -26.61 26.82 -41.22
N ALA A 918 -26.12 25.94 -42.09
CA ALA A 918 -25.85 26.27 -43.48
C ALA A 918 -26.85 25.58 -44.40
N GLY A 919 -27.09 26.21 -45.56
CA GLY A 919 -27.85 25.59 -46.62
C GLY A 919 -26.96 24.73 -47.51
N LYS A 920 -27.60 23.99 -48.40
CA LYS A 920 -26.88 23.11 -49.32
C LYS A 920 -26.25 23.95 -50.43
N PRO A 921 -24.93 23.90 -50.62
CA PRO A 921 -24.31 24.63 -51.72
C PRO A 921 -24.38 23.84 -53.02
N ALA A 922 -24.12 24.55 -54.12
CA ALA A 922 -23.99 23.88 -55.41
C ALA A 922 -22.60 23.33 -55.61
N ALA A 923 -21.59 24.04 -55.14
CA ALA A 923 -20.20 23.62 -55.26
C ALA A 923 -19.39 24.31 -54.17
N VAL A 924 -18.28 23.68 -53.80
CA VAL A 924 -17.37 24.19 -52.78
C VAL A 924 -15.99 24.32 -53.40
N VAL A 925 -15.38 25.49 -53.24
CA VAL A 925 -14.14 25.85 -53.91
C VAL A 925 -13.12 26.27 -52.86
N LEU A 926 -11.94 25.63 -52.90
CA LEU A 926 -10.85 25.98 -52.01
C LEU A 926 -9.73 26.65 -52.79
N GLN A 927 -9.23 27.77 -52.28
CA GLN A 927 -8.05 28.43 -52.79
C GLN A 927 -7.04 28.66 -51.68
N THR A 928 -5.78 28.41 -52.00
CA THR A 928 -4.67 28.72 -51.10
C THR A 928 -3.45 28.99 -51.95
N LYS A 929 -2.61 29.93 -51.52
CA LYS A 929 -1.49 30.33 -52.34
C LYS A 929 -0.50 29.18 -52.51
N GLY A 930 0.03 29.06 -53.72
CA GLY A 930 0.89 27.97 -54.11
C GLY A 930 0.19 26.78 -54.71
N SER A 931 -1.14 26.81 -54.82
CA SER A 931 -1.90 25.66 -55.26
C SER A 931 -2.94 26.08 -56.29
N PRO A 932 -3.28 25.19 -57.22
CA PRO A 932 -4.39 25.48 -58.12
C PRO A 932 -5.72 25.40 -57.38
N GLU A 933 -6.72 26.09 -57.93
CA GLU A 933 -8.04 26.06 -57.34
C GLU A 933 -8.57 24.63 -57.30
N SER A 934 -9.14 24.25 -56.15
CA SER A 934 -9.58 22.89 -55.91
C SER A 934 -11.07 22.86 -55.62
N ARG A 935 -11.71 21.75 -55.98
CA ARG A 935 -13.12 21.50 -55.71
C ARG A 935 -13.22 20.46 -54.61
N LEU A 936 -14.01 20.76 -53.59
CA LEU A 936 -14.20 19.86 -52.45
C LEU A 936 -15.58 19.23 -52.53
N SER A 937 -15.65 17.93 -52.27
CA SER A 937 -16.94 17.28 -52.12
C SER A 937 -17.49 17.55 -50.73
N PHE A 938 -18.80 17.36 -50.58
CA PHE A 938 -19.44 17.73 -49.33
C PHE A 938 -20.68 16.87 -49.10
N GLN A 939 -21.16 16.94 -47.87
CA GLN A 939 -22.39 16.28 -47.45
C GLN A 939 -23.24 17.28 -46.67
N HIS A 940 -24.55 17.14 -46.79
CA HIS A 940 -25.46 18.11 -46.19
C HIS A 940 -26.70 17.40 -45.66
N ASP A 941 -27.04 17.70 -44.41
CA ASP A 941 -28.26 17.18 -43.81
C ASP A 941 -29.31 18.28 -43.84
N PRO A 942 -30.37 18.15 -44.63
CA PRO A 942 -31.36 19.24 -44.72
C PRO A 942 -32.15 19.44 -43.43
N GLU A 943 -32.30 18.42 -42.60
CA GLU A 943 -33.08 18.58 -41.37
C GLU A 943 -32.32 19.39 -40.32
N THR A 944 -31.00 19.17 -40.21
CA THR A 944 -30.21 19.84 -39.19
C THR A 944 -29.42 21.03 -39.73
N SER A 945 -29.45 21.26 -41.03
CA SER A 945 -28.70 22.35 -41.67
C SER A 945 -27.21 22.29 -41.30
N VAL A 946 -26.65 21.09 -41.41
CA VAL A 946 -25.24 20.85 -41.13
C VAL A 946 -24.53 20.53 -42.45
N LEU A 947 -23.40 21.19 -42.68
CA LEU A 947 -22.61 21.02 -43.89
C LEU A 947 -21.24 20.48 -43.52
N ILE A 948 -20.88 19.34 -44.10
CA ILE A 948 -19.58 18.71 -43.89
C ILE A 948 -18.75 18.86 -45.15
N LEU A 949 -17.62 19.54 -45.04
CA LEU A 949 -16.69 19.69 -46.16
C LEU A 949 -15.62 18.61 -46.06
N ARG A 950 -15.52 17.78 -47.10
CA ARG A 950 -14.59 16.66 -47.07
C ARG A 950 -13.16 17.13 -47.38
N LYS A 951 -12.23 16.71 -46.52
CA LYS A 951 -10.79 16.78 -46.71
C LYS A 951 -10.32 18.05 -47.43
N PRO A 952 -10.31 19.20 -46.75
CA PRO A 952 -9.65 20.38 -47.35
C PRO A 952 -8.19 20.12 -47.70
N GLY A 953 -7.45 19.47 -46.81
CA GLY A 953 -6.10 19.04 -47.14
C GLY A 953 -5.07 20.14 -47.15
N VAL A 954 -5.36 21.28 -46.55
CA VAL A 954 -4.48 22.43 -46.60
C VAL A 954 -3.70 22.51 -45.29
N SER A 955 -2.43 22.91 -45.39
CA SER A 955 -1.62 23.09 -44.19
C SER A 955 -2.23 24.15 -43.30
N VAL A 956 -2.14 23.94 -41.98
CA VAL A 956 -2.70 24.90 -41.04
C VAL A 956 -1.87 26.18 -41.00
N ALA A 957 -0.63 26.15 -41.49
CA ALA A 957 0.21 27.34 -41.56
C ALA A 957 -0.07 28.20 -42.79
N SER A 958 -0.89 27.72 -43.73
CA SER A 958 -1.14 28.41 -44.97
C SER A 958 -2.41 29.26 -44.88
N ASP A 959 -2.37 30.43 -45.51
CA ASP A 959 -3.61 31.15 -45.78
C ASP A 959 -4.43 30.38 -46.80
N TRP A 960 -5.74 30.35 -46.59
CA TRP A 960 -6.64 29.69 -47.54
C TRP A 960 -8.04 30.25 -47.34
N SER A 961 -8.90 29.97 -48.32
CA SER A 961 -10.28 30.42 -48.27
C SER A 961 -11.16 29.39 -48.97
N ILE A 962 -12.30 29.09 -48.37
CA ILE A 962 -13.27 28.14 -48.91
C ILE A 962 -14.55 28.89 -49.20
N HIS A 963 -14.99 28.83 -50.45
CA HIS A 963 -16.19 29.54 -50.89
CA HIS A 963 -16.18 29.54 -50.92
C HIS A 963 -17.31 28.54 -51.17
N LEU A 964 -18.50 28.85 -50.69
CA LEU A 964 -19.69 28.04 -50.93
C LEU A 964 -20.49 28.71 -52.04
N ARG A 965 -20.50 28.11 -53.22
CA ARG A 965 -21.24 28.68 -54.34
C ARG A 965 -22.69 28.19 -54.32
N LYS B 52 -12.07 0.54 -61.60
CA LYS B 52 -13.10 0.08 -60.67
C LYS B 52 -13.01 0.85 -59.35
N PRO B 53 -14.16 1.26 -58.81
CA PRO B 53 -14.19 1.92 -57.51
C PRO B 53 -14.28 0.94 -56.34
N PHE B 54 -13.91 1.45 -55.17
CA PHE B 54 -13.96 0.68 -53.94
C PHE B 54 -15.35 0.78 -53.31
N THR B 55 -15.78 -0.31 -52.69
CA THR B 55 -17.06 -0.36 -52.00
C THR B 55 -16.84 -0.60 -50.52
N CYS B 56 -17.48 0.20 -49.67
CA CYS B 56 -17.37 -0.03 -48.23
C CYS B 56 -17.96 -1.40 -47.92
N LEU B 57 -17.35 -2.10 -46.97
CA LEU B 57 -17.81 -3.44 -46.64
C LEU B 57 -19.19 -3.46 -46.00
N ASP B 58 -19.68 -2.31 -45.52
CA ASP B 58 -21.06 -2.16 -45.08
C ASP B 58 -21.95 -1.59 -46.17
N GLY B 59 -21.41 -1.35 -47.37
CA GLY B 59 -22.20 -0.86 -48.48
C GLY B 59 -22.62 0.58 -48.38
N THR B 60 -22.10 1.34 -47.42
CA THR B 60 -22.57 2.71 -47.20
C THR B 60 -22.27 3.62 -48.39
N ALA B 61 -21.19 3.36 -49.11
CA ALA B 61 -20.81 4.23 -50.22
C ALA B 61 -19.93 3.48 -51.19
N THR B 62 -19.59 4.17 -52.28
CA THR B 62 -18.63 3.70 -53.27
C THR B 62 -17.72 4.88 -53.59
N ILE B 63 -16.41 4.65 -53.52
CA ILE B 63 -15.43 5.73 -53.71
C ILE B 63 -14.34 5.26 -54.67
N PRO B 64 -13.68 6.17 -55.37
CA PRO B 64 -12.53 5.74 -56.19
C PRO B 64 -11.39 5.27 -55.31
N PHE B 65 -10.59 4.35 -55.84
CA PHE B 65 -9.52 3.76 -55.05
C PHE B 65 -8.44 4.76 -54.67
N ASP B 66 -8.48 5.98 -55.21
CA ASP B 66 -7.59 7.04 -54.72
C ASP B 66 -8.04 7.60 -53.38
N GLN B 67 -9.25 7.27 -52.94
CA GLN B 67 -9.72 7.59 -51.59
C GLN B 67 -9.60 6.38 -50.65
N VAL B 68 -8.81 5.39 -51.02
CA VAL B 68 -8.41 4.31 -50.13
C VAL B 68 -7.04 4.65 -49.57
N ASN B 69 -6.92 4.65 -48.24
CA ASN B 69 -5.69 5.03 -47.56
C ASN B 69 -5.23 6.43 -47.95
N ASP B 70 -6.19 7.33 -48.17
CA ASP B 70 -5.87 8.72 -48.47
C ASP B 70 -5.91 9.60 -47.23
N ASP B 71 -5.96 9.00 -46.04
CA ASP B 71 -5.89 9.68 -44.75
C ASP B 71 -7.13 10.53 -44.48
N TYR B 72 -8.28 10.08 -44.98
CA TYR B 72 -9.56 10.69 -44.62
C TYR B 72 -10.62 9.59 -44.60
N CYS B 73 -11.43 9.54 -43.55
CA CYS B 73 -12.37 8.45 -43.36
C CYS B 73 -13.62 8.67 -44.21
N ASP B 74 -13.86 7.79 -45.18
CA ASP B 74 -15.02 7.87 -46.04
C ASP B 74 -16.06 6.78 -45.81
N CYS B 75 -15.68 5.68 -45.17
CA CYS B 75 -16.59 4.57 -44.90
C CYS B 75 -16.98 4.55 -43.43
N LYS B 76 -18.27 4.31 -43.17
CA LYS B 76 -18.74 4.29 -41.78
C LYS B 76 -18.11 3.15 -40.99
N ASP B 77 -17.67 2.08 -41.65
CA ASP B 77 -17.02 0.97 -40.97
C ASP B 77 -15.50 1.12 -40.93
N GLY B 78 -14.96 2.19 -41.52
CA GLY B 78 -13.53 2.38 -41.55
C GLY B 78 -12.77 1.51 -42.52
N SER B 79 -13.48 0.77 -43.39
CA SER B 79 -12.84 -0.20 -44.27
C SER B 79 -12.00 0.45 -45.37
N ASP B 80 -12.11 1.76 -45.58
CA ASP B 80 -11.33 2.41 -46.62
C ASP B 80 -9.97 2.90 -46.15
N GLU B 81 -9.65 2.80 -44.86
CA GLU B 81 -8.38 3.28 -44.32
C GLU B 81 -7.71 2.21 -43.46
N PRO B 82 -7.44 1.03 -44.02
CA PRO B 82 -6.77 -0.01 -43.21
C PRO B 82 -5.31 0.29 -42.90
N GLY B 83 -4.72 1.31 -43.54
CA GLY B 83 -3.32 1.59 -43.33
C GLY B 83 -3.01 2.92 -42.67
N THR B 84 -4.03 3.66 -42.26
CA THR B 84 -3.84 4.99 -41.69
C THR B 84 -4.54 5.07 -40.34
N ALA B 85 -4.44 6.25 -39.73
CA ALA B 85 -5.12 6.56 -38.47
C ALA B 85 -6.38 7.38 -38.69
N ALA B 86 -6.92 7.39 -39.91
CA ALA B 86 -8.01 8.30 -40.27
C ALA B 86 -9.35 7.88 -39.68
N CYS B 87 -9.60 6.58 -39.57
CA CYS B 87 -10.96 6.26 -39.13
C CYS B 87 -10.99 5.94 -37.64
N PRO B 88 -12.02 6.39 -36.94
CA PRO B 88 -12.11 6.10 -35.50
C PRO B 88 -12.45 4.66 -35.18
N ASN B 89 -13.05 3.92 -36.11
CA ASN B 89 -13.45 2.54 -35.89
C ASN B 89 -12.66 1.56 -36.76
N GLY B 90 -11.53 1.99 -37.32
CA GLY B 90 -10.75 1.16 -38.18
C GLY B 90 -9.78 0.27 -37.44
N SER B 91 -9.14 -0.62 -38.18
CA SER B 91 -8.17 -1.55 -37.61
C SER B 91 -6.95 -1.63 -38.51
N PHE B 92 -5.79 -1.84 -37.89
CA PHE B 92 -4.53 -2.00 -38.59
C PHE B 92 -3.99 -3.41 -38.33
N HIS B 93 -3.64 -4.12 -39.39
CA HIS B 93 -3.17 -5.50 -39.27
C HIS B 93 -1.65 -5.55 -39.21
N CYS B 94 -1.13 -6.05 -38.10
CA CYS B 94 0.28 -6.38 -37.99
C CYS B 94 0.49 -7.76 -38.58
N THR B 95 1.24 -7.86 -39.68
CA THR B 95 1.50 -9.19 -40.23
C THR B 95 2.35 -10.01 -39.26
N ASN B 96 3.31 -9.35 -38.60
CA ASN B 96 4.10 -9.90 -37.49
C ASN B 96 4.64 -11.30 -37.76
N THR B 97 5.39 -11.42 -38.86
CA THR B 97 6.04 -12.69 -39.18
C THR B 97 7.00 -13.07 -38.06
N GLY B 98 6.93 -14.33 -37.63
CA GLY B 98 7.72 -14.82 -36.52
C GLY B 98 6.95 -14.88 -35.21
N TYR B 99 5.78 -14.28 -35.15
CA TYR B 99 4.91 -14.29 -34.00
C TYR B 99 3.48 -14.40 -34.50
N LYS B 100 2.52 -14.19 -33.62
CA LYS B 100 1.13 -14.19 -34.04
C LYS B 100 0.77 -12.82 -34.62
N PRO B 101 0.06 -12.77 -35.75
CA PRO B 101 -0.38 -11.46 -36.27
C PRO B 101 -1.62 -10.98 -35.51
N LEU B 102 -1.58 -9.72 -35.07
CA LEU B 102 -2.64 -9.12 -34.28
C LEU B 102 -3.20 -7.89 -34.99
N TYR B 103 -4.43 -7.55 -34.65
CA TYR B 103 -5.08 -6.33 -35.09
C TYR B 103 -4.98 -5.28 -33.99
N ILE B 104 -4.80 -4.02 -34.39
CA ILE B 104 -4.72 -2.90 -33.47
C ILE B 104 -5.67 -1.82 -33.96
N LEU B 105 -6.03 -0.93 -33.04
CA LEU B 105 -6.87 0.22 -33.39
C LEU B 105 -6.16 1.11 -34.40
N SER B 106 -6.96 1.72 -35.27
CA SER B 106 -6.39 2.66 -36.24
C SER B 106 -5.80 3.87 -35.54
N SER B 107 -6.34 4.24 -34.38
CA SER B 107 -5.81 5.36 -33.61
C SER B 107 -4.40 5.12 -33.13
N ARG B 108 -3.87 3.91 -33.27
CA ARG B 108 -2.51 3.59 -32.86
C ARG B 108 -1.56 3.44 -34.04
N VAL B 109 -2.00 3.79 -35.25
CA VAL B 109 -1.10 3.89 -36.39
C VAL B 109 -0.39 5.24 -36.33
N ASN B 110 0.94 5.20 -36.30
CA ASN B 110 1.77 6.41 -36.27
C ASN B 110 1.44 7.31 -35.07
N ASP B 111 1.15 6.71 -33.92
CA ASP B 111 0.99 7.48 -32.71
C ASP B 111 2.30 7.70 -31.97
N GLY B 112 3.41 7.17 -32.50
CA GLY B 112 4.68 7.20 -31.82
C GLY B 112 4.93 6.06 -30.87
N VAL B 113 3.99 5.13 -30.73
CA VAL B 113 4.10 4.00 -29.83
C VAL B 113 4.20 2.73 -30.66
N CYS B 114 5.15 1.86 -30.30
CA CYS B 114 5.36 0.60 -31.00
C CYS B 114 4.32 -0.40 -30.51
N ASP B 115 3.31 -0.68 -31.33
CA ASP B 115 2.27 -1.63 -30.98
C ASP B 115 2.50 -3.01 -31.58
N CYS B 116 2.83 -3.07 -32.87
CA CYS B 116 3.16 -4.33 -33.51
C CYS B 116 4.60 -4.71 -33.16
N CYS B 117 4.83 -6.01 -32.94
CA CYS B 117 6.21 -6.45 -32.74
C CYS B 117 7.07 -6.25 -33.98
N ASP B 118 6.47 -6.28 -35.17
CA ASP B 118 7.24 -6.05 -36.39
C ASP B 118 7.43 -4.57 -36.71
N GLY B 119 6.82 -3.68 -35.93
CA GLY B 119 7.04 -2.26 -36.06
C GLY B 119 6.36 -1.57 -37.23
N THR B 120 5.53 -2.29 -38.00
CA THR B 120 4.93 -1.71 -39.20
C THR B 120 3.92 -0.62 -38.89
N ASP B 121 3.42 -0.54 -37.66
CA ASP B 121 2.44 0.49 -37.33
C ASP B 121 3.07 1.88 -37.21
N GLU B 122 4.39 1.96 -37.11
CA GLU B 122 5.09 3.24 -37.04
C GLU B 122 5.96 3.36 -38.29
N TYR B 123 5.40 3.98 -39.34
CA TYR B 123 6.13 4.18 -40.58
C TYR B 123 6.33 5.64 -40.94
N ASN B 124 5.72 6.58 -40.21
CA ASN B 124 5.81 7.99 -40.56
C ASN B 124 5.59 8.86 -39.33
N SER B 125 6.14 8.42 -38.19
CA SER B 125 5.94 9.13 -36.94
C SER B 125 7.21 9.62 -36.28
N GLY B 126 8.38 9.27 -36.79
CA GLY B 126 9.62 9.59 -36.13
C GLY B 126 10.10 8.55 -35.13
N THR B 127 9.19 7.72 -34.64
CA THR B 127 9.58 6.59 -33.81
C THR B 127 10.00 5.44 -34.71
N VAL B 128 11.23 4.96 -34.53
CA VAL B 128 11.72 3.79 -35.25
C VAL B 128 11.58 2.59 -34.34
N CYS B 129 10.74 1.64 -34.73
CA CYS B 129 10.45 0.48 -33.92
C CYS B 129 11.22 -0.73 -34.44
N GLU B 130 11.82 -1.48 -33.52
CA GLU B 130 12.56 -2.69 -33.85
C GLU B 130 11.63 -3.89 -33.85
N ASN B 131 12.06 -4.94 -34.53
CA ASN B 131 11.33 -6.21 -34.53
C ASN B 131 11.58 -6.92 -33.21
N THR B 132 10.50 -7.22 -32.48
CA THR B 132 10.59 -7.90 -31.19
C THR B 132 9.64 -9.09 -31.13
N CYS B 133 9.33 -9.68 -32.29
CA CYS B 133 8.38 -10.78 -32.35
C CYS B 133 8.93 -12.05 -31.71
N ARG B 134 10.26 -12.16 -31.59
CA ARG B 134 10.90 -13.32 -31.00
C ARG B 134 10.44 -13.44 -29.56
N VAL C 32 12.61 -20.62 -11.61
CA VAL C 32 13.88 -20.40 -10.92
C VAL C 32 15.02 -20.27 -11.92
N ASP C 33 15.99 -19.40 -11.60
CA ASP C 33 17.20 -19.23 -12.39
C ASP C 33 18.28 -20.07 -11.73
N ARG C 34 18.51 -21.27 -12.27
CA ARG C 34 19.43 -22.21 -11.65
C ARG C 34 20.88 -21.74 -11.74
N SER C 35 21.20 -20.93 -12.75
CA SER C 35 22.58 -20.47 -12.92
C SER C 35 23.05 -19.62 -11.76
N ASN C 36 22.12 -19.06 -10.98
CA ASN C 36 22.49 -18.29 -9.79
C ASN C 36 23.01 -19.18 -8.67
N PHE C 37 22.78 -20.49 -8.72
CA PHE C 37 23.06 -21.38 -7.61
C PHE C 37 24.00 -22.49 -8.06
N LYS C 38 25.01 -22.75 -7.23
CA LYS C 38 26.07 -23.69 -7.59
C LYS C 38 25.54 -25.11 -7.65
N THR C 39 25.91 -25.82 -8.72
CA THR C 39 25.85 -27.27 -8.72
C THR C 39 27.06 -27.82 -7.97
N CYS C 40 27.08 -29.14 -7.75
CA CYS C 40 28.20 -29.74 -7.04
C CYS C 40 29.51 -29.48 -7.78
N ASP C 41 29.48 -29.49 -9.11
CA ASP C 41 30.68 -29.22 -9.89
C ASP C 41 31.17 -27.79 -9.67
N GLU C 42 30.24 -26.85 -9.52
CA GLU C 42 30.60 -25.44 -9.34
C GLU C 42 31.00 -25.12 -7.90
N SER C 43 30.81 -26.04 -6.98
CA SER C 43 31.34 -25.94 -5.63
C SER C 43 32.64 -26.75 -5.58
N SER C 44 33.76 -26.05 -5.35
CA SER C 44 35.05 -26.71 -5.54
C SER C 44 35.28 -27.84 -4.54
N PHE C 45 34.79 -27.68 -3.30
CA PHE C 45 34.98 -28.76 -2.34
C PHE C 45 34.06 -29.94 -2.62
N CYS C 46 32.85 -29.70 -3.14
CA CYS C 46 31.99 -30.81 -3.54
C CYS C 46 32.60 -31.59 -4.69
N LYS C 47 33.19 -30.88 -5.65
CA LYS C 47 33.78 -31.57 -6.81
C LYS C 47 34.97 -32.42 -6.39
N ARG C 48 35.82 -31.88 -5.51
CA ARG C 48 36.95 -32.66 -4.99
C ARG C 48 36.47 -33.90 -4.25
N GLN C 49 35.58 -33.72 -3.27
CA GLN C 49 35.07 -34.84 -2.48
C GLN C 49 34.40 -35.88 -3.37
N ARG C 50 33.50 -35.43 -4.25
CA ARG C 50 32.73 -36.36 -5.09
C ARG C 50 33.58 -36.99 -6.18
N SER C 51 34.79 -36.49 -6.41
CA SER C 51 35.70 -37.11 -7.37
C SER C 51 36.34 -38.38 -6.81
N ILE C 52 36.30 -38.57 -5.50
CA ILE C 52 36.76 -39.81 -4.88
C ILE C 52 35.67 -40.86 -5.04
N ARG C 53 35.98 -41.93 -5.77
CA ARG C 53 35.05 -43.00 -6.10
C ARG C 53 35.33 -44.23 -5.24
N PRO C 54 34.38 -45.16 -5.12
CA PRO C 54 34.55 -46.26 -4.17
C PRO C 54 35.83 -47.05 -4.41
N GLY C 55 36.56 -47.29 -3.32
CA GLY C 55 37.78 -48.05 -3.41
C GLY C 55 38.39 -48.25 -2.04
N LEU C 56 39.69 -48.52 -2.02
CA LEU C 56 40.41 -48.79 -0.78
C LEU C 56 40.77 -47.47 -0.10
N SER C 57 40.26 -47.27 1.11
CA SER C 57 40.50 -46.02 1.80
C SER C 57 41.97 -45.90 2.19
N PRO C 58 42.60 -44.75 1.97
CA PRO C 58 43.99 -44.56 2.43
C PRO C 58 44.12 -44.30 3.92
N TYR C 59 43.01 -44.18 4.65
CA TYR C 59 43.08 -43.96 6.09
C TYR C 59 43.13 -45.30 6.81
N ARG C 60 43.97 -45.38 7.84
CA ARG C 60 44.04 -46.57 8.68
C ARG C 60 44.36 -46.15 10.11
N ALA C 61 43.83 -46.91 11.06
CA ALA C 61 44.01 -46.62 12.47
C ALA C 61 45.32 -47.21 12.99
N LEU C 62 46.01 -46.42 13.81
CA LEU C 62 47.24 -46.84 14.48
C LEU C 62 46.86 -47.37 15.84
N LEU C 63 46.64 -48.69 15.92
CA LEU C 63 46.11 -49.30 17.14
C LEU C 63 47.04 -49.15 18.34
N ASP C 64 48.33 -48.88 18.10
CA ASP C 64 49.24 -48.61 19.20
C ASP C 64 48.87 -47.33 19.96
N THR C 65 48.16 -46.41 19.32
CA THR C 65 47.76 -45.15 19.93
C THR C 65 46.46 -45.24 20.72
N LEU C 66 45.77 -46.38 20.66
CA LEU C 66 44.45 -46.50 21.27
C LEU C 66 44.53 -46.24 22.77
N GLN C 67 43.59 -45.44 23.28
CA GLN C 67 43.46 -45.20 24.71
C GLN C 67 41.99 -45.27 25.08
N LEU C 68 41.66 -46.13 26.04
CA LEU C 68 40.28 -46.36 26.44
C LEU C 68 40.02 -45.72 27.79
N GLY C 69 39.15 -44.72 27.80
CA GLY C 69 38.70 -44.11 29.03
C GLY C 69 37.27 -44.51 29.30
N PRO C 70 36.72 -44.04 30.43
CA PRO C 70 35.31 -44.37 30.70
C PRO C 70 34.36 -43.74 29.69
N ASP C 71 34.60 -42.48 29.32
CA ASP C 71 33.69 -41.74 28.47
C ASP C 71 34.03 -41.83 26.98
N ALA C 72 35.27 -42.16 26.62
CA ALA C 72 35.66 -42.04 25.21
C ALA C 72 36.82 -42.97 24.90
N LEU C 73 36.80 -43.51 23.69
CA LEU C 73 37.93 -44.20 23.10
C LEU C 73 38.65 -43.27 22.12
N THR C 74 39.98 -43.21 22.23
CA THR C 74 40.80 -42.40 21.35
C THR C 74 41.74 -43.30 20.55
N VAL C 75 41.91 -42.97 19.27
CA VAL C 75 42.86 -43.69 18.42
C VAL C 75 43.23 -42.78 17.25
N HIS C 76 44.51 -42.78 16.89
CA HIS C 76 44.99 -41.93 15.81
C HIS C 76 44.75 -42.58 14.46
N LEU C 77 44.40 -41.75 13.47
CA LEU C 77 44.31 -42.17 12.08
C LEU C 77 45.39 -41.45 11.28
N ILE C 78 45.88 -42.11 10.22
CA ILE C 78 46.91 -41.54 9.36
C ILE C 78 46.51 -41.76 7.91
N HIS C 79 46.75 -40.74 7.08
CA HIS C 79 46.60 -40.86 5.63
C HIS C 79 47.89 -41.43 5.06
N GLU C 80 47.79 -42.58 4.37
CA GLU C 80 48.97 -43.30 3.93
C GLU C 80 49.83 -42.47 2.97
N VAL C 81 49.23 -41.53 2.25
CA VAL C 81 49.98 -40.73 1.28
C VAL C 81 50.48 -39.46 1.95
N THR C 82 49.55 -38.62 2.39
CA THR C 82 49.91 -37.31 2.94
C THR C 82 50.54 -37.41 4.33
N LYS C 83 50.37 -38.54 5.02
CA LYS C 83 50.85 -38.75 6.38
C LYS C 83 50.23 -37.77 7.38
N VAL C 84 49.10 -37.17 7.02
CA VAL C 84 48.36 -36.32 7.95
C VAL C 84 47.77 -37.16 9.06
N LEU C 85 47.85 -36.66 10.29
CA LEU C 85 47.40 -37.38 11.48
C LEU C 85 46.06 -36.83 11.95
N LEU C 86 45.09 -37.72 12.13
CA LEU C 86 43.79 -37.36 12.67
C LEU C 86 43.58 -38.04 14.03
N VAL C 87 42.59 -37.57 14.75
CA VAL C 87 42.21 -38.12 16.05
C VAL C 87 40.75 -38.56 15.97
N LEU C 88 40.51 -39.84 16.20
CA LEU C 88 39.16 -40.39 16.25
C LEU C 88 38.71 -40.48 17.71
N GLU C 89 37.57 -39.88 18.02
CA GLU C 89 36.96 -39.96 19.34
C GLU C 89 35.66 -40.74 19.21
N LEU C 90 35.66 -41.98 19.68
CA LEU C 90 34.51 -42.86 19.61
C LEU C 90 33.89 -42.98 20.99
N GLN C 91 32.59 -42.72 21.09
CA GLN C 91 31.89 -42.71 22.37
C GLN C 91 30.57 -43.46 22.24
N GLY C 92 30.36 -44.42 23.15
CA GLY C 92 29.02 -44.93 23.35
C GLY C 92 28.22 -44.00 24.24
N LEU C 93 26.95 -43.82 23.90
CA LEU C 93 26.07 -42.92 24.63
C LEU C 93 24.84 -43.66 25.12
N GLN C 94 24.25 -43.14 26.19
CA GLN C 94 22.98 -43.69 26.75
C GLN C 94 21.85 -43.54 25.73
N LYS C 95 20.83 -44.36 25.87
CA LYS C 95 19.65 -44.45 24.98
C LYS C 95 20.08 -44.95 23.61
N ASP C 96 21.01 -45.91 23.60
CA ASP C 96 21.46 -46.59 22.37
C ASP C 96 21.94 -45.62 21.30
N MET C 97 22.98 -44.87 21.58
CA MET C 97 23.51 -43.92 20.58
C MET C 97 25.03 -43.99 20.57
N THR C 98 25.63 -43.82 19.39
CA THR C 98 27.08 -43.78 19.23
C THR C 98 27.46 -42.44 18.61
N ARG C 99 28.56 -41.85 19.09
CA ARG C 99 29.02 -40.57 18.58
C ARG C 99 30.44 -40.71 18.04
N ILE C 100 30.64 -40.27 16.80
CA ILE C 100 31.93 -40.31 16.12
C ILE C 100 32.39 -38.88 15.89
N ARG C 101 33.59 -38.55 16.38
CA ARG C 101 34.21 -37.26 16.14
C ARG C 101 35.63 -37.48 15.62
N ILE C 102 35.96 -36.83 14.51
CA ILE C 102 37.29 -36.91 13.90
C ILE C 102 37.80 -35.50 13.66
N ASP C 103 38.97 -35.20 14.20
CA ASP C 103 39.61 -33.91 14.05
C ASP C 103 41.10 -34.13 13.75
N GLU C 104 41.77 -33.07 13.32
CA GLU C 104 43.22 -33.13 13.15
C GLU C 104 43.89 -33.29 14.51
N LEU C 105 44.99 -34.06 14.53
CA LEU C 105 45.75 -34.20 15.77
C LEU C 105 46.44 -32.90 16.13
N GLU C 106 47.21 -32.34 15.19
CA GLU C 106 47.94 -31.09 15.38
C GLU C 106 47.53 -30.11 14.29
N PRO C 107 46.38 -29.45 14.46
CA PRO C 107 45.96 -28.46 13.47
C PRO C 107 46.69 -27.15 13.66
N ARG C 108 46.95 -26.47 12.54
CA ARG C 108 47.56 -25.15 12.64
C ARG C 108 46.68 -24.21 13.46
N ARG C 109 45.37 -24.34 13.33
CA ARG C 109 44.42 -23.60 14.14
C ARG C 109 43.20 -24.49 14.35
N PRO C 110 42.48 -24.34 15.46
CA PRO C 110 41.33 -25.22 15.74
C PRO C 110 40.23 -25.09 14.69
N ARG C 111 39.54 -26.20 14.46
CA ARG C 111 38.40 -26.26 13.55
C ARG C 111 37.10 -25.97 14.30
N TYR C 112 36.07 -25.61 13.53
CA TYR C 112 34.80 -25.19 14.10
C TYR C 112 34.00 -26.38 14.61
N ARG C 113 33.47 -26.24 15.82
CA ARG C 113 32.55 -27.19 16.43
C ARG C 113 31.25 -26.48 16.76
N VAL C 114 30.15 -27.01 16.25
CA VAL C 114 28.84 -26.34 16.27
C VAL C 114 28.35 -26.16 17.70
N PRO C 115 28.18 -24.92 18.17
CA PRO C 115 27.66 -24.68 19.51
C PRO C 115 26.15 -24.46 19.52
N ASP C 116 25.60 -24.40 20.73
CA ASP C 116 24.22 -23.96 20.98
C ASP C 116 23.14 -24.85 20.38
N VAL C 117 23.52 -25.88 19.64
CA VAL C 117 22.53 -26.83 19.11
C VAL C 117 22.24 -27.93 20.11
N LEU C 118 23.27 -28.57 20.65
CA LEU C 118 23.08 -29.60 21.66
C LEU C 118 22.59 -28.97 22.97
N VAL C 119 21.50 -29.50 23.51
CA VAL C 119 20.94 -28.94 24.73
C VAL C 119 21.75 -29.30 25.96
N ALA C 120 22.60 -30.32 25.86
CA ALA C 120 23.41 -30.74 27.00
C ALA C 120 24.55 -31.61 26.48
N ASP C 121 25.47 -31.91 27.38
CA ASP C 121 26.51 -32.90 27.11
C ASP C 121 25.91 -34.29 27.22
N PRO C 122 25.87 -35.08 26.15
CA PRO C 122 25.16 -36.36 26.18
C PRO C 122 25.77 -37.32 27.17
N PRO C 123 24.96 -37.94 28.04
CA PRO C 123 25.48 -38.98 28.93
C PRO C 123 26.08 -40.13 28.15
N THR C 124 27.23 -40.60 28.61
CA THR C 124 27.98 -41.61 27.89
C THR C 124 27.71 -43.01 28.46
N ALA C 125 28.04 -44.02 27.65
CA ALA C 125 28.08 -45.40 28.08
C ALA C 125 29.49 -45.93 27.91
N ARG C 126 29.88 -46.85 28.79
CA ARG C 126 31.26 -47.34 28.80
C ARG C 126 31.48 -48.31 27.64
N LEU C 127 32.66 -48.21 27.02
CA LEU C 127 33.12 -49.15 26.02
C LEU C 127 34.12 -50.10 26.66
N SER C 128 33.97 -51.40 26.36
CA SER C 128 34.90 -52.42 26.84
C SER C 128 35.45 -53.20 25.65
N VAL C 129 36.68 -53.65 25.78
CA VAL C 129 37.32 -54.48 24.75
C VAL C 129 36.90 -55.93 24.94
N SER C 130 36.26 -56.51 23.93
CA SER C 130 35.83 -57.90 23.96
C SER C 130 36.53 -58.77 22.94
N GLY C 131 37.43 -58.21 22.14
CA GLY C 131 38.20 -58.97 21.18
C GLY C 131 39.23 -58.07 20.53
N ARG C 132 40.39 -58.62 20.18
CA ARG C 132 41.48 -57.78 19.70
C ARG C 132 42.52 -58.62 18.97
N ASP C 133 42.92 -58.17 17.79
CA ASP C 133 44.03 -58.76 17.07
C ASP C 133 44.86 -57.63 16.47
N ASP C 134 45.66 -57.94 15.46
CA ASP C 134 46.54 -56.95 14.85
C ASP C 134 45.80 -55.96 13.96
N ASN C 135 44.57 -56.28 13.53
CA ASN C 135 43.88 -55.42 12.57
C ASN C 135 42.43 -55.11 12.96
N SER C 136 42.00 -55.48 14.18
CA SER C 136 40.61 -55.28 14.55
C SER C 136 40.50 -55.27 16.07
N VAL C 137 39.63 -54.41 16.59
CA VAL C 137 39.32 -54.33 18.02
C VAL C 137 37.81 -54.26 18.17
N GLU C 138 37.22 -55.25 18.84
CA GLU C 138 35.78 -55.27 19.07
C GLU C 138 35.47 -54.63 20.42
N LEU C 139 34.47 -53.75 20.44
CA LEU C 139 34.09 -53.02 21.63
C LEU C 139 32.63 -53.29 21.95
N THR C 140 32.35 -53.53 23.23
CA THR C 140 30.99 -53.75 23.71
C THR C 140 30.52 -52.50 24.45
N VAL C 141 29.31 -52.05 24.13
CA VAL C 141 28.73 -50.87 24.75
C VAL C 141 28.02 -51.31 26.03
N ALA C 142 28.56 -50.87 27.17
CA ALA C 142 28.02 -51.19 28.50
C ALA C 142 27.94 -52.71 28.65
N GLU C 143 26.76 -53.30 28.89
CA GLU C 143 26.61 -54.74 29.05
C GLU C 143 25.92 -55.37 27.85
N GLY C 144 26.07 -54.77 26.67
CA GLY C 144 25.44 -55.29 25.48
C GLY C 144 24.05 -54.71 25.31
N PRO C 145 23.38 -55.05 24.20
CA PRO C 145 23.82 -55.98 23.15
C PRO C 145 24.53 -55.31 21.98
N TYR C 146 24.79 -54.01 22.10
CA TYR C 146 25.40 -53.26 21.00
C TYR C 146 26.92 -53.40 21.02
N LYS C 147 27.50 -53.71 19.86
CA LYS C 147 28.93 -53.86 19.71
C LYS C 147 29.44 -52.96 18.59
N ILE C 148 30.72 -52.58 18.68
CA ILE C 148 31.38 -51.76 17.66
C ILE C 148 32.70 -52.44 17.30
N ILE C 149 32.89 -52.69 16.02
CA ILE C 149 34.13 -53.28 15.49
C ILE C 149 34.95 -52.18 14.82
N LEU C 150 36.14 -51.93 15.35
CA LEU C 150 37.08 -50.98 14.75
C LEU C 150 38.12 -51.77 13.95
N THR C 151 38.06 -51.63 12.62
CA THR C 151 39.05 -52.24 11.74
C THR C 151 40.19 -51.24 11.53
N ALA C 152 41.43 -51.76 11.64
CA ALA C 152 42.59 -50.88 11.57
C ALA C 152 42.89 -50.44 10.14
N GLN C 153 43.09 -51.41 9.24
CA GLN C 153 43.39 -51.11 7.83
C GLN C 153 42.54 -51.98 6.93
N PRO C 154 41.74 -51.39 6.02
CA PRO C 154 41.52 -49.95 5.96
C PRO C 154 40.62 -49.51 7.09
N PHE C 155 40.71 -48.24 7.50
CA PHE C 155 39.88 -47.76 8.61
C PHE C 155 38.41 -48.01 8.33
N ARG C 156 37.73 -48.58 9.32
CA ARG C 156 36.33 -48.96 9.18
C ARG C 156 35.72 -49.10 10.56
N LEU C 157 34.44 -48.77 10.66
CA LEU C 157 33.67 -48.97 11.89
C LEU C 157 32.37 -49.68 11.53
N ASP C 158 32.05 -50.71 12.31
CA ASP C 158 30.81 -51.45 12.14
C ASP C 158 30.04 -51.44 13.46
N LEU C 159 28.73 -51.25 13.38
CA LEU C 159 27.87 -51.23 14.55
C LEU C 159 26.88 -52.40 14.44
N LEU C 160 26.80 -53.19 15.50
CA LEU C 160 25.95 -54.37 15.51
C LEU C 160 25.18 -54.42 16.83
N GLU C 161 23.98 -54.99 16.77
CA GLU C 161 23.26 -55.47 17.94
C GLU C 161 23.29 -56.99 17.92
N ASP C 162 24.00 -57.58 18.88
CA ASP C 162 24.25 -59.02 18.91
C ASP C 162 24.98 -59.46 17.66
N ARG C 163 24.31 -60.21 16.78
CA ARG C 163 24.91 -60.68 15.54
C ARG C 163 24.33 -60.01 14.30
N SER C 164 23.45 -59.04 14.46
CA SER C 164 22.88 -58.30 13.33
C SER C 164 23.74 -57.06 13.05
N LEU C 165 24.29 -56.98 11.84
CA LEU C 165 25.02 -55.79 11.44
C LEU C 165 24.04 -54.65 11.18
N LEU C 166 24.21 -53.53 11.89
CA LEU C 166 23.31 -52.40 11.73
C LEU C 166 23.82 -51.38 10.73
N LEU C 167 25.11 -51.04 10.80
CA LEU C 167 25.62 -49.90 10.05
C LEU C 167 27.13 -50.04 9.91
N SER C 168 27.66 -49.59 8.78
CA SER C 168 29.08 -49.56 8.52
C SER C 168 29.52 -48.13 8.25
N VAL C 169 30.74 -47.80 8.64
CA VAL C 169 31.33 -46.48 8.47
C VAL C 169 32.56 -46.62 7.59
N ASN C 170 32.62 -45.82 6.53
CA ASN C 170 33.73 -45.84 5.58
C ASN C 170 33.85 -47.19 4.89
N ALA C 171 32.71 -47.84 4.65
CA ALA C 171 32.72 -49.15 4.00
C ALA C 171 33.09 -49.04 2.53
N ARG C 172 32.76 -47.93 1.88
CA ARG C 172 33.15 -47.71 0.50
C ARG C 172 34.43 -46.88 0.39
N GLY C 173 35.11 -46.64 1.51
CA GLY C 173 36.39 -45.96 1.47
C GLY C 173 36.33 -44.54 0.97
N LEU C 174 35.25 -43.82 1.28
CA LEU C 174 35.03 -42.48 0.78
C LEU C 174 35.39 -41.40 1.80
N MET C 175 35.97 -41.78 2.94
CA MET C 175 36.36 -40.80 3.94
C MET C 175 37.40 -39.83 3.38
N ALA C 176 37.17 -38.54 3.61
CA ALA C 176 38.06 -37.50 3.12
C ALA C 176 38.12 -36.37 4.14
N PHE C 177 39.33 -36.06 4.60
CA PHE C 177 39.55 -35.03 5.61
C PHE C 177 40.66 -34.11 5.12
N GLU C 178 40.28 -32.99 4.52
CA GLU C 178 41.26 -32.02 4.01
C GLU C 178 41.87 -31.25 5.17
N HIS C 179 43.15 -31.50 5.44
CA HIS C 179 43.83 -30.83 6.54
C HIS C 179 44.13 -29.38 6.17
N GLN C 180 44.36 -28.57 7.20
CA GLN C 180 44.59 -27.13 7.03
C GLN C 180 46.04 -26.90 6.62
N ARG C 181 46.25 -26.45 5.39
CA ARG C 181 47.59 -26.20 4.88
C ARG C 181 48.08 -24.81 5.26
N ALA C 182 49.35 -24.56 4.96
CA ALA C 182 49.97 -23.26 5.22
C ALA C 182 49.33 -22.19 4.34
N PRO C 183 48.94 -21.03 4.91
CA PRO C 183 48.23 -19.98 4.17
C PRO C 183 49.03 -19.39 3.00
N GLU C 243 42.97 -28.80 -7.80
CA GLU C 243 43.75 -27.57 -7.91
C GLU C 243 42.91 -26.33 -8.25
N PRO C 244 42.09 -26.37 -9.31
CA PRO C 244 41.29 -25.19 -9.64
C PRO C 244 40.20 -24.96 -8.60
N GLY C 245 40.19 -23.74 -8.04
CA GLY C 245 39.22 -23.40 -7.02
C GLY C 245 39.54 -23.93 -5.63
N ALA C 246 40.73 -24.50 -5.43
CA ALA C 246 41.09 -24.98 -4.10
C ALA C 246 41.32 -23.83 -3.14
N TRP C 247 41.82 -22.70 -3.63
CA TRP C 247 41.99 -21.52 -2.80
C TRP C 247 41.07 -20.41 -3.32
N GLU C 248 41.63 -19.34 -3.87
CA GLU C 248 40.80 -18.28 -4.44
C GLU C 248 39.84 -18.85 -5.48
N GLU C 249 38.56 -18.54 -5.32
CA GLU C 249 37.49 -19.18 -6.08
C GLU C 249 36.47 -18.12 -6.44
N THR C 250 35.99 -18.17 -7.68
CA THR C 250 35.01 -17.19 -8.17
C THR C 250 33.76 -17.91 -8.67
N PHE C 251 32.61 -17.33 -8.35
CA PHE C 251 31.32 -17.76 -8.89
C PHE C 251 30.63 -16.53 -9.40
N LYS C 252 30.31 -16.52 -10.71
CA LYS C 252 29.79 -15.35 -11.40
CA LYS C 252 29.78 -15.34 -11.39
C LYS C 252 30.72 -14.16 -11.19
N THR C 253 30.28 -13.15 -10.45
CA THR C 253 31.07 -11.95 -10.20
C THR C 253 31.55 -11.86 -8.75
N HIS C 254 31.44 -12.93 -7.98
CA HIS C 254 31.83 -12.92 -6.58
C HIS C 254 33.10 -13.75 -6.38
N SER C 255 34.07 -13.16 -5.69
CA SER C 255 35.36 -13.77 -5.43
C SER C 255 35.44 -14.17 -3.96
N ASP C 256 35.65 -15.46 -3.71
CA ASP C 256 35.93 -15.97 -2.38
C ASP C 256 37.45 -16.01 -2.21
N SER C 257 37.98 -15.14 -1.34
CA SER C 257 39.41 -15.09 -1.13
C SER C 257 39.95 -16.37 -0.49
N LYS C 258 39.11 -17.11 0.23
CA LYS C 258 39.41 -18.44 0.78
C LYS C 258 40.77 -18.49 1.49
N PRO C 259 40.94 -17.76 2.60
CA PRO C 259 42.26 -17.72 3.23
C PRO C 259 42.73 -19.07 3.77
N TYR C 260 41.84 -20.05 3.97
CA TYR C 260 42.26 -21.32 4.55
C TYR C 260 42.45 -22.44 3.53
N GLY C 261 42.05 -22.23 2.28
CA GLY C 261 42.22 -23.24 1.27
C GLY C 261 41.25 -24.39 1.49
N PRO C 262 41.56 -25.54 0.89
CA PRO C 262 40.67 -26.70 1.04
C PRO C 262 40.65 -27.21 2.47
N THR C 263 39.44 -27.31 3.05
CA THR C 263 39.29 -27.76 4.42
C THR C 263 38.11 -28.72 4.60
N SER C 264 37.62 -29.32 3.51
CA SER C 264 36.39 -30.08 3.57
C SER C 264 36.59 -31.41 4.30
N VAL C 265 35.48 -31.93 4.84
CA VAL C 265 35.46 -33.20 5.54
C VAL C 265 34.30 -34.03 5.00
N GLY C 266 34.50 -35.34 4.98
CA GLY C 266 33.49 -36.24 4.44
C GLY C 266 33.62 -37.63 5.00
N LEU C 267 32.51 -38.37 4.94
CA LEU C 267 32.43 -39.72 5.47
C LEU C 267 31.17 -40.38 4.94
N ASP C 268 31.25 -41.68 4.68
CA ASP C 268 30.12 -42.43 4.15
C ASP C 268 29.66 -43.49 5.14
N PHE C 269 28.42 -43.92 4.98
CA PHE C 269 27.76 -44.83 5.91
C PHE C 269 26.97 -45.85 5.12
N SER C 270 27.00 -47.10 5.58
CA SER C 270 26.32 -48.22 4.92
C SER C 270 25.20 -48.73 5.81
N LEU C 271 24.02 -48.90 5.21
CA LEU C 271 22.80 -49.27 5.93
C LEU C 271 22.26 -50.57 5.34
N PRO C 272 22.74 -51.71 5.82
CA PRO C 272 22.24 -53.00 5.29
C PRO C 272 20.79 -53.20 5.69
N GLY C 273 19.96 -53.52 4.71
CA GLY C 273 18.56 -53.76 4.94
C GLY C 273 17.65 -52.56 4.74
N MET C 274 18.23 -51.37 4.58
CA MET C 274 17.45 -50.14 4.42
C MET C 274 17.32 -49.81 2.95
N GLU C 275 16.08 -49.56 2.51
CA GLU C 275 15.80 -49.07 1.18
C GLU C 275 15.11 -47.72 1.16
N HIS C 276 14.70 -47.20 2.31
CA HIS C 276 13.92 -45.97 2.39
C HIS C 276 14.57 -45.04 3.39
N VAL C 277 14.96 -43.85 2.94
CA VAL C 277 15.54 -42.85 3.82
C VAL C 277 14.77 -41.54 3.67
N TYR C 278 14.75 -40.76 4.75
CA TYR C 278 13.92 -39.57 4.83
C TYR C 278 14.67 -38.48 5.58
N GLY C 279 14.20 -37.24 5.44
CA GLY C 279 14.72 -36.13 6.21
C GLY C 279 15.50 -35.10 5.42
N ILE C 280 16.65 -34.69 5.96
CA ILE C 280 17.46 -33.55 5.52
C ILE C 280 16.65 -32.48 4.81
N PRO C 281 15.69 -31.84 5.49
CA PRO C 281 15.05 -30.65 4.92
C PRO C 281 16.06 -29.52 4.79
N GLU C 282 15.77 -28.56 3.92
CA GLU C 282 14.51 -28.41 3.22
C GLU C 282 14.67 -28.50 1.71
N HIS C 283 13.83 -29.31 1.08
CA HIS C 283 13.85 -29.50 -0.36
C HIS C 283 12.41 -29.65 -0.83
N ALA C 284 12.09 -29.04 -1.97
CA ALA C 284 10.79 -29.22 -2.61
C ALA C 284 10.81 -30.55 -3.35
N ASP C 285 10.80 -31.63 -2.56
CA ASP C 285 10.97 -32.97 -3.10
C ASP C 285 10.13 -33.94 -2.28
N SER C 286 10.09 -35.19 -2.74
CA SER C 286 9.23 -36.19 -2.16
C SER C 286 9.68 -36.59 -0.74
N LEU C 287 8.73 -37.17 0.00
CA LEU C 287 9.04 -37.60 1.36
C LEU C 287 10.15 -38.65 1.38
N ARG C 288 10.02 -39.68 0.55
CA ARG C 288 11.10 -40.65 0.41
C ARG C 288 12.20 -40.06 -0.46
N LEU C 289 13.40 -39.96 0.10
CA LEU C 289 14.53 -39.36 -0.60
C LEU C 289 14.97 -40.23 -1.77
N LYS C 290 15.34 -39.58 -2.87
CA LYS C 290 15.74 -40.27 -4.10
C LYS C 290 17.24 -40.58 -4.09
N VAL C 291 17.62 -41.51 -4.97
CA VAL C 291 19.03 -41.78 -5.22
C VAL C 291 19.63 -40.61 -5.99
N THR C 292 20.87 -40.25 -5.63
CA THR C 292 21.57 -39.12 -6.25
C THR C 292 22.66 -39.56 -7.22
N GLU C 293 22.76 -40.85 -7.51
CA GLU C 293 23.89 -41.37 -8.31
C GLU C 293 24.03 -40.66 -9.65
N GLY C 294 22.95 -40.58 -10.41
CA GLY C 294 23.01 -40.02 -11.74
C GLY C 294 22.74 -38.54 -11.84
N GLY C 295 22.75 -37.81 -10.73
CA GLY C 295 22.44 -36.39 -10.73
C GLY C 295 23.09 -35.68 -9.57
N GLU C 296 22.41 -34.65 -9.08
CA GLU C 296 22.94 -33.80 -8.04
C GLU C 296 22.74 -34.42 -6.66
N PRO C 297 23.68 -34.19 -5.74
CA PRO C 297 23.45 -34.56 -4.34
C PRO C 297 22.46 -33.61 -3.69
N TYR C 298 21.85 -34.07 -2.61
CA TYR C 298 21.00 -33.18 -1.83
C TYR C 298 21.89 -32.16 -1.13
N ARG C 299 21.54 -30.88 -1.26
CA ARG C 299 22.35 -29.79 -0.76
C ARG C 299 21.71 -29.17 0.46
N LEU C 300 22.52 -28.91 1.48
CA LEU C 300 22.09 -28.25 2.71
C LEU C 300 22.86 -26.95 2.82
N TYR C 301 22.24 -25.86 2.37
CA TYR C 301 22.83 -24.53 2.46
C TYR C 301 21.67 -23.55 2.42
N ASN C 302 21.46 -22.82 3.53
CA ASN C 302 20.29 -21.95 3.66
C ASN C 302 20.29 -20.85 2.60
N LEU C 303 19.40 -20.99 1.62
CA LEU C 303 19.39 -20.09 0.47
C LEU C 303 17.97 -19.61 0.16
N ASP C 304 17.91 -18.38 -0.34
CA ASP C 304 16.67 -17.75 -0.79
C ASP C 304 16.58 -18.00 -2.29
N VAL C 305 15.72 -18.93 -2.69
CA VAL C 305 15.61 -19.38 -4.08
C VAL C 305 14.33 -18.81 -4.65
N PHE C 306 14.47 -17.85 -5.56
CA PHE C 306 13.31 -17.12 -6.10
C PHE C 306 12.48 -18.04 -7.01
N GLN C 307 11.18 -18.07 -6.74
CA GLN C 307 10.22 -18.93 -7.46
C GLN C 307 10.76 -20.34 -7.61
N TYR C 308 11.04 -20.97 -6.47
CA TYR C 308 11.64 -22.29 -6.50
C TYR C 308 10.67 -23.30 -7.12
N GLU C 309 11.23 -24.33 -7.72
CA GLU C 309 10.46 -25.34 -8.43
C GLU C 309 10.47 -26.64 -7.65
N LEU C 310 9.64 -27.58 -8.11
CA LEU C 310 9.35 -28.81 -7.38
C LEU C 310 10.20 -29.97 -7.87
N ASN C 311 10.36 -30.96 -7.00
CA ASN C 311 11.03 -32.23 -7.30
C ASN C 311 12.41 -32.02 -7.88
N ASN C 312 13.24 -31.32 -7.11
CA ASN C 312 14.65 -31.15 -7.43
C ASN C 312 15.41 -30.96 -6.13
N PRO C 313 16.71 -31.28 -6.11
CA PRO C 313 17.44 -31.28 -4.84
C PRO C 313 18.11 -29.95 -4.50
N MET C 314 17.67 -28.85 -5.11
CA MET C 314 18.27 -27.56 -4.78
C MET C 314 18.00 -27.20 -3.32
N ALA C 315 18.99 -26.59 -2.69
CA ALA C 315 18.86 -26.21 -1.29
C ALA C 315 17.90 -25.03 -1.15
N LEU C 316 16.99 -25.12 -0.18
CA LEU C 316 16.04 -24.06 0.12
C LEU C 316 16.45 -23.37 1.43
N TYR C 317 15.47 -22.83 2.16
CA TYR C 317 15.76 -21.85 3.19
C TYR C 317 16.36 -22.49 4.44
N GLY C 318 16.01 -23.73 4.75
CA GLY C 318 16.49 -24.34 5.98
C GLY C 318 17.27 -25.62 5.77
N SER C 319 18.04 -26.01 6.79
CA SER C 319 18.89 -27.19 6.72
C SER C 319 18.88 -27.90 8.06
N VAL C 320 18.38 -29.13 8.09
CA VAL C 320 18.48 -29.98 9.27
C VAL C 320 19.23 -31.25 8.87
N PRO C 321 20.50 -31.36 9.24
CA PRO C 321 21.34 -32.49 8.78
C PRO C 321 21.04 -33.77 9.56
N VAL C 322 19.84 -34.30 9.37
CA VAL C 322 19.38 -35.51 10.04
C VAL C 322 18.69 -36.39 8.99
N LEU C 323 19.14 -37.63 8.85
CA LEU C 323 18.56 -38.58 7.93
C LEU C 323 18.02 -39.77 8.72
N LEU C 324 16.81 -40.20 8.38
CA LEU C 324 16.17 -41.34 9.01
C LEU C 324 16.06 -42.49 8.02
N ALA C 325 16.38 -43.70 8.47
CA ALA C 325 16.31 -44.90 7.65
C ALA C 325 15.29 -45.85 8.27
N HIS C 326 14.37 -46.35 7.44
CA HIS C 326 13.28 -47.20 7.91
C HIS C 326 13.21 -48.47 7.09
N SER C 327 13.06 -49.60 7.78
CA SER C 327 12.77 -50.88 7.15
C SER C 327 11.70 -51.59 7.97
N PHE C 328 11.23 -52.72 7.45
CA PHE C 328 10.28 -53.55 8.19
C PHE C 328 10.81 -53.91 9.56
N HIS C 329 12.12 -54.07 9.70
CA HIS C 329 12.71 -54.66 10.90
C HIS C 329 13.24 -53.63 11.89
N ARG C 330 13.66 -52.45 11.44
CA ARG C 330 14.29 -51.51 12.36
C ARG C 330 14.17 -50.09 11.82
N ASP C 331 14.60 -49.14 12.65
CA ASP C 331 14.66 -47.74 12.29
C ASP C 331 15.99 -47.17 12.77
N LEU C 332 16.63 -46.36 11.93
CA LEU C 332 17.92 -45.77 12.25
C LEU C 332 17.91 -44.29 11.92
N GLY C 333 18.85 -43.56 12.52
CA GLY C 333 18.98 -42.15 12.25
C GLY C 333 20.41 -41.65 12.35
N ILE C 334 20.80 -40.76 11.44
CA ILE C 334 22.13 -40.19 11.39
C ILE C 334 22.03 -38.68 11.56
N PHE C 335 22.76 -38.14 12.52
CA PHE C 335 22.75 -36.72 12.84
C PHE C 335 24.16 -36.18 12.57
N TRP C 336 24.31 -35.53 11.42
CA TRP C 336 25.61 -34.98 11.00
C TRP C 336 25.68 -33.55 11.52
N LEU C 337 26.30 -33.38 12.68
CA LEU C 337 26.33 -32.08 13.36
C LEU C 337 27.41 -31.21 12.70
N ASN C 338 27.01 -30.55 11.62
CA ASN C 338 27.90 -29.63 10.90
C ASN C 338 27.09 -28.44 10.40
N ALA C 339 27.66 -27.25 10.54
CA ALA C 339 26.97 -26.01 10.20
C ALA C 339 27.39 -25.41 8.86
N ALA C 340 28.40 -25.98 8.20
CA ALA C 340 28.89 -25.47 6.93
C ALA C 340 28.09 -26.06 5.77
N GLU C 341 28.35 -25.54 4.57
CA GLU C 341 27.71 -26.09 3.37
C GLU C 341 27.97 -27.58 3.29
N THR C 342 26.90 -28.35 3.08
CA THR C 342 26.99 -29.79 3.14
C THR C 342 26.20 -30.39 1.99
N TRP C 343 26.79 -31.39 1.33
CA TRP C 343 26.15 -32.15 0.28
C TRP C 343 25.97 -33.59 0.74
N VAL C 344 24.86 -34.21 0.34
CA VAL C 344 24.51 -35.55 0.78
C VAL C 344 24.20 -36.39 -0.45
N ASP C 345 24.96 -37.47 -0.65
CA ASP C 345 24.73 -38.42 -1.71
C ASP C 345 24.03 -39.66 -1.18
N ILE C 346 23.12 -40.20 -1.96
CA ILE C 346 22.34 -41.38 -1.61
C ILE C 346 22.43 -42.38 -2.76
N SER C 347 22.84 -43.61 -2.46
CA SER C 347 22.99 -44.64 -3.47
C SER C 347 22.45 -45.97 -2.96
N SER C 348 21.81 -46.73 -3.85
CA SER C 348 21.19 -48.00 -3.51
C SER C 348 22.02 -49.18 -4.02
N ASN C 349 21.78 -50.34 -3.41
CA ASN C 349 22.45 -51.58 -3.80
C ASN C 349 21.42 -52.69 -4.04
N THR C 369 20.19 -58.49 1.26
CA THR C 369 21.00 -57.84 0.24
C THR C 369 20.68 -56.36 -0.04
N PRO C 370 19.41 -55.93 0.00
CA PRO C 370 19.13 -54.51 -0.24
C PRO C 370 19.80 -53.61 0.78
N GLN C 371 20.41 -52.53 0.29
CA GLN C 371 21.21 -51.65 1.13
C GLN C 371 21.18 -50.25 0.54
N THR C 372 21.27 -49.25 1.43
CA THR C 372 21.33 -47.84 1.06
C THR C 372 22.63 -47.26 1.59
N ASP C 373 23.31 -46.46 0.77
CA ASP C 373 24.55 -45.80 1.15
C ASP C 373 24.33 -44.29 1.26
N ILE C 374 24.91 -43.70 2.31
CA ILE C 374 24.75 -42.29 2.63
C ILE C 374 26.13 -41.67 2.83
N ARG C 375 26.36 -40.54 2.17
CA ARG C 375 27.65 -39.86 2.23
C ARG C 375 27.45 -38.38 2.53
N TRP C 376 28.15 -37.89 3.57
CA TRP C 376 28.08 -36.49 3.97
C TRP C 376 29.38 -35.78 3.57
N MET C 377 29.26 -34.58 3.02
CA MET C 377 30.41 -33.80 2.56
C MET C 377 30.20 -32.35 2.97
N SER C 378 31.03 -31.86 3.90
CA SER C 378 30.88 -30.52 4.45
C SER C 378 32.13 -29.70 4.16
N GLU C 379 31.96 -28.38 4.09
CA GLU C 379 33.04 -27.50 3.62
C GLU C 379 34.11 -27.28 4.68
N SER C 380 33.72 -27.18 5.94
CA SER C 380 34.68 -26.98 7.02
C SER C 380 34.14 -27.66 8.27
N GLY C 381 34.73 -27.33 9.41
CA GLY C 381 34.37 -27.98 10.66
C GLY C 381 34.96 -29.38 10.78
N ILE C 382 34.69 -29.99 11.92
CA ILE C 382 35.15 -31.34 12.18
C ILE C 382 34.12 -32.35 11.67
N ILE C 383 34.48 -33.62 11.69
CA ILE C 383 33.49 -34.69 11.55
C ILE C 383 32.86 -34.92 12.92
N ASP C 384 31.55 -34.77 13.00
CA ASP C 384 30.82 -34.97 14.26
C ASP C 384 29.45 -35.53 13.87
N VAL C 385 29.24 -36.82 14.15
CA VAL C 385 28.04 -37.51 13.71
C VAL C 385 27.52 -38.35 14.87
N PHE C 386 26.20 -38.34 15.03
CA PHE C 386 25.52 -39.17 16.02
C PHE C 386 24.83 -40.31 15.29
N LEU C 387 25.03 -41.53 15.79
CA LEU C 387 24.34 -42.70 15.29
C LEU C 387 23.22 -43.04 16.26
N MET C 388 21.97 -43.00 15.77
CA MET C 388 20.80 -43.22 16.60
C MET C 388 20.15 -44.53 16.15
N LEU C 389 20.21 -45.54 17.03
CA LEU C 389 20.06 -46.93 16.63
C LEU C 389 18.64 -47.48 16.83
N GLY C 390 17.69 -46.65 17.23
CA GLY C 390 16.33 -47.10 17.37
C GLY C 390 16.12 -47.95 18.61
N PRO C 391 15.49 -49.13 18.46
CA PRO C 391 15.08 -49.78 17.21
C PRO C 391 13.82 -49.23 16.54
N SER C 392 12.91 -48.63 17.29
CA SER C 392 11.73 -48.06 16.68
C SER C 392 11.98 -46.61 16.30
N VAL C 393 11.12 -46.08 15.43
CA VAL C 393 11.27 -44.70 15.02
C VAL C 393 11.00 -43.76 16.19
N PHE C 394 10.16 -44.18 17.14
CA PHE C 394 9.93 -43.37 18.32
C PHE C 394 11.14 -43.37 19.24
N ASP C 395 11.92 -44.45 19.24
CA ASP C 395 13.22 -44.42 19.92
C ASP C 395 14.12 -43.38 19.27
N VAL C 396 14.11 -43.29 17.95
CA VAL C 396 14.95 -42.32 17.25
C VAL C 396 14.50 -40.90 17.59
N PHE C 397 13.19 -40.66 17.64
CA PHE C 397 12.68 -39.35 18.04
C PHE C 397 13.20 -38.98 19.43
N ARG C 398 13.06 -39.89 20.38
CA ARG C 398 13.52 -39.62 21.75
C ARG C 398 15.03 -39.45 21.78
N GLN C 399 15.76 -40.26 21.02
CA GLN C 399 17.21 -40.13 20.96
C GLN C 399 17.62 -38.76 20.43
N TYR C 400 17.03 -38.33 19.31
CA TYR C 400 17.36 -37.03 18.76
C TYR C 400 16.86 -35.90 19.66
N ALA C 401 15.68 -36.05 20.24
CA ALA C 401 15.16 -35.01 21.12
C ALA C 401 16.05 -34.81 22.34
N SER C 402 16.66 -35.89 22.83
CA SER C 402 17.58 -35.76 23.96
C SER C 402 18.85 -34.99 23.59
N LEU C 403 19.15 -34.90 22.29
CA LEU C 403 20.33 -34.19 21.82
C LEU C 403 20.03 -32.72 21.52
N THR C 404 18.96 -32.43 20.78
CA THR C 404 18.71 -31.09 20.27
C THR C 404 17.43 -30.45 20.84
N GLY C 405 16.81 -31.07 21.83
CA GLY C 405 15.62 -30.52 22.44
C GLY C 405 14.35 -30.87 21.69
N THR C 406 13.24 -30.32 22.18
CA THR C 406 11.91 -30.62 21.66
C THR C 406 11.22 -29.34 21.20
N GLN C 407 10.12 -29.52 20.48
CA GLN C 407 9.32 -28.39 20.01
C GLN C 407 8.84 -27.55 21.19
N ALA C 408 9.08 -26.24 21.12
CA ALA C 408 8.55 -25.34 22.13
C ALA C 408 7.03 -25.39 22.11
N LEU C 409 6.44 -25.35 23.30
CA LEU C 409 4.97 -25.41 23.40
C LEU C 409 4.37 -24.14 22.85
N PRO C 410 3.65 -24.17 21.73
CA PRO C 410 3.10 -22.95 21.16
C PRO C 410 2.00 -22.38 22.04
N PRO C 411 1.93 -21.06 22.18
CA PRO C 411 0.75 -20.45 22.78
C PRO C 411 -0.49 -20.80 21.96
N LEU C 412 -1.61 -21.01 22.67
CA LEU C 412 -2.81 -21.57 22.03
C LEU C 412 -3.22 -20.80 20.78
N PHE C 413 -3.16 -19.47 20.83
CA PHE C 413 -3.64 -18.66 19.71
C PHE C 413 -2.90 -18.97 18.41
N SER C 414 -1.59 -19.28 18.51
CA SER C 414 -0.79 -19.51 17.32
C SER C 414 -1.14 -20.81 16.61
N LEU C 415 -1.97 -21.66 17.20
CA LEU C 415 -2.49 -22.83 16.50
C LEU C 415 -3.81 -22.53 15.80
N GLY C 416 -4.33 -21.32 15.92
CA GLY C 416 -5.49 -20.91 15.17
C GLY C 416 -5.12 -20.55 13.74
N TYR C 417 -5.97 -19.74 13.12
CA TYR C 417 -5.78 -19.31 11.74
C TYR C 417 -5.07 -17.96 11.70
N HIS C 418 -4.07 -17.85 10.83
CA HIS C 418 -3.35 -16.60 10.61
C HIS C 418 -3.75 -16.03 9.26
N GLN C 419 -4.11 -14.74 9.24
CA GLN C 419 -4.47 -14.04 8.01
C GLN C 419 -3.37 -13.06 7.68
N SER C 420 -2.72 -13.26 6.55
CA SER C 420 -1.56 -12.47 6.19
C SER C 420 -1.59 -12.13 4.71
N ARG C 421 -0.83 -11.10 4.36
CA ARG C 421 -0.49 -10.79 2.99
C ARG C 421 0.57 -9.70 3.02
N TRP C 422 1.26 -9.57 1.91
CA TRP C 422 2.11 -8.44 1.60
C TRP C 422 1.31 -7.58 0.65
N ASN C 423 0.72 -6.49 1.15
CA ASN C 423 0.79 -6.03 2.52
C ASN C 423 -0.58 -5.48 2.90
N TYR C 424 -0.86 -5.36 4.20
CA TYR C 424 -2.02 -4.58 4.63
C TYR C 424 -1.64 -3.12 4.71
N ARG C 425 -2.47 -2.27 4.10
CA ARG C 425 -2.09 -0.90 3.78
C ARG C 425 -1.87 -0.03 5.02
N ASP C 426 -2.79 -0.07 5.97
CA ASP C 426 -2.69 0.83 7.13
C ASP C 426 -3.51 0.25 8.28
N GLU C 427 -3.58 1.02 9.37
CA GLU C 427 -4.35 0.60 10.55
C GLU C 427 -5.82 0.37 10.21
N ALA C 428 -6.43 1.29 9.44
CA ALA C 428 -7.83 1.15 9.06
C ALA C 428 -8.05 -0.13 8.26
N ASP C 429 -7.11 -0.46 7.38
CA ASP C 429 -7.20 -1.72 6.64
C ASP C 429 -7.16 -2.92 7.58
N VAL C 430 -6.24 -2.90 8.56
CA VAL C 430 -6.15 -3.99 9.53
C VAL C 430 -7.46 -4.14 10.30
N LEU C 431 -8.06 -3.02 10.71
CA LEU C 431 -9.33 -3.09 11.43
C LEU C 431 -10.48 -3.53 10.53
N GLU C 432 -10.42 -3.20 9.23
CA GLU C 432 -11.43 -3.67 8.30
C GLU C 432 -11.35 -5.19 8.11
N VAL C 433 -10.13 -5.73 8.04
CA VAL C 433 -9.98 -7.18 7.96
C VAL C 433 -10.52 -7.84 9.22
N ASP C 434 -10.21 -7.25 10.39
CA ASP C 434 -10.73 -7.77 11.65
C ASP C 434 -12.25 -7.82 11.65
N GLN C 435 -12.90 -6.74 11.21
CA GLN C 435 -14.35 -6.69 11.19
C GLN C 435 -14.93 -7.61 10.13
N GLY C 436 -14.23 -7.78 9.01
CA GLY C 436 -14.72 -8.68 7.97
C GLY C 436 -14.89 -10.11 8.47
N PHE C 437 -13.95 -10.58 9.29
CA PHE C 437 -14.07 -11.92 9.86
C PHE C 437 -15.33 -12.07 10.70
N ASP C 438 -15.61 -11.08 11.55
CA ASP C 438 -16.79 -11.15 12.41
C ASP C 438 -18.07 -10.94 11.61
N ASP C 439 -18.04 -10.04 10.62
CA ASP C 439 -19.23 -9.79 9.82
C ASP C 439 -19.56 -10.95 8.90
N HIS C 440 -18.60 -11.84 8.63
CA HIS C 440 -18.82 -12.99 7.76
C HIS C 440 -18.69 -14.30 8.53
N ASN C 441 -18.72 -14.24 9.85
CA ASN C 441 -18.75 -15.41 10.74
C ASN C 441 -17.62 -16.39 10.41
N MET C 442 -16.39 -15.86 10.44
CA MET C 442 -15.20 -16.66 10.22
C MET C 442 -14.23 -16.41 11.37
N PRO C 443 -13.69 -17.45 11.99
CA PRO C 443 -12.73 -17.23 13.08
C PRO C 443 -11.34 -16.91 12.56
N CYS C 444 -10.64 -16.11 13.35
CA CYS C 444 -9.26 -15.72 13.05
C CYS C 444 -8.60 -15.25 14.33
N ASP C 445 -7.37 -15.67 14.55
CA ASP C 445 -6.62 -15.29 15.75
C ASP C 445 -5.60 -14.19 15.53
N VAL C 446 -4.95 -14.15 14.36
CA VAL C 446 -3.84 -13.25 14.14
C VAL C 446 -3.95 -12.60 12.76
N ILE C 447 -3.72 -11.29 12.71
CA ILE C 447 -3.54 -10.55 11.47
C ILE C 447 -2.08 -10.12 11.40
N TRP C 448 -1.49 -10.23 10.22
CA TRP C 448 -0.04 -10.08 10.06
C TRP C 448 0.30 -8.80 9.31
N LEU C 449 1.37 -8.13 9.75
CA LEU C 449 1.88 -6.90 9.15
C LEU C 449 3.25 -7.19 8.53
N ASP C 450 3.30 -7.17 7.20
CA ASP C 450 4.54 -7.44 6.49
C ASP C 450 5.37 -6.16 6.39
N ILE C 451 6.40 -6.15 5.55
CA ILE C 451 7.45 -5.13 5.68
C ILE C 451 6.98 -3.72 5.39
N GLU C 452 5.83 -3.53 4.74
CA GLU C 452 5.40 -2.17 4.43
C GLU C 452 4.82 -1.43 5.63
N HIS C 453 4.69 -2.10 6.78
CA HIS C 453 4.21 -1.42 7.98
C HIS C 453 5.28 -0.57 8.65
N ALA C 454 6.55 -0.81 8.35
CA ALA C 454 7.64 -0.06 8.95
C ALA C 454 7.97 1.18 8.13
N ASP C 455 8.80 2.04 8.70
CA ASP C 455 9.28 3.26 8.02
C ASP C 455 10.41 2.88 7.08
N GLY C 456 10.08 2.71 5.80
CA GLY C 456 11.10 2.43 4.79
C GLY C 456 11.94 1.20 5.05
N LYS C 457 11.31 0.13 5.54
CA LYS C 457 12.00 -1.12 5.85
C LYS C 457 13.10 -0.91 6.88
N ARG C 458 12.89 0.04 7.79
CA ARG C 458 13.66 0.14 9.02
C ARG C 458 12.89 -0.63 10.09
N TYR C 459 13.37 -1.81 10.45
CA TYR C 459 12.61 -2.66 11.37
C TYR C 459 12.64 -2.09 12.78
N PHE C 460 11.69 -2.54 13.59
CA PHE C 460 11.34 -2.00 14.90
C PHE C 460 10.71 -0.60 14.80
N THR C 461 10.32 -0.15 13.61
CA THR C 461 9.68 1.14 13.45
C THR C 461 8.30 0.96 12.83
N TRP C 462 7.57 2.07 12.74
CA TRP C 462 6.23 2.12 12.19
C TRP C 462 6.17 3.25 11.18
N ASP C 463 5.46 3.03 10.07
CA ASP C 463 5.31 4.10 9.08
C ASP C 463 4.50 5.23 9.69
N PRO C 464 5.02 6.46 9.68
CA PRO C 464 4.37 7.54 10.45
C PRO C 464 3.03 7.98 9.88
N THR C 465 2.69 7.60 8.66
CA THR C 465 1.41 7.94 8.06
C THR C 465 0.41 6.78 8.11
N ARG C 466 0.84 5.57 7.77
CA ARG C 466 -0.08 4.44 7.69
C ARG C 466 -0.28 3.73 9.02
N PHE C 467 0.70 3.78 9.92
CA PHE C 467 0.59 3.18 11.25
C PHE C 467 1.08 4.17 12.30
N PRO C 468 0.41 5.32 12.42
CA PRO C 468 0.88 6.34 13.37
C PRO C 468 0.62 6.00 14.83
N GLN C 469 -0.37 5.15 15.10
CA GLN C 469 -0.79 4.84 16.47
C GLN C 469 -0.85 3.33 16.67
N PRO C 470 0.31 2.65 16.65
CA PRO C 470 0.27 1.18 16.76
C PRO C 470 -0.35 0.67 18.05
N LEU C 471 -0.17 1.38 19.17
CA LEU C 471 -0.78 0.94 20.42
C LEU C 471 -2.30 0.96 20.34
N ASN C 472 -2.86 1.99 19.71
CA ASN C 472 -4.31 2.05 19.56
C ASN C 472 -4.82 0.92 18.68
N MET C 473 -4.08 0.60 17.62
CA MET C 473 -4.45 -0.51 16.76
C MET C 473 -4.40 -1.83 17.49
N LEU C 474 -3.37 -2.03 18.32
CA LEU C 474 -3.24 -3.27 19.07
C LEU C 474 -4.29 -3.38 20.16
N GLU C 475 -4.71 -2.25 20.73
CA GLU C 475 -5.75 -2.30 21.74
C GLU C 475 -7.10 -2.69 21.13
N HIS C 476 -7.37 -2.24 19.90
CA HIS C 476 -8.60 -2.67 19.23
CA HIS C 476 -8.60 -2.67 19.23
C HIS C 476 -8.60 -4.18 19.00
N LEU C 477 -7.45 -4.73 18.57
CA LEU C 477 -7.36 -6.16 18.36
C LEU C 477 -7.53 -6.94 19.67
N ALA C 478 -6.99 -6.40 20.77
CA ALA C 478 -7.16 -7.05 22.07
C ALA C 478 -8.62 -7.03 22.52
N SER C 479 -9.35 -5.95 22.23
CA SER C 479 -10.77 -5.92 22.57
C SER C 479 -11.56 -6.93 21.75
N LYS C 480 -11.05 -7.33 20.60
CA LYS C 480 -11.56 -8.46 19.84
C LYS C 480 -10.86 -9.76 20.23
N ARG C 481 -9.92 -9.71 21.18
CA ARG C 481 -9.20 -10.89 21.66
C ARG C 481 -8.42 -11.56 20.53
N ARG C 482 -7.75 -10.75 19.73
CA ARG C 482 -6.92 -11.22 18.63
C ARG C 482 -5.52 -10.66 18.78
N LYS C 483 -4.58 -11.26 18.07
CA LYS C 483 -3.19 -10.86 18.13
C LYS C 483 -2.76 -10.26 16.80
N LEU C 484 -1.54 -9.72 16.78
CA LEU C 484 -0.93 -9.23 15.55
C LEU C 484 0.51 -9.71 15.50
N VAL C 485 1.00 -9.94 14.28
CA VAL C 485 2.39 -10.30 14.05
C VAL C 485 3.02 -9.26 13.14
N ALA C 486 4.16 -8.72 13.56
CA ALA C 486 4.92 -7.76 12.78
C ALA C 486 6.24 -8.40 12.36
N ILE C 487 6.66 -8.14 11.13
CA ILE C 487 7.89 -8.72 10.60
C ILE C 487 9.08 -7.90 11.11
N VAL C 488 10.14 -8.60 11.50
CA VAL C 488 11.39 -7.98 11.92
C VAL C 488 12.51 -8.79 11.27
N ASP C 489 13.17 -8.22 10.26
CA ASP C 489 14.20 -8.92 9.52
C ASP C 489 15.58 -8.60 10.09
N PRO C 490 16.57 -9.48 9.83
CA PRO C 490 17.89 -9.27 10.42
C PRO C 490 18.83 -8.45 9.54
N HIS C 491 18.32 -7.65 8.62
CA HIS C 491 19.14 -6.69 7.90
C HIS C 491 18.73 -5.29 8.34
N ILE C 492 19.71 -4.44 8.61
CA ILE C 492 19.49 -3.14 9.23
C ILE C 492 19.94 -2.09 8.23
N LYS C 493 19.02 -1.21 7.85
CA LYS C 493 19.31 -0.19 6.85
C LYS C 493 20.50 0.66 7.28
N VAL C 494 21.42 0.90 6.35
CA VAL C 494 22.57 1.76 6.60
C VAL C 494 22.05 3.20 6.55
N ASP C 495 21.91 3.81 7.73
CA ASP C 495 21.17 5.07 7.85
C ASP C 495 21.54 5.69 9.19
N SER C 496 22.30 6.78 9.16
CA SER C 496 22.76 7.42 10.39
C SER C 496 21.61 8.03 11.20
N GLY C 497 20.43 8.19 10.62
CA GLY C 497 19.28 8.62 11.40
C GLY C 497 18.49 7.51 12.05
N TYR C 498 18.92 6.26 11.84
CA TYR C 498 18.23 5.07 12.31
C TYR C 498 18.98 4.59 13.56
N ARG C 499 18.34 4.70 14.73
CA ARG C 499 19.03 4.41 15.99
C ARG C 499 19.54 2.97 16.03
N VAL C 500 18.78 2.03 15.46
CA VAL C 500 19.19 0.63 15.49
C VAL C 500 20.54 0.49 14.78
N HIS C 501 20.66 1.08 13.59
CA HIS C 501 21.93 1.01 12.87
C HIS C 501 23.03 1.74 13.64
N GLU C 502 22.71 2.88 14.25
CA GLU C 502 23.71 3.63 15.00
C GLU C 502 24.24 2.81 16.17
N GLU C 503 23.34 2.13 16.88
CA GLU C 503 23.74 1.30 18.02
C GLU C 503 24.60 0.12 17.59
N LEU C 504 24.18 -0.59 16.54
CA LEU C 504 24.93 -1.75 16.10
C LEU C 504 26.29 -1.36 15.51
N ARG C 505 26.33 -0.21 14.82
CA ARG C 505 27.60 0.28 14.29
C ARG C 505 28.54 0.69 15.41
N ASN C 506 28.03 1.40 16.42
CA ASN C 506 28.89 1.91 17.49
C ASN C 506 29.41 0.81 18.39
N HIS C 507 28.71 -0.32 18.49
CA HIS C 507 29.10 -1.40 19.37
C HIS C 507 29.79 -2.55 18.64
N GLY C 508 30.04 -2.43 17.35
CA GLY C 508 30.73 -3.48 16.61
C GLY C 508 29.98 -4.79 16.58
N LEU C 509 28.66 -4.73 16.50
CA LEU C 509 27.82 -5.92 16.52
C LEU C 509 27.42 -6.38 15.13
N TYR C 510 28.05 -5.84 14.09
CA TYR C 510 27.78 -6.22 12.71
C TYR C 510 28.76 -7.28 12.24
N VAL C 511 28.31 -8.11 11.28
CA VAL C 511 29.22 -8.98 10.56
C VAL C 511 30.26 -8.11 9.86
N LYS C 512 31.49 -8.63 9.79
CA LYS C 512 32.63 -7.88 9.30
C LYS C 512 33.15 -8.45 7.99
N THR C 513 33.83 -7.60 7.23
CA THR C 513 34.61 -8.03 6.08
C THR C 513 36.07 -8.17 6.49
N ARG C 514 36.87 -8.68 5.55
CA ARG C 514 38.27 -8.95 5.86
C ARG C 514 39.07 -7.69 6.19
N ASP C 515 38.63 -6.52 5.74
CA ASP C 515 39.32 -5.27 6.04
C ASP C 515 38.88 -4.62 7.35
N GLY C 516 38.01 -5.27 8.12
CA GLY C 516 37.60 -4.75 9.40
C GLY C 516 36.42 -3.80 9.39
N SER C 517 35.84 -3.52 8.22
CA SER C 517 34.66 -2.68 8.14
C SER C 517 33.40 -3.54 8.21
N ASP C 518 32.29 -2.88 8.52
CA ASP C 518 31.00 -3.58 8.58
C ASP C 518 30.56 -4.02 7.19
N TYR C 519 30.14 -5.28 7.07
CA TYR C 519 29.68 -5.77 5.78
C TYR C 519 28.42 -5.05 5.35
N GLU C 520 28.37 -4.66 4.08
CA GLU C 520 27.21 -3.99 3.51
C GLU C 520 26.80 -4.70 2.23
N GLY C 521 25.55 -5.15 2.18
CA GLY C 521 24.96 -5.68 0.97
C GLY C 521 23.69 -4.92 0.64
N TRP C 522 22.89 -5.44 -0.28
CA TRP C 522 21.66 -4.78 -0.70
C TRP C 522 20.48 -5.68 -0.36
N CYS C 523 19.44 -5.08 0.23
CA CYS C 523 18.22 -5.83 0.54
C CYS C 523 17.01 -4.92 0.42
N TRP C 524 15.97 -5.18 1.21
CA TRP C 524 14.75 -4.38 1.13
C TRP C 524 14.97 -2.88 1.33
N PRO C 525 15.72 -2.40 2.32
CA PRO C 525 15.89 -0.95 2.48
C PRO C 525 17.00 -0.35 1.63
N GLY C 526 17.52 -1.07 0.65
CA GLY C 526 18.69 -0.61 -0.08
C GLY C 526 19.95 -1.15 0.57
N SER C 527 20.89 -0.26 0.87
CA SER C 527 22.12 -0.64 1.55
CA SER C 527 22.12 -0.66 1.54
C SER C 527 21.81 -1.06 2.98
N ALA C 528 22.28 -2.25 3.38
CA ALA C 528 22.00 -2.77 4.71
C ALA C 528 23.18 -3.57 5.23
N SER C 529 23.34 -3.55 6.54
CA SER C 529 24.31 -4.37 7.24
C SER C 529 23.60 -5.49 7.99
N TYR C 530 24.37 -6.46 8.44
CA TYR C 530 23.81 -7.70 8.99
C TYR C 530 24.36 -7.93 10.39
N PRO C 531 23.54 -7.86 11.44
CA PRO C 531 24.04 -8.11 12.80
C PRO C 531 24.63 -9.50 12.91
N ASP C 532 25.69 -9.60 13.72
CA ASP C 532 26.39 -10.87 13.89
C ASP C 532 25.68 -11.64 14.99
N PHE C 533 24.64 -12.37 14.59
CA PHE C 533 23.83 -13.12 15.56
C PHE C 533 24.55 -14.30 16.17
N THR C 534 25.70 -14.72 15.62
CA THR C 534 26.52 -15.70 16.32
C THR C 534 27.20 -15.13 17.55
N ASN C 535 27.17 -13.82 17.74
CA ASN C 535 27.80 -13.16 18.89
C ASN C 535 26.81 -13.10 20.05
N PRO C 536 27.10 -13.73 21.19
CA PRO C 536 26.13 -13.71 22.29
C PRO C 536 25.80 -12.31 22.80
N ARG C 537 26.73 -11.36 22.68
CA ARG C 537 26.40 -9.99 23.05
C ARG C 537 25.43 -9.37 22.07
N MET C 538 25.43 -9.82 20.81
CA MET C 538 24.47 -9.31 19.84
CA MET C 538 24.46 -9.33 19.84
C MET C 538 23.08 -9.92 20.07
N ARG C 539 23.01 -11.22 20.38
CA ARG C 539 21.72 -11.84 20.68
C ARG C 539 21.09 -11.21 21.93
N ALA C 540 21.91 -10.86 22.92
CA ALA C 540 21.40 -10.17 24.10
C ALA C 540 20.89 -8.78 23.74
N TRP C 541 21.60 -8.07 22.87
CA TRP C 541 21.12 -6.77 22.40
C TRP C 541 19.77 -6.91 21.70
N TRP C 542 19.69 -7.85 20.77
CA TRP C 542 18.46 -8.09 20.03
C TRP C 542 17.30 -8.41 20.97
N SER C 543 17.51 -9.35 21.90
CA SER C 543 16.46 -9.71 22.84
CA SER C 543 16.47 -9.70 22.85
C SER C 543 16.00 -8.49 23.64
N ASN C 544 16.94 -7.70 24.16
CA ASN C 544 16.59 -6.50 24.90
C ASN C 544 15.86 -5.47 24.06
N MET C 545 16.05 -5.50 22.73
CA MET C 545 15.39 -4.56 21.85
C MET C 545 13.88 -4.77 21.82
N PHE C 546 13.41 -5.96 22.20
CA PHE C 546 11.98 -6.27 22.18
C PHE C 546 11.26 -5.87 23.46
N SER C 547 11.93 -5.20 24.40
CA SER C 547 11.23 -4.66 25.55
C SER C 547 10.24 -3.59 25.10
N PHE C 548 9.18 -3.42 25.88
CA PHE C 548 8.14 -2.47 25.50
C PHE C 548 8.65 -1.03 25.47
N ASP C 549 9.75 -0.74 26.18
CA ASP C 549 10.34 0.59 26.11
C ASP C 549 11.21 0.78 24.87
N ASN C 550 11.88 -0.28 24.41
CA ASN C 550 12.77 -0.16 23.27
C ASN C 550 12.01 -0.29 21.95
N TYR C 551 11.15 -1.30 21.84
CA TYR C 551 10.30 -1.48 20.66
C TYR C 551 9.02 -0.68 20.89
N GLU C 552 9.14 0.64 20.69
CA GLU C 552 8.02 1.52 20.93
C GLU C 552 6.87 1.22 19.98
N GLY C 553 5.66 1.25 20.52
CA GLY C 553 4.48 0.86 19.78
C GLY C 553 4.09 -0.59 19.91
N SER C 554 4.92 -1.42 20.53
CA SER C 554 4.61 -2.83 20.71
C SER C 554 3.81 -3.05 22.00
N ALA C 555 3.07 -4.15 22.01
CA ALA C 555 2.20 -4.52 23.13
C ALA C 555 2.26 -6.04 23.34
N PRO C 556 1.75 -6.56 24.46
CA PRO C 556 1.80 -8.02 24.68
C PRO C 556 1.11 -8.86 23.61
N ASN C 557 0.13 -8.33 22.88
CA ASN C 557 -0.51 -9.10 21.83
C ASN C 557 0.14 -8.90 20.47
N LEU C 558 1.36 -8.39 20.43
CA LEU C 558 2.14 -8.27 19.20
CA LEU C 558 2.14 -8.27 19.20
C LEU C 558 3.27 -9.30 19.23
N TYR C 559 3.35 -10.11 18.18
CA TYR C 559 4.35 -11.16 18.06
C TYR C 559 5.15 -10.92 16.77
N VAL C 560 6.11 -11.79 16.49
CA VAL C 560 7.17 -11.44 15.55
C VAL C 560 7.35 -12.53 14.50
N TRP C 561 7.73 -12.08 13.31
CA TRP C 561 8.04 -12.93 12.17
C TRP C 561 9.45 -12.59 11.70
N ASN C 562 10.35 -13.57 11.77
CA ASN C 562 11.70 -13.43 11.22
C ASN C 562 11.72 -13.99 9.80
N ASP C 563 12.12 -13.16 8.85
CA ASP C 563 12.24 -13.55 7.45
C ASP C 563 13.66 -13.21 6.96
N MET C 564 14.03 -13.77 5.81
CA MET C 564 15.29 -13.45 5.12
C MET C 564 16.51 -13.71 6.01
N ASN C 565 16.37 -14.61 6.98
CA ASN C 565 17.45 -14.88 7.92
C ASN C 565 18.35 -16.03 7.49
N GLU C 566 18.44 -16.30 6.18
CA GLU C 566 19.39 -17.28 5.69
C GLU C 566 20.85 -16.94 5.96
N PRO C 567 21.31 -15.67 5.84
CA PRO C 567 20.68 -14.38 5.49
C PRO C 567 20.56 -14.16 3.99
N SER C 568 19.52 -13.44 3.58
CA SER C 568 19.32 -13.11 2.18
C SER C 568 20.03 -11.80 1.85
N VAL C 569 20.87 -11.83 0.81
CA VAL C 569 21.61 -10.66 0.35
C VAL C 569 21.42 -10.58 -1.17
N PHE C 570 20.74 -9.53 -1.63
CA PHE C 570 20.29 -9.49 -3.02
C PHE C 570 21.46 -9.46 -4.00
N ASN C 571 22.57 -8.82 -3.65
CA ASN C 571 23.72 -8.73 -4.53
C ASN C 571 24.86 -9.67 -4.13
N GLY C 572 24.60 -10.63 -3.25
CA GLY C 572 25.61 -11.55 -2.80
C GLY C 572 25.65 -12.82 -3.64
N PRO C 573 26.70 -13.63 -3.44
CA PRO C 573 26.79 -14.90 -4.17
C PRO C 573 25.69 -15.84 -3.72
N GLU C 574 24.93 -16.36 -4.69
CA GLU C 574 23.78 -17.22 -4.44
C GLU C 574 22.72 -16.50 -3.59
N VAL C 575 22.69 -15.17 -3.69
CA VAL C 575 21.78 -14.31 -2.95
C VAL C 575 21.96 -14.51 -1.45
N THR C 576 23.21 -14.58 -0.99
CA THR C 576 23.49 -14.66 0.44
C THR C 576 24.84 -14.01 0.76
N MET C 577 25.23 -14.10 2.02
CA MET C 577 26.45 -13.49 2.53
CA MET C 577 26.44 -13.47 2.50
C MET C 577 27.69 -14.16 1.94
N LEU C 578 28.72 -13.35 1.70
CA LEU C 578 30.00 -13.84 1.20
C LEU C 578 30.60 -14.87 2.16
N LYS C 579 31.25 -15.88 1.59
CA LYS C 579 31.87 -16.94 2.39
C LYS C 579 32.91 -16.40 3.35
N ASP C 580 33.67 -15.38 2.93
CA ASP C 580 34.82 -14.91 3.69
C ASP C 580 34.52 -13.67 4.54
N ALA C 581 33.25 -13.35 4.77
CA ALA C 581 32.93 -12.43 5.84
C ALA C 581 33.28 -13.06 7.18
N VAL C 582 33.51 -12.23 8.18
CA VAL C 582 34.09 -12.67 9.45
C VAL C 582 33.09 -12.44 10.56
N HIS C 583 32.94 -13.44 11.43
CA HIS C 583 32.00 -13.43 12.53
C HIS C 583 32.74 -13.41 13.87
N TYR C 584 31.95 -13.41 14.94
CA TYR C 584 32.45 -13.49 16.31
C TYR C 584 33.44 -14.63 16.48
N GLY C 585 34.53 -14.36 17.20
CA GLY C 585 35.57 -15.36 17.37
C GLY C 585 36.45 -15.58 16.16
N GLY C 586 36.32 -14.76 15.12
CA GLY C 586 37.14 -14.90 13.92
C GLY C 586 36.66 -15.92 12.93
N TRP C 587 35.57 -16.63 13.22
CA TRP C 587 35.08 -17.66 12.32
C TRP C 587 34.55 -17.05 11.03
N GLU C 588 34.75 -17.77 9.93
CA GLU C 588 34.24 -17.32 8.65
C GLU C 588 32.74 -17.63 8.53
N HIS C 589 32.09 -16.93 7.60
CA HIS C 589 30.68 -17.18 7.36
C HIS C 589 30.46 -18.59 6.84
N ARG C 590 31.42 -19.13 6.08
CA ARG C 590 31.32 -20.49 5.58
C ARG C 590 31.28 -21.50 6.73
N ASP C 591 31.85 -21.15 7.89
CA ASP C 591 31.87 -22.06 9.04
C ASP C 591 30.53 -22.14 9.74
N ILE C 592 29.76 -21.05 9.72
CA ILE C 592 28.61 -20.88 10.59
C ILE C 592 27.30 -20.77 9.84
N HIS C 593 27.32 -20.80 8.50
CA HIS C 593 26.20 -20.29 7.70
C HIS C 593 24.86 -20.87 8.14
N ASN C 594 24.78 -22.17 8.32
CA ASN C 594 23.48 -22.81 8.50
C ASN C 594 22.89 -22.65 9.90
N ILE C 595 23.60 -22.02 10.84
CA ILE C 595 23.02 -21.69 12.14
C ILE C 595 22.76 -20.20 12.30
N TYR C 596 23.03 -19.39 11.28
CA TYR C 596 22.78 -17.95 11.39
C TYR C 596 21.29 -17.67 11.57
N GLY C 597 20.44 -18.32 10.78
CA GLY C 597 19.01 -18.13 10.94
C GLY C 597 18.50 -18.60 12.29
N LEU C 598 19.01 -19.74 12.76
CA LEU C 598 18.62 -20.26 14.06
C LEU C 598 18.87 -19.23 15.16
N TYR C 599 20.03 -18.57 15.12
CA TYR C 599 20.35 -17.57 16.12
C TYR C 599 19.38 -16.39 16.06
N VAL C 600 18.91 -16.03 14.86
CA VAL C 600 17.90 -14.98 14.75
C VAL C 600 16.59 -15.44 15.37
N HIS C 601 16.15 -16.65 15.03
CA HIS C 601 14.97 -17.22 15.66
C HIS C 601 15.12 -17.27 17.18
N MET C 602 16.29 -17.72 17.65
CA MET C 602 16.52 -17.86 19.08
C MET C 602 16.51 -16.52 19.79
N ALA C 603 17.22 -15.53 19.23
CA ALA C 603 17.29 -14.22 19.88
C ALA C 603 15.93 -13.53 19.92
N THR C 604 15.13 -13.68 18.87
CA THR C 604 13.81 -13.06 18.85
C THR C 604 12.87 -13.68 19.88
N ALA C 605 12.83 -15.02 19.93
CA ALA C 605 11.97 -15.71 20.90
C ALA C 605 12.35 -15.34 22.33
N ASP C 606 13.66 -15.32 22.64
CA ASP C 606 14.09 -14.91 23.97
CA ASP C 606 14.08 -14.90 23.97
C ASP C 606 13.69 -13.47 24.26
N GLY C 607 13.59 -12.62 23.22
CA GLY C 607 13.17 -11.25 23.44
C GLY C 607 11.71 -11.15 23.84
N LEU C 608 10.85 -11.96 23.22
CA LEU C 608 9.44 -11.95 23.60
C LEU C 608 9.22 -12.55 24.98
N ILE C 609 10.13 -13.39 25.45
CA ILE C 609 10.00 -13.93 26.80
C ILE C 609 10.38 -12.88 27.84
N GLN C 610 11.48 -12.15 27.59
CA GLN C 610 12.00 -11.23 28.58
C GLN C 610 11.16 -9.95 28.69
N ARG C 611 10.54 -9.49 27.60
CA ARG C 611 9.72 -8.29 27.69
C ARG C 611 8.57 -8.47 28.69
N SER C 612 8.16 -9.70 28.95
CA SER C 612 7.12 -10.02 29.91
C SER C 612 7.66 -10.39 31.28
N GLY C 613 8.98 -10.32 31.47
CA GLY C 613 9.56 -10.78 32.71
C GLY C 613 9.69 -12.27 32.84
N GLY C 614 9.74 -13.00 31.72
CA GLY C 614 9.92 -14.44 31.75
C GLY C 614 8.66 -15.25 31.88
N ILE C 615 7.49 -14.65 31.71
CA ILE C 615 6.21 -15.30 31.97
C ILE C 615 5.55 -15.80 30.68
N GLU C 616 5.46 -14.94 29.67
CA GLU C 616 4.71 -15.25 28.45
C GLU C 616 5.51 -16.14 27.51
N ARG C 617 4.84 -17.14 26.92
CA ARG C 617 5.47 -17.95 25.89
C ARG C 617 5.58 -17.17 24.58
N PRO C 618 6.63 -17.40 23.81
CA PRO C 618 6.80 -16.65 22.56
C PRO C 618 6.04 -17.27 21.41
N PHE C 619 5.87 -16.47 20.35
CA PHE C 619 5.59 -16.99 19.02
C PHE C 619 6.45 -16.25 18.01
N VAL C 620 7.33 -16.99 17.33
CA VAL C 620 8.17 -16.44 16.27
C VAL C 620 8.13 -17.40 15.09
N LEU C 621 7.81 -16.88 13.92
CA LEU C 621 7.96 -17.62 12.67
C LEU C 621 9.32 -17.30 12.07
N SER C 622 9.98 -18.31 11.54
CA SER C 622 11.31 -18.17 10.95
C SER C 622 11.35 -18.85 9.60
N ARG C 623 12.10 -18.27 8.67
CA ARG C 623 12.22 -18.91 7.35
C ARG C 623 13.42 -19.85 7.30
N ALA C 624 14.58 -19.40 7.79
CA ALA C 624 15.76 -20.25 7.89
C ALA C 624 15.81 -20.95 9.25
N PHE C 625 16.42 -22.13 9.28
CA PHE C 625 16.43 -22.93 10.49
C PHE C 625 17.53 -23.98 10.41
N PHE C 626 17.76 -24.65 11.53
CA PHE C 626 18.78 -25.68 11.66
C PHE C 626 18.29 -26.70 12.68
N SER C 627 19.10 -27.72 12.92
CA SER C 627 18.85 -28.62 14.05
C SER C 627 18.72 -27.81 15.34
N GLY C 628 17.63 -28.04 16.06
CA GLY C 628 17.36 -27.30 17.28
C GLY C 628 16.40 -26.14 17.11
N SER C 629 16.07 -25.76 15.87
CA SER C 629 15.17 -24.64 15.64
C SER C 629 13.76 -24.90 16.18
N GLN C 630 13.39 -26.17 16.38
CA GLN C 630 12.09 -26.49 16.96
C GLN C 630 11.91 -25.88 18.34
N ARG C 631 13.00 -25.58 19.05
CA ARG C 631 12.91 -25.02 20.39
C ARG C 631 12.45 -23.57 20.41
N PHE C 632 12.35 -22.90 19.27
CA PHE C 632 12.12 -21.46 19.24
C PHE C 632 10.86 -21.03 18.49
N GLY C 633 10.09 -21.96 17.92
CA GLY C 633 8.82 -21.59 17.33
C GLY C 633 8.44 -22.30 16.05
N ALA C 634 7.98 -21.55 15.06
CA ALA C 634 7.45 -22.14 13.84
C ALA C 634 8.33 -21.81 12.64
N VAL C 635 8.17 -22.60 11.58
CA VAL C 635 8.77 -22.34 10.29
C VAL C 635 7.72 -22.60 9.21
N TRP C 636 7.98 -22.09 8.01
CA TRP C 636 7.12 -22.36 6.87
C TRP C 636 7.98 -22.50 5.62
N THR C 637 7.38 -23.04 4.56
CA THR C 637 8.12 -23.46 3.38
C THR C 637 8.43 -22.30 2.42
N GLY C 638 8.41 -21.06 2.89
CA GLY C 638 8.87 -19.98 2.05
C GLY C 638 7.91 -19.63 0.93
N ASP C 639 8.49 -19.22 -0.20
CA ASP C 639 7.74 -18.64 -1.30
C ASP C 639 7.29 -19.74 -2.26
N ASN C 640 6.13 -20.32 -1.96
CA ASN C 640 5.50 -21.28 -2.86
C ASN C 640 4.63 -20.55 -3.89
N THR C 641 3.94 -21.32 -4.72
CA THR C 641 3.22 -20.77 -5.86
C THR C 641 1.77 -21.27 -5.87
N ALA C 642 0.85 -20.40 -6.27
CA ALA C 642 -0.56 -20.75 -6.33
C ALA C 642 -0.85 -21.77 -7.43
N GLU C 643 -0.29 -22.96 -7.31
CA GLU C 643 -0.52 -24.04 -8.26
C GLU C 643 -0.83 -25.32 -7.51
N TRP C 644 -1.53 -26.24 -8.20
CA TRP C 644 -1.99 -27.47 -7.56
C TRP C 644 -0.84 -28.35 -7.12
N ASP C 645 0.27 -28.36 -7.86
CA ASP C 645 1.40 -29.18 -7.44
CA ASP C 645 1.41 -29.17 -7.46
C ASP C 645 2.10 -28.61 -6.20
N HIS C 646 2.00 -27.29 -5.99
CA HIS C 646 2.52 -26.73 -4.74
C HIS C 646 1.61 -27.06 -3.58
N LEU C 647 0.31 -27.23 -3.82
CA LEU C 647 -0.60 -27.71 -2.79
C LEU C 647 -0.21 -29.11 -2.35
N LYS C 648 0.02 -30.02 -3.31
CA LYS C 648 0.37 -31.40 -3.00
C LYS C 648 1.67 -31.50 -2.21
N ILE C 649 2.69 -30.73 -2.60
CA ILE C 649 4.02 -30.87 -2.02
C ILE C 649 4.11 -30.32 -0.60
N SER C 650 3.07 -29.65 -0.11
CA SER C 650 3.11 -29.18 1.27
C SER C 650 3.18 -30.32 2.27
N ILE C 651 2.58 -31.46 1.95
CA ILE C 651 2.57 -32.62 2.84
C ILE C 651 3.97 -33.22 2.95
N PRO C 652 4.64 -33.60 1.85
CA PRO C 652 5.99 -34.18 2.01
C PRO C 652 7.00 -33.20 2.58
N MET C 653 6.84 -31.90 2.34
CA MET C 653 7.80 -30.95 2.87
C MET C 653 7.66 -30.80 4.38
N CYS C 654 6.43 -30.64 4.87
CA CYS C 654 6.23 -30.53 6.31
C CYS C 654 6.41 -31.86 7.02
N LEU C 655 6.15 -32.98 6.32
CA LEU C 655 6.42 -34.29 6.93
C LEU C 655 7.91 -34.52 7.11
N SER C 656 8.73 -34.09 6.15
CA SER C 656 10.17 -34.22 6.30
C SER C 656 10.70 -33.36 7.43
N LEU C 657 10.05 -32.22 7.68
CA LEU C 657 10.44 -31.40 8.82
C LEU C 657 9.99 -32.03 10.13
N ALA C 658 8.82 -32.66 10.13
CA ALA C 658 8.31 -33.32 11.33
C ALA C 658 9.25 -34.45 11.78
N LEU C 659 9.80 -35.19 10.82
CA LEU C 659 10.64 -36.35 11.13
C LEU C 659 11.96 -35.94 11.79
N VAL C 660 12.37 -34.69 11.68
CA VAL C 660 13.61 -34.22 12.26
C VAL C 660 13.37 -33.19 13.37
N GLY C 661 12.18 -33.20 13.98
CA GLY C 661 11.91 -32.46 15.19
C GLY C 661 11.07 -31.20 15.01
N LEU C 662 10.94 -30.70 13.78
CA LEU C 662 10.25 -29.43 13.54
C LEU C 662 8.78 -29.72 13.26
N SER C 663 7.98 -29.76 14.32
CA SER C 663 6.55 -30.07 14.22
C SER C 663 5.69 -28.88 13.83
N PHE C 664 6.18 -27.66 14.01
CA PHE C 664 5.38 -26.46 13.79
C PHE C 664 5.63 -25.93 12.37
N CYS C 665 5.17 -26.71 11.40
CA CYS C 665 5.43 -26.44 9.98
C CYS C 665 4.14 -26.12 9.25
N GLY C 666 4.27 -25.36 8.17
CA GLY C 666 3.14 -25.04 7.32
C GLY C 666 3.61 -24.48 5.99
N ALA C 667 2.63 -24.23 5.11
CA ALA C 667 2.87 -23.59 3.83
C ALA C 667 1.84 -22.50 3.61
N ASP C 668 2.22 -21.47 2.85
CA ASP C 668 1.34 -20.35 2.56
C ASP C 668 0.03 -20.85 1.95
N VAL C 669 -1.08 -20.56 2.63
CA VAL C 669 -2.39 -21.02 2.15
C VAL C 669 -2.79 -20.19 0.95
N GLY C 670 -3.04 -20.85 -0.18
CA GLY C 670 -3.30 -20.19 -1.43
C GLY C 670 -2.08 -19.96 -2.31
N GLY C 671 -0.88 -20.14 -1.78
CA GLY C 671 0.32 -19.87 -2.55
C GLY C 671 0.76 -18.42 -2.45
N PHE C 672 2.06 -18.20 -2.32
CA PHE C 672 2.59 -16.84 -2.24
C PHE C 672 2.49 -16.13 -3.59
N PHE C 673 3.08 -16.74 -4.63
CA PHE C 673 3.06 -16.15 -5.96
C PHE C 673 1.73 -16.42 -6.68
N LYS C 674 1.32 -15.45 -7.48
CA LYS C 674 0.20 -15.59 -8.43
C LYS C 674 -1.16 -15.65 -7.74
N ASN C 675 -2.24 -15.68 -8.53
CA ASN C 675 -3.60 -15.62 -8.02
C ASN C 675 -4.27 -16.98 -8.19
N PRO C 676 -4.66 -17.65 -7.11
CA PRO C 676 -5.25 -18.99 -7.25
C PRO C 676 -6.70 -18.91 -7.68
N GLU C 677 -7.11 -19.91 -8.47
CA GLU C 677 -8.51 -20.08 -8.79
C GLU C 677 -9.31 -20.36 -7.52
N PRO C 678 -10.58 -19.99 -7.48
CA PRO C 678 -11.35 -20.16 -6.23
C PRO C 678 -11.35 -21.57 -5.69
N GLU C 679 -11.45 -22.58 -6.57
CA GLU C 679 -11.45 -23.97 -6.12
C GLU C 679 -10.13 -24.35 -5.46
N LEU C 680 -9.02 -23.85 -6.01
CA LEU C 680 -7.71 -24.13 -5.41
C LEU C 680 -7.58 -23.48 -4.04
N LEU C 681 -8.10 -22.26 -3.89
CA LEU C 681 -8.03 -21.60 -2.59
C LEU C 681 -8.83 -22.38 -1.55
N VAL C 682 -9.98 -22.93 -1.94
CA VAL C 682 -10.75 -23.77 -1.03
C VAL C 682 -9.96 -25.01 -0.65
N ARG C 683 -9.41 -25.71 -1.64
CA ARG C 683 -8.64 -26.91 -1.34
C ARG C 683 -7.41 -26.59 -0.49
N TRP C 684 -6.87 -25.38 -0.60
CA TRP C 684 -5.71 -25.04 0.21
C TRP C 684 -6.10 -24.73 1.64
N TYR C 685 -7.26 -24.09 1.83
CA TYR C 685 -7.77 -23.87 3.19
C TYR C 685 -8.08 -25.19 3.88
N GLN C 686 -8.62 -26.16 3.15
CA GLN C 686 -8.88 -27.46 3.75
C GLN C 686 -7.59 -28.18 4.11
N MET C 687 -6.60 -28.13 3.20
CA MET C 687 -5.28 -28.69 3.49
C MET C 687 -4.64 -27.98 4.69
N GLY C 688 -4.58 -26.65 4.65
CA GLY C 688 -3.94 -25.91 5.72
C GLY C 688 -4.62 -26.09 7.06
N ALA C 689 -5.94 -26.28 7.06
CA ALA C 689 -6.66 -26.46 8.31
C ALA C 689 -6.20 -27.69 9.08
N TYR C 690 -5.63 -28.68 8.38
CA TYR C 690 -5.13 -29.88 9.02
C TYR C 690 -3.61 -29.96 8.99
N GLN C 691 -2.94 -28.83 8.87
CA GLN C 691 -1.50 -28.75 9.02
C GLN C 691 -1.16 -27.86 10.22
N PRO C 692 0.01 -28.05 10.83
CA PRO C 692 0.31 -27.36 12.10
C PRO C 692 0.24 -25.84 12.04
N PHE C 693 1.05 -25.22 11.20
CA PHE C 693 1.05 -23.75 11.08
C PHE C 693 0.11 -23.35 9.95
N PHE C 694 -0.92 -22.57 10.28
CA PHE C 694 -2.07 -22.33 9.41
C PHE C 694 -2.12 -20.83 9.09
N ARG C 695 -1.51 -20.43 7.96
CA ARG C 695 -1.42 -19.03 7.59
C ARG C 695 -1.68 -18.86 6.09
N ALA C 696 -2.56 -17.93 5.76
CA ALA C 696 -2.74 -17.50 4.37
C ALA C 696 -1.85 -16.28 4.12
N HIS C 697 -1.11 -16.31 3.01
CA HIS C 697 -0.19 -15.22 2.70
C HIS C 697 -0.16 -15.03 1.18
N ALA C 698 0.28 -13.86 0.75
CA ALA C 698 0.12 -13.48 -0.65
C ALA C 698 1.14 -12.41 -1.05
N HIS C 699 1.53 -12.46 -2.33
CA HIS C 699 2.51 -11.53 -2.88
C HIS C 699 1.93 -10.12 -3.02
N LEU C 700 2.85 -9.15 -3.08
CA LEU C 700 2.48 -7.74 -3.13
C LEU C 700 1.51 -7.43 -4.27
N ASP C 701 1.70 -8.07 -5.42
CA ASP C 701 0.93 -7.75 -6.62
C ASP C 701 -0.26 -8.68 -6.86
N THR C 702 -0.52 -9.63 -5.96
CA THR C 702 -1.69 -10.49 -6.11
C THR C 702 -2.94 -9.75 -5.67
N GLY C 703 -4.08 -10.21 -6.19
CA GLY C 703 -5.35 -9.69 -5.73
C GLY C 703 -5.65 -10.12 -4.31
N ARG C 704 -6.42 -9.29 -3.62
CA ARG C 704 -6.87 -9.61 -2.27
C ARG C 704 -7.66 -10.92 -2.29
N ARG C 705 -7.33 -11.81 -1.36
CA ARG C 705 -8.04 -13.07 -1.24
C ARG C 705 -8.40 -13.37 0.20
N GLU C 706 -8.81 -12.35 0.95
CA GLU C 706 -9.48 -12.59 2.22
C GLU C 706 -10.68 -13.50 1.98
N PRO C 707 -10.97 -14.44 2.90
CA PRO C 707 -11.88 -15.55 2.56
C PRO C 707 -13.32 -15.14 2.26
N TRP C 708 -13.75 -13.95 2.67
CA TRP C 708 -15.12 -13.51 2.40
C TRP C 708 -15.25 -12.80 1.06
N LEU C 709 -14.17 -12.69 0.27
CA LEU C 709 -14.22 -12.04 -1.03
C LEU C 709 -14.61 -12.99 -2.16
N LEU C 710 -14.78 -14.28 -1.87
CA LEU C 710 -15.15 -15.26 -2.88
C LEU C 710 -16.66 -15.46 -2.90
N ALA C 711 -17.13 -16.15 -3.94
CA ALA C 711 -18.55 -16.44 -4.06
C ALA C 711 -19.02 -17.32 -2.89
N SER C 712 -20.31 -17.21 -2.59
CA SER C 712 -20.86 -17.79 -1.36
C SER C 712 -20.55 -19.29 -1.24
N GLN C 713 -20.52 -20.01 -2.35
CA GLN C 713 -20.23 -21.43 -2.29
C GLN C 713 -18.81 -21.68 -1.81
N TYR C 714 -17.86 -20.84 -2.22
CA TYR C 714 -16.49 -20.98 -1.76
C TYR C 714 -16.31 -20.46 -0.33
N GLN C 715 -17.05 -19.42 0.05
CA GLN C 715 -17.01 -18.95 1.44
C GLN C 715 -17.43 -20.05 2.40
N ASP C 716 -18.49 -20.79 2.06
CA ASP C 716 -19.03 -21.81 2.96
C ASP C 716 -18.05 -22.97 3.14
N ALA C 717 -17.42 -23.42 2.05
CA ALA C 717 -16.45 -24.49 2.18
C ALA C 717 -15.23 -24.04 2.99
N ILE C 718 -14.85 -22.77 2.87
CA ILE C 718 -13.73 -22.26 3.66
C ILE C 718 -14.13 -22.03 5.11
N ARG C 719 -15.34 -21.52 5.35
CA ARG C 719 -15.81 -21.38 6.73
C ARG C 719 -15.89 -22.74 7.41
N ASP C 720 -16.45 -23.74 6.72
CA ASP C 720 -16.47 -25.10 7.23
C ASP C 720 -15.08 -25.56 7.65
N ALA C 721 -14.08 -25.30 6.80
CA ALA C 721 -12.71 -25.71 7.09
C ALA C 721 -12.16 -24.98 8.32
N LEU C 722 -12.47 -23.69 8.45
CA LEU C 722 -12.01 -22.94 9.61
C LEU C 722 -12.66 -23.45 10.89
N PHE C 723 -13.95 -23.80 10.83
CA PHE C 723 -14.63 -24.36 11.99
C PHE C 723 -14.02 -25.69 12.43
N GLN C 724 -13.66 -26.55 11.48
CA GLN C 724 -13.06 -27.83 11.85
C GLN C 724 -11.74 -27.63 12.59
N ARG C 725 -10.91 -26.69 12.12
CA ARG C 725 -9.64 -26.43 12.79
C ARG C 725 -9.87 -25.95 14.22
N TYR C 726 -10.75 -24.98 14.39
CA TYR C 726 -10.98 -24.40 15.71
C TYR C 726 -11.62 -25.41 16.66
N SER C 727 -12.53 -26.24 16.16
CA SER C 727 -13.09 -27.30 16.99
C SER C 727 -12.02 -28.25 17.48
N LEU C 728 -10.97 -28.47 16.69
CA LEU C 728 -9.93 -29.42 17.04
C LEU C 728 -8.77 -28.80 17.81
N LEU C 729 -8.89 -27.54 18.23
CA LEU C 729 -7.80 -26.90 18.97
C LEU C 729 -7.39 -27.68 20.22
N PRO C 730 -8.30 -28.22 21.06
CA PRO C 730 -7.83 -29.02 22.19
C PRO C 730 -7.01 -30.22 21.77
N PHE C 731 -7.34 -30.81 20.63
CA PHE C 731 -6.57 -31.93 20.10
C PHE C 731 -5.19 -31.49 19.62
N TRP C 732 -5.12 -30.39 18.87
CA TRP C 732 -3.82 -29.87 18.44
C TRP C 732 -2.95 -29.51 19.64
N TYR C 733 -3.54 -28.81 20.61
CA TYR C 733 -2.80 -28.40 21.80
C TYR C 733 -2.22 -29.59 22.54
N THR C 734 -2.97 -30.69 22.63
CA THR C 734 -2.47 -31.88 23.31
C THR C 734 -1.33 -32.52 22.52
N LEU C 735 -1.46 -32.59 21.19
CA LEU C 735 -0.38 -33.14 20.37
C LEU C 735 0.90 -32.34 20.52
N PHE C 736 0.79 -31.01 20.60
CA PHE C 736 1.99 -30.21 20.76
C PHE C 736 2.55 -30.32 22.17
N TYR C 737 1.69 -30.53 23.17
CA TYR C 737 2.22 -30.81 24.50
C TYR C 737 2.97 -32.14 24.52
N GLN C 738 2.46 -33.14 23.80
CA GLN C 738 3.18 -34.41 23.69
C GLN C 738 4.50 -34.22 22.92
N ALA C 739 4.47 -33.39 21.87
CA ALA C 739 5.71 -33.07 21.17
C ALA C 739 6.68 -32.33 22.10
N HIS C 740 6.17 -31.47 22.97
CA HIS C 740 7.02 -30.69 23.86
C HIS C 740 7.66 -31.55 24.95
N LYS C 741 6.96 -32.56 25.45
CA LYS C 741 7.48 -33.39 26.53
C LYS C 741 8.26 -34.59 26.04
N GLU C 742 7.88 -35.19 24.90
CA GLU C 742 8.48 -36.44 24.45
C GLU C 742 9.33 -36.31 23.20
N GLY C 743 9.08 -35.30 22.35
CA GLY C 743 9.78 -35.21 21.08
C GLY C 743 9.13 -35.94 19.93
N PHE C 744 7.84 -36.27 20.04
CA PHE C 744 7.11 -36.98 18.99
C PHE C 744 6.49 -35.99 18.01
N PRO C 745 6.61 -36.21 16.72
CA PRO C 745 6.06 -35.25 15.76
C PRO C 745 4.55 -35.19 15.80
N VAL C 746 4.01 -34.00 15.51
CA VAL C 746 2.56 -33.82 15.45
C VAL C 746 2.00 -34.40 14.15
N MET C 747 2.51 -33.92 13.03
CA MET C 747 2.14 -34.43 11.71
C MET C 747 3.03 -35.61 11.36
N ARG C 748 2.43 -36.74 10.98
CA ARG C 748 3.20 -37.96 10.88
C ARG C 748 2.98 -38.69 9.56
N PRO C 749 4.04 -39.25 8.98
CA PRO C 749 3.85 -40.18 7.86
C PRO C 749 3.11 -41.43 8.33
N LEU C 750 2.44 -42.09 7.38
CA LEU C 750 1.70 -43.30 7.73
C LEU C 750 2.64 -44.41 8.18
N TRP C 751 3.89 -44.43 7.70
CA TRP C 751 4.79 -45.51 8.10
C TRP C 751 5.27 -45.35 9.54
N VAL C 752 5.20 -44.14 10.10
CA VAL C 752 5.58 -43.97 11.51
C VAL C 752 4.57 -44.67 12.40
N GLN C 753 3.32 -44.73 11.98
CA GLN C 753 2.28 -45.42 12.75
CA GLN C 753 2.28 -45.42 12.75
C GLN C 753 2.13 -46.88 12.34
N TYR C 754 2.47 -47.22 11.10
CA TYR C 754 2.42 -48.58 10.60
C TYR C 754 3.78 -48.94 10.03
N PRO C 755 4.77 -49.18 10.90
CA PRO C 755 6.16 -49.39 10.43
C PRO C 755 6.36 -50.70 9.68
N GLU C 756 5.39 -51.62 9.71
CA GLU C 756 5.53 -52.91 9.06
C GLU C 756 4.69 -53.02 7.78
N ASP C 757 3.96 -51.97 7.40
CA ASP C 757 3.16 -51.97 6.17
C ASP C 757 3.99 -51.26 5.10
N MET C 758 4.73 -52.06 4.31
CA MET C 758 5.65 -51.51 3.33
C MET C 758 4.95 -50.76 2.21
N SER C 759 3.63 -50.89 2.08
CA SER C 759 2.88 -50.10 1.12
C SER C 759 2.68 -48.65 1.57
N THR C 760 3.08 -48.30 2.79
CA THR C 760 3.00 -46.93 3.30
C THR C 760 4.33 -46.20 3.28
N PHE C 761 5.42 -46.89 2.91
CA PHE C 761 6.76 -46.33 3.08
C PHE C 761 7.01 -45.08 2.23
N SER C 762 6.25 -44.88 1.15
CA SER C 762 6.46 -43.75 0.26
C SER C 762 5.24 -42.84 0.13
N ILE C 763 4.18 -43.09 0.89
CA ILE C 763 2.96 -42.32 0.74
C ILE C 763 3.20 -40.88 1.19
N GLU C 764 2.73 -39.93 0.38
CA GLU C 764 2.90 -38.52 0.71
C GLU C 764 1.72 -37.64 0.31
N ASP C 765 0.62 -38.22 -0.18
CA ASP C 765 -0.63 -37.49 -0.35
C ASP C 765 -1.57 -37.73 0.82
N GLN C 766 -1.05 -38.27 1.92
CA GLN C 766 -1.82 -38.71 3.07
C GLN C 766 -0.93 -38.58 4.30
N PHE C 767 -1.52 -38.22 5.42
CA PHE C 767 -0.76 -38.09 6.64
C PHE C 767 -1.68 -38.27 7.83
N MET C 768 -1.08 -38.43 8.99
CA MET C 768 -1.82 -38.61 10.24
C MET C 768 -1.42 -37.54 11.24
N LEU C 769 -2.36 -37.25 12.15
CA LEU C 769 -2.15 -36.35 13.27
C LEU C 769 -2.19 -37.18 14.54
N GLY C 770 -1.04 -37.31 15.21
CA GLY C 770 -0.95 -38.28 16.28
C GLY C 770 -1.24 -39.66 15.75
N ASP C 771 -1.93 -40.47 16.55
CA ASP C 771 -2.38 -41.79 16.12
C ASP C 771 -3.88 -41.82 15.84
N ALA C 772 -4.56 -40.67 15.88
CA ALA C 772 -6.01 -40.65 15.91
C ALA C 772 -6.65 -40.25 14.58
N LEU C 773 -6.07 -39.30 13.85
CA LEU C 773 -6.71 -38.75 12.65
C LEU C 773 -5.84 -39.00 11.43
N LEU C 774 -6.44 -39.61 10.41
CA LEU C 774 -5.83 -39.82 9.10
C LEU C 774 -6.47 -38.85 8.12
N ILE C 775 -5.65 -38.03 7.47
CA ILE C 775 -6.12 -36.95 6.60
C ILE C 775 -5.69 -37.23 5.17
N HIS C 776 -6.63 -37.05 4.23
CA HIS C 776 -6.34 -37.15 2.80
C HIS C 776 -7.04 -36.01 2.09
N PRO C 777 -6.46 -34.80 2.12
CA PRO C 777 -7.12 -33.64 1.51
C PRO C 777 -7.23 -33.79 0.01
N VAL C 778 -8.29 -33.21 -0.55
CA VAL C 778 -8.45 -33.20 -1.99
C VAL C 778 -7.48 -32.20 -2.61
N SER C 779 -6.67 -32.67 -3.55
CA SER C 779 -5.61 -31.87 -4.15
C SER C 779 -5.64 -31.98 -5.66
N ASP C 780 -6.82 -32.08 -6.26
CA ASP C 780 -6.95 -32.11 -7.70
C ASP C 780 -8.18 -31.33 -8.13
N ALA C 781 -8.02 -30.48 -9.14
CA ALA C 781 -9.14 -29.69 -9.64
C ALA C 781 -10.23 -30.57 -10.21
N GLY C 782 -11.47 -30.28 -9.84
CA GLY C 782 -12.61 -30.99 -10.39
C GLY C 782 -12.71 -32.45 -10.00
N ALA C 783 -11.98 -32.88 -8.97
CA ALA C 783 -12.01 -34.28 -8.56
C ALA C 783 -13.38 -34.66 -8.04
N HIS C 784 -13.78 -35.89 -8.32
CA HIS C 784 -15.05 -36.43 -7.84
C HIS C 784 -14.86 -37.53 -6.81
N GLY C 785 -13.63 -37.89 -6.51
CA GLY C 785 -13.36 -38.88 -5.49
C GLY C 785 -11.87 -38.95 -5.22
N VAL C 786 -11.54 -39.56 -4.08
CA VAL C 786 -10.14 -39.81 -3.73
C VAL C 786 -10.01 -41.27 -3.33
N GLN C 787 -8.82 -41.82 -3.57
CA GLN C 787 -8.48 -43.15 -3.12
C GLN C 787 -7.75 -43.04 -1.79
N VAL C 788 -8.44 -43.40 -0.71
CA VAL C 788 -7.90 -43.29 0.64
C VAL C 788 -7.43 -44.67 1.08
N TYR C 789 -6.14 -44.79 1.37
CA TYR C 789 -5.59 -46.03 1.92
C TYR C 789 -5.77 -46.00 3.43
N LEU C 790 -6.67 -46.85 3.93
CA LEU C 790 -6.92 -47.01 5.35
C LEU C 790 -6.16 -48.23 5.84
N PRO C 791 -4.99 -48.06 6.45
CA PRO C 791 -4.15 -49.23 6.75
C PRO C 791 -4.48 -49.90 8.08
N GLY C 792 -3.76 -50.97 8.39
CA GLY C 792 -3.85 -51.62 9.68
C GLY C 792 -4.71 -52.86 9.76
N GLN C 793 -4.08 -54.00 10.09
CA GLN C 793 -4.84 -55.18 10.46
C GLN C 793 -5.38 -54.99 11.88
N GLU C 794 -6.57 -55.52 12.13
CA GLU C 794 -7.28 -55.34 13.39
C GLU C 794 -7.66 -53.88 13.62
N GLU C 795 -7.56 -53.06 12.58
CA GLU C 795 -7.82 -51.63 12.68
C GLU C 795 -9.15 -51.30 12.01
N VAL C 796 -9.90 -50.39 12.62
CA VAL C 796 -11.12 -49.86 12.04
C VAL C 796 -10.98 -48.34 11.95
N TRP C 797 -11.69 -47.76 10.98
CA TRP C 797 -11.63 -46.32 10.74
C TRP C 797 -13.05 -45.78 10.60
N TYR C 798 -13.27 -44.60 11.18
CA TYR C 798 -14.57 -43.95 11.14
C TYR C 798 -14.45 -42.68 10.30
N ASP C 799 -15.25 -42.61 9.24
CA ASP C 799 -15.47 -41.37 8.50
C ASP C 799 -16.10 -40.35 9.43
N ILE C 800 -15.39 -39.26 9.75
CA ILE C 800 -15.88 -38.34 10.78
C ILE C 800 -17.08 -37.52 10.34
N GLN C 801 -17.42 -37.53 9.05
CA GLN C 801 -18.61 -36.80 8.60
C GLN C 801 -19.86 -37.65 8.63
N SER C 802 -19.75 -38.91 8.20
CA SER C 802 -20.88 -39.82 8.12
C SER C 802 -20.90 -40.84 9.26
N TYR C 803 -19.80 -40.99 9.99
CA TYR C 803 -19.63 -41.98 11.06
C TYR C 803 -19.60 -43.39 10.51
N GLN C 804 -19.48 -43.55 9.20
CA GLN C 804 -19.40 -44.87 8.59
C GLN C 804 -18.08 -45.55 8.96
N LYS C 805 -18.15 -46.84 9.23
CA LYS C 805 -17.02 -47.64 9.67
C LYS C 805 -16.34 -48.31 8.48
N HIS C 806 -15.02 -48.28 8.46
CA HIS C 806 -14.28 -48.93 7.39
C HIS C 806 -13.20 -49.84 7.94
N HIS C 807 -13.11 -51.01 7.31
CA HIS C 807 -12.27 -52.10 7.73
C HIS C 807 -10.90 -52.02 7.05
N GLY C 808 -9.83 -52.07 7.84
CA GLY C 808 -8.50 -52.01 7.30
C GLY C 808 -7.81 -53.36 7.23
N PRO C 809 -6.80 -53.49 6.35
CA PRO C 809 -6.40 -52.43 5.42
C PRO C 809 -7.17 -52.49 4.11
N GLN C 810 -7.36 -51.34 3.47
CA GLN C 810 -8.06 -51.29 2.20
C GLN C 810 -7.77 -49.95 1.56
N THR C 811 -7.99 -49.89 0.25
CA THR C 811 -7.95 -48.64 -0.49
C THR C 811 -9.38 -48.26 -0.81
N LEU C 812 -9.85 -47.20 -0.16
CA LEU C 812 -11.23 -46.77 -0.22
C LEU C 812 -11.37 -45.67 -1.26
N TYR C 813 -12.28 -45.87 -2.20
CA TYR C 813 -12.69 -44.80 -3.10
C TYR C 813 -13.80 -44.02 -2.41
N LEU C 814 -13.51 -42.76 -2.08
CA LEU C 814 -14.43 -41.92 -1.34
C LEU C 814 -14.87 -40.75 -2.23
N PRO C 815 -16.14 -40.65 -2.58
CA PRO C 815 -16.61 -39.49 -3.33
C PRO C 815 -16.48 -38.22 -2.50
N VAL C 816 -16.16 -37.12 -3.19
CA VAL C 816 -15.95 -35.83 -2.54
C VAL C 816 -16.71 -34.76 -3.31
N THR C 817 -17.09 -33.71 -2.59
CA THR C 817 -17.61 -32.47 -3.16
C THR C 817 -16.64 -31.34 -2.82
N LEU C 818 -17.06 -30.10 -3.09
CA LEU C 818 -16.18 -28.96 -2.82
C LEU C 818 -15.94 -28.77 -1.33
N SER C 819 -16.89 -29.18 -0.48
CA SER C 819 -16.78 -29.01 0.96
C SER C 819 -16.24 -30.25 1.67
N SER C 820 -15.75 -31.24 0.92
CA SER C 820 -15.29 -32.48 1.51
C SER C 820 -13.83 -32.37 1.95
N ILE C 821 -13.57 -32.75 3.19
CA ILE C 821 -12.22 -32.96 3.71
C ILE C 821 -12.15 -34.38 4.25
N PRO C 822 -11.59 -35.32 3.47
CA PRO C 822 -11.54 -36.72 3.93
C PRO C 822 -10.70 -36.92 5.18
N VAL C 823 -11.37 -37.12 6.32
CA VAL C 823 -10.72 -37.31 7.61
C VAL C 823 -11.32 -38.56 8.25
N PHE C 824 -10.45 -39.42 8.79
CA PHE C 824 -10.86 -40.66 9.43
C PHE C 824 -10.26 -40.72 10.82
N GLN C 825 -11.07 -41.16 11.78
CA GLN C 825 -10.60 -41.35 13.15
C GLN C 825 -10.30 -42.82 13.39
N ARG C 826 -9.13 -43.09 13.97
CA ARG C 826 -8.74 -44.47 14.22
C ARG C 826 -9.54 -45.05 15.39
N GLY C 827 -9.98 -46.29 15.23
CA GLY C 827 -10.60 -46.98 16.34
C GLY C 827 -9.62 -47.13 17.49
N GLY C 828 -10.12 -46.95 18.70
CA GLY C 828 -9.28 -47.00 19.88
C GLY C 828 -8.69 -45.68 20.32
N THR C 829 -9.19 -44.55 19.82
CA THR C 829 -8.70 -43.25 20.22
C THR C 829 -9.86 -42.39 20.71
N ILE C 830 -9.51 -41.37 21.50
CA ILE C 830 -10.47 -40.40 22.01
C ILE C 830 -9.95 -39.01 21.66
N VAL C 831 -10.75 -38.26 20.90
CA VAL C 831 -10.36 -36.96 20.36
C VAL C 831 -11.23 -35.89 21.01
N PRO C 832 -10.64 -34.90 21.69
CA PRO C 832 -11.43 -33.83 22.30
C PRO C 832 -11.61 -32.62 21.39
N ARG C 833 -12.80 -32.03 21.44
CA ARG C 833 -13.13 -30.90 20.58
C ARG C 833 -13.86 -29.82 21.35
N TRP C 834 -13.74 -28.59 20.85
CA TRP C 834 -14.55 -27.45 21.26
C TRP C 834 -15.60 -27.23 20.16
N MET C 835 -16.81 -27.73 20.38
CA MET C 835 -17.84 -27.63 19.35
C MET C 835 -18.56 -26.27 19.34
N ARG C 836 -18.18 -25.35 20.22
CA ARG C 836 -18.73 -23.99 20.22
C ARG C 836 -17.67 -23.07 19.59
N VAL C 837 -17.72 -22.95 18.26
CA VAL C 837 -16.75 -22.13 17.54
C VAL C 837 -17.07 -20.66 17.78
N ARG C 838 -16.10 -19.93 18.30
CA ARG C 838 -16.20 -18.48 18.48
C ARG C 838 -15.23 -17.78 17.54
N ARG C 839 -15.07 -16.47 17.74
CA ARG C 839 -14.31 -15.68 16.78
C ARG C 839 -12.80 -15.87 16.91
N SER C 840 -12.31 -16.33 18.05
CA SER C 840 -10.88 -16.58 18.23
C SER C 840 -10.70 -17.59 19.37
N SER C 841 -9.49 -18.15 19.43
CA SER C 841 -9.20 -19.18 20.43
C SER C 841 -9.27 -18.62 21.85
N ASP C 842 -8.86 -17.37 22.05
CA ASP C 842 -8.99 -16.74 23.37
C ASP C 842 -10.43 -16.78 23.86
N CYS C 843 -11.39 -16.57 22.95
CA CYS C 843 -12.79 -16.59 23.34
C CYS C 843 -13.25 -17.98 23.75
N MET C 844 -12.54 -19.03 23.32
CA MET C 844 -12.99 -20.40 23.48
C MET C 844 -12.32 -21.13 24.62
N LYS C 845 -11.25 -20.59 25.19
CA LYS C 845 -10.37 -21.43 26.00
C LYS C 845 -10.93 -21.76 27.38
N ASP C 846 -12.16 -21.33 27.70
CA ASP C 846 -12.83 -21.77 28.93
C ASP C 846 -14.12 -22.52 28.64
N ASP C 847 -14.32 -22.96 27.39
CA ASP C 847 -15.54 -23.59 26.91
C ASP C 847 -15.55 -25.09 27.17
N PRO C 848 -16.73 -25.70 27.22
CA PRO C 848 -16.81 -27.14 27.51
C PRO C 848 -16.32 -27.99 26.34
N ILE C 849 -15.90 -29.20 26.68
CA ILE C 849 -15.30 -30.15 25.74
C ILE C 849 -16.34 -31.19 25.34
N THR C 850 -16.33 -31.56 24.06
CA THR C 850 -17.04 -32.74 23.57
C THR C 850 -16.02 -33.82 23.25
N LEU C 851 -16.25 -35.04 23.76
CA LEU C 851 -15.34 -36.15 23.60
C LEU C 851 -15.85 -37.09 22.52
N PHE C 852 -15.01 -37.35 21.53
CA PHE C 852 -15.34 -38.24 20.42
C PHE C 852 -14.61 -39.57 20.63
N VAL C 853 -15.37 -40.61 20.94
CA VAL C 853 -14.82 -41.92 21.28
C VAL C 853 -15.02 -42.85 20.10
N ALA C 854 -13.92 -43.30 19.49
CA ALA C 854 -13.93 -44.25 18.37
C ALA C 854 -13.46 -45.60 18.88
N LEU C 855 -14.39 -46.54 18.99
CA LEU C 855 -14.10 -47.82 19.61
C LEU C 855 -13.30 -48.74 18.69
N SER C 856 -12.28 -49.38 19.25
CA SER C 856 -11.54 -50.43 18.57
C SER C 856 -12.41 -51.66 18.42
N PRO C 857 -11.97 -52.66 17.63
CA PRO C 857 -12.78 -53.90 17.55
C PRO C 857 -12.93 -54.61 18.88
N GLN C 858 -11.99 -54.45 19.81
CA GLN C 858 -12.15 -54.96 21.16
C GLN C 858 -13.01 -54.06 22.06
N GLY C 859 -13.58 -52.99 21.51
CA GLY C 859 -14.41 -52.12 22.32
C GLY C 859 -13.64 -51.23 23.28
N THR C 860 -12.41 -50.86 22.93
CA THR C 860 -11.58 -50.02 23.79
C THR C 860 -11.23 -48.73 23.08
N ALA C 861 -10.83 -47.73 23.87
CA ALA C 861 -10.32 -46.48 23.34
C ALA C 861 -9.57 -45.74 24.45
N GLN C 862 -8.67 -44.85 24.04
CA GLN C 862 -7.94 -44.03 24.99
C GLN C 862 -7.46 -42.76 24.31
N GLY C 863 -7.21 -41.73 25.12
CA GLY C 863 -6.70 -40.46 24.62
C GLY C 863 -6.32 -39.57 25.79
N GLU C 864 -5.69 -38.45 25.46
CA GLU C 864 -5.26 -37.49 26.48
C GLU C 864 -5.79 -36.10 26.15
N LEU C 865 -5.70 -35.21 27.14
CA LEU C 865 -6.10 -33.82 26.97
C LEU C 865 -5.24 -32.95 27.89
N PHE C 866 -4.54 -31.99 27.30
CA PHE C 866 -3.71 -31.06 28.04
C PHE C 866 -4.36 -29.68 28.05
N LEU C 867 -4.35 -29.04 29.21
CA LEU C 867 -4.96 -27.73 29.40
C LEU C 867 -4.05 -26.90 30.29
N ASP C 868 -4.03 -25.59 30.05
CA ASP C 868 -3.35 -24.64 30.92
C ASP C 868 -3.99 -23.27 30.68
N ASP C 869 -3.27 -22.19 31.04
CA ASP C 869 -3.81 -20.86 30.77
C ASP C 869 -3.69 -20.46 29.30
N GLY C 870 -2.88 -21.19 28.52
CA GLY C 870 -2.83 -21.03 27.09
C GLY C 870 -1.71 -20.16 26.57
N HIS C 871 -0.93 -19.51 27.45
CA HIS C 871 0.04 -18.54 26.96
C HIS C 871 1.25 -18.33 27.86
N THR C 872 1.25 -18.87 29.08
CA THR C 872 2.36 -18.64 30.00
C THR C 872 3.17 -19.92 30.20
N PHE C 873 4.28 -19.76 30.92
CA PHE C 873 5.10 -20.89 31.38
C PHE C 873 4.67 -21.42 32.74
N ASN C 874 3.51 -20.99 33.24
CA ASN C 874 3.06 -21.43 34.56
C ASN C 874 2.92 -22.95 34.63
N TYR C 875 2.65 -23.60 33.49
CA TYR C 875 2.60 -25.05 33.48
C TYR C 875 3.93 -25.66 33.89
N GLN C 876 5.03 -24.97 33.61
CA GLN C 876 6.37 -25.45 33.92
C GLN C 876 6.92 -24.87 35.21
N THR C 877 6.62 -23.61 35.51
CA THR C 877 7.13 -22.99 36.72
C THR C 877 6.25 -23.20 37.94
N ARG C 878 4.94 -23.43 37.72
CA ARG C 878 4.00 -23.58 38.81
C ARG C 878 3.18 -24.86 38.72
N HIS C 879 3.41 -25.70 37.70
CA HIS C 879 2.64 -26.92 37.49
C HIS C 879 1.15 -26.62 37.43
N GLU C 880 0.80 -25.51 36.79
CA GLU C 880 -0.59 -25.09 36.64
C GLU C 880 -1.07 -25.54 35.26
N PHE C 881 -1.66 -26.74 35.23
CA PHE C 881 -2.12 -27.37 34.01
C PHE C 881 -2.94 -28.60 34.39
N LEU C 882 -3.59 -29.20 33.41
CA LEU C 882 -4.21 -30.51 33.57
C LEU C 882 -3.76 -31.40 32.42
N LEU C 883 -3.38 -32.63 32.74
CA LEU C 883 -3.18 -33.68 31.74
C LEU C 883 -4.13 -34.82 32.10
N ARG C 884 -5.21 -34.94 31.36
CA ARG C 884 -6.23 -35.94 31.62
C ARG C 884 -6.02 -37.15 30.72
N ARG C 885 -6.32 -38.33 31.25
CA ARG C 885 -6.42 -39.54 30.44
C ARG C 885 -7.88 -39.96 30.39
N PHE C 886 -8.38 -40.18 29.19
CA PHE C 886 -9.70 -40.75 28.98
C PHE C 886 -9.50 -42.16 28.44
N SER C 887 -10.22 -43.12 29.02
CA SER C 887 -10.06 -44.51 28.63
C SER C 887 -11.43 -45.18 28.62
N PHE C 888 -11.68 -45.96 27.59
CA PHE C 888 -12.93 -46.68 27.44
C PHE C 888 -12.63 -48.16 27.30
N SER C 889 -13.40 -48.98 28.01
CA SER C 889 -13.32 -50.43 27.90
C SER C 889 -14.60 -50.98 28.50
N GLY C 890 -15.01 -52.14 28.00
CA GLY C 890 -16.29 -52.69 28.43
C GLY C 890 -17.40 -51.75 28.01
N SER C 891 -18.09 -51.18 28.99
CA SER C 891 -19.14 -50.21 28.74
C SER C 891 -18.95 -48.96 29.59
N THR C 892 -17.71 -48.61 29.90
CA THR C 892 -17.41 -47.53 30.83
C THR C 892 -16.38 -46.57 30.25
N LEU C 893 -16.65 -45.28 30.38
CA LEU C 893 -15.70 -44.24 30.02
C LEU C 893 -15.18 -43.63 31.31
N VAL C 894 -13.86 -43.57 31.47
CA VAL C 894 -13.23 -43.15 32.70
C VAL C 894 -12.27 -42.00 32.42
N SER C 895 -12.37 -40.93 33.20
CA SER C 895 -11.42 -39.84 33.18
C SER C 895 -10.57 -39.94 34.45
N SER C 896 -9.25 -40.01 34.27
CA SER C 896 -8.33 -40.00 35.39
C SER C 896 -7.19 -39.03 35.06
N SER C 897 -6.31 -38.85 36.03
CA SER C 897 -5.15 -37.98 35.85
C SER C 897 -4.02 -38.75 35.18
N ALA C 898 -3.49 -38.18 34.09
CA ALA C 898 -2.28 -38.71 33.46
C ALA C 898 -1.01 -38.13 34.07
N ASP C 899 -1.13 -37.09 34.89
CA ASP C 899 -0.01 -36.50 35.64
C ASP C 899 -0.53 -35.79 36.87
N PRO C 900 -0.34 -36.37 38.07
CA PRO C 900 -0.94 -35.80 39.27
C PRO C 900 -0.31 -34.49 39.72
N LYS C 901 0.91 -34.17 39.29
CA LYS C 901 1.52 -32.91 39.72
C LYS C 901 0.82 -31.70 39.13
N GLY C 902 -0.01 -31.87 38.10
CA GLY C 902 -0.69 -30.75 37.48
C GLY C 902 -2.07 -30.44 38.02
N HIS C 903 -2.24 -29.21 38.49
CA HIS C 903 -3.55 -28.72 38.93
C HIS C 903 -3.82 -27.38 38.25
N LEU C 904 -5.10 -27.13 37.96
CA LEU C 904 -5.49 -25.94 37.22
C LEU C 904 -6.87 -25.51 37.67
N GLU C 905 -7.03 -24.22 37.93
CA GLU C 905 -8.36 -23.65 38.13
C GLU C 905 -8.96 -23.32 36.77
N THR C 906 -10.03 -24.02 36.41
CA THR C 906 -10.64 -23.87 35.10
C THR C 906 -12.14 -24.16 35.16
N PRO C 907 -12.95 -23.42 34.41
CA PRO C 907 -14.38 -23.75 34.30
C PRO C 907 -14.72 -24.75 33.19
N ILE C 908 -13.73 -25.37 32.56
CA ILE C 908 -14.00 -26.29 31.47
C ILE C 908 -14.70 -27.52 32.00
N TRP C 909 -15.76 -27.94 31.31
CA TRP C 909 -16.53 -29.12 31.72
C TRP C 909 -16.81 -29.98 30.49
N ILE C 910 -17.31 -31.18 30.72
CA ILE C 910 -17.63 -32.10 29.63
C ILE C 910 -19.10 -31.94 29.30
N GLU C 911 -19.38 -31.36 28.13
CA GLU C 911 -20.76 -31.10 27.75
C GLU C 911 -21.37 -32.18 26.88
N ARG C 912 -20.57 -33.12 26.37
CA ARG C 912 -21.12 -34.09 25.43
C ARG C 912 -20.10 -35.20 25.23
N VAL C 913 -20.59 -36.41 24.99
CA VAL C 913 -19.75 -37.55 24.62
C VAL C 913 -20.36 -38.21 23.39
N VAL C 914 -19.56 -38.40 22.34
CA VAL C 914 -19.98 -39.06 21.12
C VAL C 914 -19.18 -40.35 20.99
N ILE C 915 -19.87 -41.48 20.93
CA ILE C 915 -19.24 -42.79 20.93
C ILE C 915 -19.57 -43.47 19.60
N MET C 916 -18.54 -43.77 18.82
CA MET C 916 -18.68 -44.42 17.53
C MET C 916 -18.47 -45.93 17.65
N GLY C 917 -19.42 -46.70 17.14
CA GLY C 917 -19.33 -48.14 17.18
C GLY C 917 -19.91 -48.78 18.40
N ALA C 918 -20.84 -48.11 19.09
CA ALA C 918 -21.43 -48.61 20.32
C ALA C 918 -22.89 -48.98 20.09
N GLY C 919 -23.37 -49.94 20.89
CA GLY C 919 -24.78 -50.27 20.88
C GLY C 919 -25.60 -49.39 21.77
N LYS C 920 -26.92 -49.51 21.65
CA LYS C 920 -27.83 -48.72 22.46
C LYS C 920 -27.91 -49.28 23.87
N PRO C 921 -27.57 -48.51 24.89
CA PRO C 921 -27.67 -49.01 26.27
C PRO C 921 -29.10 -48.89 26.80
N ALA C 922 -29.32 -49.52 27.94
CA ALA C 922 -30.59 -49.35 28.63
C ALA C 922 -30.61 -48.06 29.44
N ALA C 923 -29.48 -47.69 30.02
CA ALA C 923 -29.36 -46.47 30.80
C ALA C 923 -27.90 -46.05 30.85
N VAL C 924 -27.69 -44.77 31.08
CA VAL C 924 -26.35 -44.19 31.17
C VAL C 924 -26.22 -43.51 32.51
N VAL C 925 -25.14 -43.83 33.22
CA VAL C 925 -24.93 -43.42 34.61
C VAL C 925 -23.58 -42.73 34.72
N LEU C 926 -23.56 -41.53 35.30
CA LEU C 926 -22.32 -40.81 35.53
C LEU C 926 -21.99 -40.83 37.01
N GLN C 927 -20.73 -41.16 37.32
CA GLN C 927 -20.19 -41.14 38.67
C GLN C 927 -18.99 -40.23 38.69
N THR C 928 -18.89 -39.38 39.72
CA THR C 928 -17.72 -38.52 39.88
C THR C 928 -17.55 -38.20 41.35
N LYS C 929 -16.28 -38.03 41.76
CA LYS C 929 -16.00 -37.80 43.17
C LYS C 929 -16.62 -36.49 43.62
N GLY C 930 -17.25 -36.53 44.81
CA GLY C 930 -17.92 -35.38 45.36
C GLY C 930 -19.37 -35.22 44.97
N SER C 931 -19.90 -36.11 44.13
CA SER C 931 -21.25 -35.91 43.60
C SER C 931 -22.06 -37.19 43.68
N PRO C 932 -23.38 -37.08 43.82
CA PRO C 932 -24.23 -38.26 43.76
C PRO C 932 -24.28 -38.82 42.35
N GLU C 933 -24.60 -40.12 42.27
CA GLU C 933 -24.75 -40.77 40.98
C GLU C 933 -25.83 -40.08 40.16
N SER C 934 -25.54 -39.86 38.88
CA SER C 934 -26.41 -39.12 37.99
C SER C 934 -26.83 -39.97 36.80
N ARG C 935 -28.02 -39.70 36.29
CA ARG C 935 -28.54 -40.33 35.08
C ARG C 935 -28.51 -39.33 33.94
N LEU C 936 -27.93 -39.74 32.81
CA LEU C 936 -27.80 -38.91 31.62
C LEU C 936 -28.75 -39.40 30.55
N SER C 937 -29.41 -38.47 29.84
CA SER C 937 -30.16 -38.88 28.68
C SER C 937 -29.23 -39.05 27.48
N PHE C 938 -29.71 -39.77 26.48
CA PHE C 938 -28.86 -40.12 25.35
C PHE C 938 -29.69 -40.30 24.10
N GLN C 939 -29.01 -40.31 22.96
CA GLN C 939 -29.60 -40.60 21.68
C GLN C 939 -28.70 -41.59 20.95
N HIS C 940 -29.31 -42.46 20.15
CA HIS C 940 -28.57 -43.54 19.51
C HIS C 940 -29.09 -43.75 18.10
N ASP C 941 -28.16 -43.82 17.15
CA ASP C 941 -28.49 -44.08 15.76
C ASP C 941 -28.19 -45.55 15.48
N PRO C 942 -29.19 -46.39 15.24
CA PRO C 942 -28.90 -47.82 15.01
C PRO C 942 -28.17 -48.08 13.72
N GLU C 943 -28.30 -47.19 12.73
CA GLU C 943 -27.69 -47.42 11.43
C GLU C 943 -26.18 -47.20 11.47
N THR C 944 -25.72 -46.18 12.20
CA THR C 944 -24.31 -45.83 12.27
C THR C 944 -23.63 -46.30 13.55
N SER C 945 -24.37 -46.86 14.50
CA SER C 945 -23.85 -47.29 15.79
C SER C 945 -23.13 -46.14 16.50
N VAL C 946 -23.78 -44.98 16.52
CA VAL C 946 -23.26 -43.79 17.18
C VAL C 946 -24.12 -43.49 18.40
N LEU C 947 -23.47 -43.26 19.53
CA LEU C 947 -24.15 -42.96 20.79
C LEU C 947 -23.73 -41.57 21.25
N ILE C 948 -24.71 -40.68 21.41
CA ILE C 948 -24.47 -39.32 21.89
C ILE C 948 -25.01 -39.22 23.32
N LEU C 949 -24.13 -38.97 24.27
CA LEU C 949 -24.50 -38.79 25.67
C LEU C 949 -24.71 -37.31 25.95
N ARG C 950 -25.91 -36.97 26.43
CA ARG C 950 -26.26 -35.57 26.65
C ARG C 950 -25.65 -35.05 27.96
N LYS C 951 -24.98 -33.90 27.87
CA LYS C 951 -24.55 -33.04 28.96
C LYS C 951 -24.11 -33.81 30.21
N PRO C 952 -22.94 -34.44 30.20
CA PRO C 952 -22.41 -34.96 31.48
C PRO C 952 -22.29 -33.89 32.54
N GLY C 953 -21.80 -32.71 32.18
CA GLY C 953 -21.80 -31.59 33.10
C GLY C 953 -20.75 -31.62 34.17
N VAL C 954 -19.71 -32.44 34.01
CA VAL C 954 -18.71 -32.64 35.05
C VAL C 954 -17.48 -31.81 34.72
N SER C 955 -16.85 -31.26 35.76
CA SER C 955 -15.62 -30.51 35.60
C SER C 955 -14.53 -31.37 34.98
N VAL C 956 -13.72 -30.77 34.10
CA VAL C 956 -12.64 -31.50 33.45
C VAL C 956 -11.51 -31.83 34.42
N ALA C 957 -11.46 -31.16 35.57
CA ALA C 957 -10.45 -31.45 36.58
C ALA C 957 -10.84 -32.60 37.51
N SER C 958 -12.06 -33.09 37.43
CA SER C 958 -12.54 -34.15 38.32
C SER C 958 -12.37 -35.52 37.66
N ASP C 959 -12.00 -36.50 38.47
CA ASP C 959 -12.16 -37.89 38.04
C ASP C 959 -13.64 -38.22 37.91
N TRP C 960 -13.98 -39.00 36.90
CA TRP C 960 -15.37 -39.40 36.72
C TRP C 960 -15.42 -40.65 35.86
N SER C 961 -16.60 -41.28 35.85
CA SER C 961 -16.82 -42.48 35.07
C SER C 961 -18.26 -42.47 34.58
N ILE C 962 -18.45 -42.88 33.32
CA ILE C 962 -19.75 -42.98 32.69
C ILE C 962 -19.98 -44.44 32.33
N HIS C 963 -21.07 -45.02 32.83
CA HIS C 963 -21.36 -46.44 32.63
CA HIS C 963 -21.37 -46.44 32.65
C HIS C 963 -22.59 -46.60 31.75
N LEU C 964 -22.46 -47.42 30.71
CA LEU C 964 -23.57 -47.78 29.83
C LEU C 964 -24.16 -49.09 30.34
N ARG C 965 -25.35 -49.02 30.92
CA ARG C 965 -26.00 -50.21 31.47
C ARG C 965 -26.85 -50.92 30.41
N GLU D 50 -46.23 -27.13 38.23
CA GLU D 50 -47.20 -27.97 37.54
C GLU D 50 -47.37 -27.53 36.10
N SER D 51 -46.41 -26.75 35.61
CA SER D 51 -46.53 -26.12 34.30
C SER D 51 -46.14 -27.08 33.19
N LYS D 52 -46.37 -26.64 31.96
CA LYS D 52 -46.12 -27.36 30.73
C LYS D 52 -44.64 -27.41 30.39
N PRO D 53 -44.20 -28.44 29.68
CA PRO D 53 -42.80 -28.48 29.23
C PRO D 53 -42.60 -27.60 28.01
N PHE D 54 -41.33 -27.28 27.76
CA PHE D 54 -41.00 -26.44 26.62
C PHE D 54 -40.93 -27.27 25.35
N THR D 55 -41.41 -26.69 24.25
CA THR D 55 -41.36 -27.31 22.94
C THR D 55 -40.58 -26.39 22.00
N CYS D 56 -39.65 -26.98 21.26
CA CYS D 56 -38.86 -26.23 20.29
C CYS D 56 -39.76 -25.61 19.24
N LEU D 57 -39.37 -24.44 18.75
CA LEU D 57 -40.15 -23.75 17.73
C LEU D 57 -40.19 -24.51 16.41
N ASP D 58 -39.26 -25.45 16.19
CA ASP D 58 -39.32 -26.35 15.05
C ASP D 58 -39.95 -27.69 15.39
N GLY D 59 -40.40 -27.90 16.62
CA GLY D 59 -41.08 -29.12 16.99
C GLY D 59 -40.20 -30.35 17.07
N THR D 60 -38.88 -30.19 17.00
CA THR D 60 -37.99 -31.34 16.95
C THR D 60 -38.04 -32.16 18.24
N ALA D 61 -38.35 -31.52 19.36
CA ALA D 61 -38.38 -32.22 20.64
C ALA D 61 -39.30 -31.47 21.59
N THR D 62 -39.48 -32.05 22.78
CA THR D 62 -40.17 -31.42 23.89
C THR D 62 -39.31 -31.63 25.13
N ILE D 63 -39.02 -30.56 25.85
CA ILE D 63 -38.12 -30.66 27.00
C ILE D 63 -38.74 -29.91 28.17
N PRO D 64 -38.43 -30.28 29.41
CA PRO D 64 -38.86 -29.48 30.56
C PRO D 64 -38.16 -28.14 30.57
N PHE D 65 -38.81 -27.14 31.19
CA PHE D 65 -38.25 -25.81 31.21
C PHE D 65 -36.95 -25.71 32.00
N ASP D 66 -36.52 -26.78 32.69
CA ASP D 66 -35.20 -26.77 33.29
C ASP D 66 -34.09 -27.00 32.26
N GLN D 67 -34.44 -27.42 31.05
CA GLN D 67 -33.50 -27.52 29.94
C GLN D 67 -33.60 -26.31 29.00
N VAL D 68 -34.23 -25.24 29.45
CA VAL D 68 -34.20 -23.94 28.77
C VAL D 68 -33.14 -23.09 29.46
N ASN D 69 -32.19 -22.58 28.68
CA ASN D 69 -31.05 -21.82 29.20
C ASN D 69 -30.25 -22.64 30.22
N ASP D 70 -30.14 -23.95 29.96
CA ASP D 70 -29.34 -24.82 30.81
C ASP D 70 -27.93 -25.06 30.25
N ASP D 71 -27.53 -24.27 29.24
CA ASP D 71 -26.17 -24.28 28.69
C ASP D 71 -25.83 -25.58 27.96
N TYR D 72 -26.84 -26.21 27.36
CA TYR D 72 -26.66 -27.33 26.45
C TYR D 72 -27.75 -27.23 25.39
N CYS D 73 -27.37 -27.37 24.12
CA CYS D 73 -28.31 -27.15 23.03
C CYS D 73 -29.17 -28.38 22.81
N ASP D 74 -30.48 -28.25 23.03
CA ASP D 74 -31.41 -29.35 22.83
C ASP D 74 -32.33 -29.19 21.62
N CYS D 75 -32.47 -27.97 21.10
CA CYS D 75 -33.37 -27.72 19.98
C CYS D 75 -32.56 -27.50 18.71
N LYS D 76 -33.03 -28.12 17.62
CA LYS D 76 -32.34 -28.00 16.34
C LYS D 76 -32.32 -26.57 15.82
N ASP D 77 -33.28 -25.75 16.23
CA ASP D 77 -33.30 -24.33 15.86
C ASP D 77 -32.61 -23.45 16.88
N GLY D 78 -32.11 -24.02 17.98
CA GLY D 78 -31.48 -23.25 19.03
C GLY D 78 -32.42 -22.47 19.92
N SER D 79 -33.73 -22.69 19.79
CA SER D 79 -34.71 -21.88 20.50
C SER D 79 -34.72 -22.12 22.01
N ASP D 80 -34.04 -23.15 22.50
CA ASP D 80 -34.04 -23.44 23.93
C ASP D 80 -32.94 -22.72 24.70
N GLU D 81 -32.02 -22.03 24.01
CA GLU D 81 -30.90 -21.36 24.66
C GLU D 81 -30.77 -19.91 24.19
N PRO D 82 -31.81 -19.09 24.40
CA PRO D 82 -31.71 -17.68 23.97
C PRO D 82 -30.75 -16.85 24.80
N GLY D 83 -30.30 -17.35 25.94
CA GLY D 83 -29.46 -16.55 26.81
C GLY D 83 -28.04 -17.06 27.01
N THR D 84 -27.66 -18.12 26.30
CA THR D 84 -26.35 -18.75 26.47
C THR D 84 -25.65 -18.86 25.12
N ALA D 85 -24.45 -19.46 25.16
CA ALA D 85 -23.66 -19.74 23.97
C ALA D 85 -23.75 -21.21 23.54
N ALA D 86 -24.78 -21.93 24.01
CA ALA D 86 -24.84 -23.37 23.80
C ALA D 86 -25.17 -23.73 22.35
N CYS D 87 -26.00 -22.93 21.68
CA CYS D 87 -26.41 -23.44 20.38
C CYS D 87 -25.61 -22.80 19.25
N PRO D 88 -25.23 -23.59 18.23
CA PRO D 88 -24.45 -23.02 17.13
C PRO D 88 -25.26 -22.13 16.20
N ASN D 89 -26.59 -22.26 16.17
CA ASN D 89 -27.44 -21.46 15.29
C ASN D 89 -28.35 -20.53 16.07
N GLY D 90 -28.06 -20.29 17.34
CA GLY D 90 -28.92 -19.47 18.15
C GLY D 90 -28.62 -17.99 18.02
N SER D 91 -29.49 -17.19 18.65
CA SER D 91 -29.34 -15.75 18.64
C SER D 91 -29.58 -15.21 20.03
N PHE D 92 -28.89 -14.13 20.35
CA PHE D 92 -29.03 -13.43 21.62
C PHE D 92 -29.56 -12.04 21.33
N HIS D 93 -30.62 -11.65 22.03
CA HIS D 93 -31.28 -10.38 21.79
C HIS D 93 -30.72 -9.34 22.74
N CYS D 94 -30.09 -8.30 22.20
CA CYS D 94 -29.69 -7.15 22.99
C CYS D 94 -30.90 -6.25 23.15
N THR D 95 -31.39 -6.11 24.39
CA THR D 95 -32.57 -5.26 24.61
C THR D 95 -32.27 -3.80 24.29
N ASN D 96 -31.06 -3.34 24.59
CA ASN D 96 -30.60 -2.02 24.20
C ASN D 96 -31.62 -0.96 24.62
N THR D 97 -31.83 -0.88 25.93
CA THR D 97 -32.88 -0.04 26.49
C THR D 97 -32.78 1.39 25.98
N GLY D 98 -33.87 1.85 25.37
CA GLY D 98 -33.95 3.20 24.86
C GLY D 98 -33.58 3.36 23.39
N TYR D 99 -32.99 2.34 22.78
CA TYR D 99 -32.43 2.46 21.44
C TYR D 99 -32.80 1.22 20.61
N LYS D 100 -32.08 1.01 19.52
CA LYS D 100 -32.43 -0.07 18.61
C LYS D 100 -32.04 -1.43 19.19
N PRO D 101 -32.93 -2.41 19.18
CA PRO D 101 -32.57 -3.76 19.61
C PRO D 101 -31.86 -4.52 18.50
N LEU D 102 -30.74 -5.14 18.84
CA LEU D 102 -29.94 -5.89 17.89
C LEU D 102 -29.85 -7.34 18.32
N TYR D 103 -29.73 -8.24 17.33
CA TYR D 103 -29.49 -9.65 17.56
C TYR D 103 -28.03 -9.98 17.28
N ILE D 104 -27.47 -10.89 18.07
CA ILE D 104 -26.09 -11.33 17.88
C ILE D 104 -26.08 -12.86 17.88
N LEU D 105 -25.02 -13.42 17.31
CA LEU D 105 -24.84 -14.85 17.33
C LEU D 105 -24.70 -15.34 18.78
N SER D 106 -25.19 -16.56 19.02
CA SER D 106 -25.04 -17.15 20.36
C SER D 106 -23.58 -17.38 20.70
N SER D 107 -22.74 -17.61 19.69
CA SER D 107 -21.31 -17.79 19.90
C SER D 107 -20.62 -16.56 20.49
N ARG D 108 -21.29 -15.41 20.51
CA ARG D 108 -20.72 -14.19 21.06
C ARG D 108 -21.31 -13.83 22.42
N VAL D 109 -22.10 -14.73 23.00
CA VAL D 109 -22.53 -14.57 24.39
C VAL D 109 -21.38 -15.02 25.28
N ASN D 110 -20.92 -14.14 26.16
CA ASN D 110 -19.84 -14.45 27.09
C ASN D 110 -18.56 -14.90 26.37
N ASP D 111 -18.27 -14.29 25.23
CA ASP D 111 -17.01 -14.56 24.54
C ASP D 111 -15.88 -13.65 25.01
N GLY D 112 -16.14 -12.73 25.94
CA GLY D 112 -15.16 -11.75 26.36
C GLY D 112 -15.14 -10.49 25.53
N VAL D 113 -15.98 -10.39 24.50
CA VAL D 113 -16.03 -9.25 23.60
C VAL D 113 -17.35 -8.54 23.80
N CYS D 114 -17.32 -7.21 23.88
CA CYS D 114 -18.54 -6.42 24.07
C CYS D 114 -19.24 -6.25 22.72
N ASP D 115 -20.33 -7.00 22.53
CA ASP D 115 -21.10 -6.95 21.30
C ASP D 115 -22.33 -6.07 21.40
N CYS D 116 -23.14 -6.21 22.46
CA CYS D 116 -24.27 -5.31 22.66
C CYS D 116 -23.79 -4.00 23.25
N CYS D 117 -24.37 -2.89 22.79
CA CYS D 117 -24.02 -1.59 23.35
C CYS D 117 -24.36 -1.51 24.83
N ASP D 118 -25.41 -2.21 25.26
CA ASP D 118 -25.77 -2.21 26.68
C ASP D 118 -24.99 -3.23 27.49
N GLY D 119 -24.13 -4.03 26.85
CA GLY D 119 -23.24 -4.94 27.53
C GLY D 119 -23.87 -6.20 28.07
N THR D 120 -25.15 -6.45 27.79
CA THR D 120 -25.84 -7.61 28.37
C THR D 120 -25.30 -8.93 27.82
N ASP D 121 -24.58 -8.91 26.70
CA ASP D 121 -24.04 -10.15 26.15
C ASP D 121 -22.90 -10.71 26.97
N GLU D 122 -22.30 -9.91 27.85
CA GLU D 122 -21.22 -10.34 28.72
C GLU D 122 -21.70 -10.27 30.17
N TYR D 123 -22.19 -11.40 30.68
CA TYR D 123 -22.62 -11.48 32.07
C TYR D 123 -21.85 -12.48 32.91
N ASN D 124 -20.95 -13.27 32.32
CA ASN D 124 -20.24 -14.30 33.08
C ASN D 124 -18.92 -14.68 32.42
N SER D 125 -18.20 -13.69 31.88
CA SER D 125 -16.95 -13.94 31.18
C SER D 125 -15.73 -13.26 31.80
N GLY D 126 -15.91 -12.38 32.77
CA GLY D 126 -14.83 -11.58 33.30
C GLY D 126 -14.63 -10.25 32.61
N THR D 127 -15.13 -10.09 31.39
CA THR D 127 -15.14 -8.80 30.73
C THR D 127 -16.36 -8.01 31.18
N VAL D 128 -16.13 -6.83 31.74
CA VAL D 128 -17.21 -5.93 32.15
C VAL D 128 -17.40 -4.90 31.05
N CYS D 129 -18.57 -4.91 30.43
CA CYS D 129 -18.86 -4.03 29.30
C CYS D 129 -19.71 -2.85 29.75
N GLU D 130 -19.32 -1.66 29.31
CA GLU D 130 -20.01 -0.42 29.61
C GLU D 130 -21.13 -0.17 28.61
N ASN D 131 -22.11 0.63 29.01
CA ASN D 131 -23.20 1.01 28.12
C ASN D 131 -22.71 2.08 27.15
N THR D 132 -22.83 1.81 25.85
CA THR D 132 -22.38 2.73 24.81
C THR D 132 -23.47 2.95 23.76
N CYS D 133 -24.73 2.82 24.15
CA CYS D 133 -25.82 2.91 23.18
C CYS D 133 -26.04 4.34 22.69
N ARG D 134 -25.64 5.34 23.47
CA ARG D 134 -25.77 6.73 23.05
C ARG D 134 -24.89 7.03 21.85
#